data_6BLJ
#
_entry.id   6BLJ
#
_cell.length_a   168.190
_cell.length_b   168.190
_cell.length_c   111.500
_cell.angle_alpha   90.000
_cell.angle_beta   90.000
_cell.angle_gamma   120.000
#
_symmetry.space_group_name_H-M   'P 31 2 1'
#
loop_
_entity.id
_entity.type
_entity.pdbx_description
1 polymer 'Serine-tRNA ligase'
2 non-polymer 'ADENOSINE MONOPHOSPHATE'
3 non-polymer 1,2-ETHANEDIOL
4 water water
#
_entity_poly.entity_id   1
_entity_poly.type   'polypeptide(L)'
_entity_poly.pdbx_seq_one_letter_code
;MAHHHHHHMLDINLFREYKGGNPEIIRESQRRRFADVTLVDKVIELDEVWRATIGKLNHIKSFTGIISKEVGNRMKNKVP
LGDDLELPKEVTDDVYALFTKEALEQGSLAKLNTNQLKKLSTYITEVHIKNSEEEVKQKEKERDDVLLQIGNIVHETVVV
SDNEDNNGIVRMVGNPRPKVDPETGYKCLKHIDIMRKLGGLATEEGTQVGGGRGYFLLGDLVRMNLALQNYAIDFLAKKG
YMPIYTPFFMTKEQMKKVAQLSQFDEELYTVTGEGEDKYLIATSEQPIAAFHLEKRFDESELPIKYCGMSTCFRKEVGAH
GKDTLGIFRVHQFEKIEQFVVTSPKDNKSWEMFDEMIGNSEAFYQSLGIPYRVVNIVSGALNNAAAKKFDLEAWFPGADE
GNEYRELVSCSNCTDYQTRRLEVKYGKSKKQGSEVEFCHMLNSTLTATSRTLCCIVENYQTPEGVNVPEVLQPYMGGTKF
IKFKN
;
_entity_poly.pdbx_strand_id   A,B,C
#
# COMPACT_ATOMS: atom_id res chain seq x y z
N HIS A 6 18.05 -13.31 34.01
CA HIS A 6 17.82 -14.35 33.02
C HIS A 6 16.48 -14.15 32.33
N HIS A 7 16.50 -14.13 31.00
CA HIS A 7 15.30 -13.96 30.20
C HIS A 7 14.97 -15.26 29.47
N HIS A 8 13.75 -15.74 29.66
CA HIS A 8 13.36 -17.05 29.15
C HIS A 8 13.01 -17.01 27.66
N MET A 9 13.38 -18.08 26.98
CA MET A 9 12.90 -18.38 25.63
C MET A 9 11.58 -19.13 25.75
N LEU A 10 10.68 -18.87 24.80
CA LEU A 10 9.42 -19.57 24.72
C LEU A 10 9.62 -20.87 23.94
N ASP A 11 9.54 -22.00 24.64
CA ASP A 11 9.53 -23.33 24.01
C ASP A 11 8.63 -24.26 24.82
N ILE A 12 8.40 -25.45 24.28
CA ILE A 12 7.41 -26.34 24.89
C ILE A 12 7.84 -26.72 26.31
N ASN A 13 9.15 -26.84 26.55
CA ASN A 13 9.63 -27.23 27.88
C ASN A 13 9.25 -26.21 28.94
N LEU A 14 9.19 -24.92 28.59
CA LEU A 14 8.82 -23.91 29.57
C LEU A 14 7.42 -24.15 30.12
N PHE A 15 6.55 -24.79 29.35
CA PHE A 15 5.19 -25.09 29.78
C PHE A 15 5.12 -26.27 30.76
N ARG A 16 6.18 -27.06 30.91
CA ARG A 16 6.13 -28.35 31.59
C ARG A 16 6.65 -28.24 33.00
N GLU A 17 5.72 -28.15 33.96
CA GLU A 17 6.11 -27.99 35.34
C GLU A 17 6.93 -29.20 35.82
N TYR A 18 6.68 -30.39 35.23
CA TYR A 18 7.39 -31.60 35.63
C TYR A 18 8.81 -31.67 35.08
N LYS A 19 9.15 -30.86 34.09
CA LYS A 19 10.46 -30.96 33.44
C LYS A 19 11.32 -29.74 33.73
N GLY A 20 11.06 -29.06 34.85
CA GLY A 20 11.82 -27.87 35.17
C GLY A 20 11.29 -26.59 34.57
N GLY A 21 10.17 -26.63 33.84
CA GLY A 21 9.61 -25.45 33.23
C GLY A 21 8.91 -24.54 34.24
N ASN A 22 8.22 -23.55 33.69
CA ASN A 22 7.61 -22.52 34.53
C ASN A 22 6.48 -21.85 33.76
N PRO A 23 5.31 -22.49 33.65
CA PRO A 23 4.24 -21.92 32.82
C PRO A 23 3.71 -20.59 33.32
N GLU A 24 3.86 -20.28 34.62
CA GLU A 24 3.38 -19.00 35.12
C GLU A 24 4.13 -17.83 34.49
N ILE A 25 5.39 -18.05 34.10
CA ILE A 25 6.12 -17.02 33.36
C ILE A 25 5.42 -16.69 32.06
N ILE A 26 4.89 -17.72 31.39
CA ILE A 26 4.18 -17.51 30.12
C ILE A 26 2.83 -16.84 30.36
N ARG A 27 2.13 -17.23 31.44
CA ARG A 27 0.87 -16.55 31.77
C ARG A 27 1.13 -15.08 32.06
N GLU A 28 2.17 -14.79 32.84
CA GLU A 28 2.52 -13.41 33.15
CA GLU A 28 2.49 -13.41 33.15
C GLU A 28 2.84 -12.62 31.90
N SER A 29 3.57 -13.24 30.95
CA SER A 29 3.90 -12.56 29.71
C SER A 29 2.63 -12.27 28.90
N GLN A 30 1.69 -13.21 28.90
CA GLN A 30 0.42 -13.00 28.20
C GLN A 30 -0.39 -11.88 28.84
N ARG A 31 -0.38 -11.79 30.18
CA ARG A 31 -1.07 -10.69 30.85
C ARG A 31 -0.44 -9.35 30.52
N ARG A 32 0.90 -9.29 30.53
CA ARG A 32 1.57 -8.04 30.15
C ARG A 32 1.27 -7.66 28.70
N ARG A 33 1.10 -8.65 27.82
CA ARG A 33 0.70 -8.37 26.44
C ARG A 33 -0.77 -8.06 26.31
N PHE A 34 -1.54 -8.20 27.40
CA PHE A 34 -2.99 -8.08 27.34
C PHE A 34 -3.53 -9.00 26.25
N ALA A 35 -3.04 -10.25 26.26
CA ALA A 35 -3.39 -11.25 25.26
C ALA A 35 -4.13 -12.41 25.94
N ASP A 36 -4.33 -13.49 25.19
CA ASP A 36 -5.15 -14.60 25.68
C ASP A 36 -4.31 -15.44 26.63
N VAL A 37 -4.57 -15.31 27.93
CA VAL A 37 -3.83 -16.07 28.94
C VAL A 37 -4.17 -17.56 28.88
N THR A 38 -5.39 -17.91 28.45
CA THR A 38 -5.80 -19.31 28.45
C THR A 38 -5.00 -20.16 27.47
N LEU A 39 -4.30 -19.55 26.53
CA LEU A 39 -3.48 -20.35 25.61
C LEU A 39 -2.46 -21.19 26.35
N VAL A 40 -1.99 -20.70 27.50
CA VAL A 40 -0.96 -21.45 28.24
C VAL A 40 -1.53 -22.77 28.74
N ASP A 41 -2.70 -22.73 29.38
CA ASP A 41 -3.32 -23.97 29.85
C ASP A 41 -3.73 -24.86 28.70
N LYS A 42 -4.16 -24.28 27.58
CA LYS A 42 -4.50 -25.09 26.41
C LYS A 42 -3.29 -25.86 25.89
N VAL A 43 -2.12 -25.20 25.85
CA VAL A 43 -0.90 -25.89 25.41
C VAL A 43 -0.56 -27.01 26.38
N ILE A 44 -0.66 -26.74 27.68
CA ILE A 44 -0.36 -27.76 28.69
C ILE A 44 -1.28 -28.97 28.50
N GLU A 45 -2.58 -28.72 28.36
CA GLU A 45 -3.55 -29.81 28.19
C GLU A 45 -3.25 -30.63 26.94
N LEU A 46 -3.02 -29.95 25.81
CA LEU A 46 -2.71 -30.66 24.56
C LEU A 46 -1.40 -31.41 24.65
N ASP A 47 -0.41 -30.86 25.37
CA ASP A 47 0.86 -31.57 25.53
C ASP A 47 0.65 -32.86 26.33
N GLU A 48 -0.18 -32.80 27.38
CA GLU A 48 -0.45 -34.00 28.18
C GLU A 48 -1.19 -35.05 27.37
N VAL A 49 -2.19 -34.64 26.59
CA VAL A 49 -2.91 -35.60 25.75
C VAL A 49 -1.96 -36.22 24.73
N TRP A 50 -1.07 -35.40 24.16
CA TRP A 50 -0.06 -35.93 23.23
C TRP A 50 0.80 -36.99 23.91
N ARG A 51 1.32 -36.68 25.10
CA ARG A 51 2.17 -37.63 25.82
C ARG A 51 1.38 -38.89 26.20
N ALA A 52 0.12 -38.74 26.58
CA ALA A 52 -0.69 -39.90 26.90
C ALA A 52 -0.92 -40.76 25.65
N THR A 53 -1.09 -40.10 24.50
CA THR A 53 -1.29 -40.82 23.26
C THR A 53 -0.05 -41.64 22.88
N ILE A 54 1.15 -41.12 23.15
CA ILE A 54 2.35 -41.93 22.95
C ILE A 54 2.35 -43.14 23.87
N GLY A 55 1.88 -42.97 25.12
CA GLY A 55 1.80 -44.11 26.01
C GLY A 55 0.88 -45.19 25.49
N LYS A 56 -0.27 -44.80 24.95
CA LYS A 56 -1.19 -45.77 24.37
C LYS A 56 -0.55 -46.48 23.18
N LEU A 57 0.18 -45.73 22.34
CA LEU A 57 0.85 -46.33 21.20
C LEU A 57 1.86 -47.39 21.65
N ASN A 58 2.66 -47.06 22.66
CA ASN A 58 3.62 -48.03 23.18
C ASN A 58 2.93 -49.24 23.79
N HIS A 59 1.75 -49.05 24.40
CA HIS A 59 0.98 -50.18 24.92
C HIS A 59 0.53 -51.09 23.79
N ILE A 60 0.06 -50.51 22.68
CA ILE A 60 -0.37 -51.33 21.55
C ILE A 60 0.82 -52.06 20.94
N LYS A 61 1.96 -51.37 20.83
CA LYS A 61 3.15 -51.98 20.24
C LYS A 61 3.65 -53.18 21.03
N SER A 62 3.41 -53.20 22.35
CA SER A 62 3.84 -54.35 23.14
C SER A 62 3.09 -55.61 22.75
N PHE A 63 1.88 -55.47 22.21
CA PHE A 63 1.10 -56.63 21.76
C PHE A 63 1.84 -57.44 20.71
N THR A 64 2.62 -56.75 19.86
CA THR A 64 3.39 -57.40 18.81
C THR A 64 4.36 -58.41 19.41
N GLY A 65 5.14 -57.97 20.41
CA GLY A 65 6.11 -58.85 21.04
C GLY A 65 5.46 -59.98 21.80
N ILE A 66 4.35 -59.71 22.48
CA ILE A 66 3.64 -60.76 23.21
C ILE A 66 3.20 -61.86 22.26
N ILE A 67 2.76 -61.50 21.05
CA ILE A 67 2.31 -62.51 20.10
C ILE A 67 3.51 -63.29 19.55
N SER A 68 4.57 -62.59 19.15
CA SER A 68 5.69 -63.28 18.52
C SER A 68 6.38 -64.23 19.49
N LYS A 69 6.43 -63.87 20.78
CA LYS A 69 7.02 -64.77 21.76
C LYS A 69 6.19 -66.04 21.91
N GLU A 70 4.86 -65.90 21.93
CA GLU A 70 4.00 -67.08 22.01
C GLU A 70 4.14 -67.94 20.76
N VAL A 71 4.17 -67.30 19.59
CA VAL A 71 4.40 -68.04 18.35
C VAL A 71 5.75 -68.74 18.40
N GLY A 72 6.78 -68.07 18.92
CA GLY A 72 8.09 -68.68 19.01
C GLY A 72 8.12 -69.89 19.92
N ASN A 73 7.44 -69.81 21.06
CA ASN A 73 7.39 -70.95 21.96
C ASN A 73 6.64 -72.13 21.34
N ARG A 74 5.56 -71.83 20.60
CA ARG A 74 4.80 -72.90 19.95
C ARG A 74 5.63 -73.60 18.89
N MET A 75 6.44 -72.84 18.13
CA MET A 75 7.27 -73.48 17.10
C MET A 75 8.34 -74.38 17.72
N LYS A 76 8.95 -73.95 18.83
CA LYS A 76 9.98 -74.76 19.48
C LYS A 76 9.40 -76.06 20.01
N ASN A 77 8.14 -76.02 20.47
CA ASN A 77 7.44 -77.19 20.97
C ASN A 77 6.76 -78.01 19.87
N LYS A 78 6.94 -77.63 18.61
CA LYS A 78 6.37 -78.35 17.46
C LYS A 78 4.84 -78.43 17.53
N VAL A 79 4.21 -77.32 17.93
CA VAL A 79 2.75 -77.26 17.99
C VAL A 79 2.21 -77.09 16.58
N PRO A 80 1.22 -77.91 16.15
CA PRO A 80 0.64 -77.74 14.81
C PRO A 80 0.06 -76.34 14.62
N LEU A 81 0.13 -75.86 13.37
CA LEU A 81 -0.31 -74.49 13.08
C LEU A 81 -1.83 -74.36 13.11
N GLY A 82 -2.55 -75.42 12.77
CA GLY A 82 -3.99 -75.33 12.65
C GLY A 82 -4.42 -74.92 11.27
N ASP A 83 -5.74 -74.88 11.08
CA ASP A 83 -6.28 -74.44 9.79
C ASP A 83 -6.14 -72.93 9.64
N ASP A 84 -6.33 -72.47 8.39
CA ASP A 84 -6.21 -71.07 8.01
C ASP A 84 -7.50 -70.34 8.37
N LEU A 85 -7.76 -70.25 9.67
CA LEU A 85 -9.01 -69.69 10.15
C LEU A 85 -8.94 -68.16 10.23
N GLU A 86 -10.11 -67.53 10.06
CA GLU A 86 -10.22 -66.11 10.31
C GLU A 86 -10.26 -65.83 11.81
N LEU A 87 -9.94 -64.59 12.18
CA LEU A 87 -10.07 -64.16 13.56
C LEU A 87 -11.55 -64.05 13.93
N PRO A 88 -11.96 -64.56 15.10
CA PRO A 88 -13.35 -64.39 15.53
C PRO A 88 -13.70 -62.92 15.68
N LYS A 89 -14.96 -62.60 15.36
CA LYS A 89 -15.46 -61.23 15.50
C LYS A 89 -15.23 -60.69 16.91
N GLU A 90 -15.34 -61.55 17.92
CA GLU A 90 -15.17 -61.11 19.31
C GLU A 90 -13.76 -60.61 19.58
N VAL A 91 -12.76 -61.19 18.90
CA VAL A 91 -11.38 -60.71 19.06
C VAL A 91 -11.22 -59.34 18.39
N THR A 92 -11.58 -59.23 17.11
CA THR A 92 -11.39 -57.96 16.40
C THR A 92 -12.30 -56.86 16.92
N ASP A 93 -13.40 -57.22 17.60
CA ASP A 93 -14.22 -56.19 18.24
C ASP A 93 -13.46 -55.48 19.35
N ASP A 94 -12.50 -56.16 19.99
CA ASP A 94 -11.78 -55.61 21.12
C ASP A 94 -10.48 -56.35 21.39
N VAL A 95 -9.40 -56.01 20.68
CA VAL A 95 -8.16 -56.77 20.87
C VAL A 95 -7.55 -56.49 22.24
N TYR A 96 -7.86 -55.34 22.83
CA TYR A 96 -7.28 -54.99 24.13
C TYR A 96 -7.63 -56.00 25.22
N ALA A 97 -8.82 -56.63 25.13
CA ALA A 97 -9.24 -57.51 26.21
C ALA A 97 -8.38 -58.77 26.30
N LEU A 98 -7.63 -59.10 25.24
CA LEU A 98 -6.82 -60.31 25.25
C LEU A 98 -5.47 -60.12 25.93
N PHE A 99 -5.02 -58.88 26.12
CA PHE A 99 -3.65 -58.63 26.53
C PHE A 99 -3.55 -58.06 27.94
N THR A 100 -4.57 -58.24 28.77
CA THR A 100 -4.42 -57.95 30.19
C THR A 100 -3.67 -59.09 30.85
N LYS A 101 -2.99 -58.79 31.96
CA LYS A 101 -2.26 -59.84 32.67
C LYS A 101 -3.18 -60.99 33.04
N GLU A 102 -4.40 -60.68 33.50
CA GLU A 102 -5.34 -61.73 33.87
C GLU A 102 -5.79 -62.53 32.67
N ALA A 103 -6.08 -61.87 31.54
CA ALA A 103 -6.58 -62.57 30.37
C ALA A 103 -5.53 -63.52 29.81
N LEU A 104 -4.26 -63.08 29.80
CA LEU A 104 -3.20 -63.92 29.27
C LEU A 104 -2.95 -65.14 30.14
N GLU A 105 -2.92 -64.96 31.47
CA GLU A 105 -2.75 -66.10 32.37
C GLU A 105 -3.89 -67.10 32.23
N GLN A 106 -5.11 -66.61 32.02
CA GLN A 106 -6.27 -67.46 31.82
C GLN A 106 -6.36 -68.05 30.41
N GLY A 107 -5.34 -67.82 29.57
CA GLY A 107 -5.25 -68.48 28.28
C GLY A 107 -5.97 -67.78 27.14
N SER A 108 -5.85 -66.46 27.06
CA SER A 108 -6.52 -65.72 25.99
C SER A 108 -5.98 -66.12 24.61
N LEU A 109 -4.65 -66.26 24.49
CA LEU A 109 -4.06 -66.63 23.21
C LEU A 109 -4.19 -68.12 22.91
N ALA A 110 -4.39 -68.95 23.93
CA ALA A 110 -4.54 -70.39 23.70
C ALA A 110 -5.79 -70.71 22.89
N LYS A 111 -6.78 -69.82 22.90
CA LYS A 111 -7.98 -70.01 22.09
C LYS A 111 -7.69 -69.92 20.59
N LEU A 112 -6.60 -69.27 20.20
CA LEU A 112 -6.26 -69.05 18.79
C LEU A 112 -5.13 -69.98 18.37
N ASN A 113 -5.26 -70.57 17.18
CA ASN A 113 -4.16 -71.36 16.64
C ASN A 113 -3.07 -70.41 16.13
N THR A 114 -1.95 -70.97 15.69
CA THR A 114 -0.80 -70.13 15.38
C THR A 114 -1.05 -69.30 14.12
N ASN A 115 -1.77 -69.87 13.13
CA ASN A 115 -2.16 -69.06 11.98
C ASN A 115 -3.00 -67.86 12.40
N GLN A 116 -3.93 -68.06 13.34
CA GLN A 116 -4.74 -66.94 13.81
C GLN A 116 -3.92 -65.93 14.59
N LEU A 117 -2.88 -66.38 15.30
CA LEU A 117 -2.07 -65.43 16.03
C LEU A 117 -1.29 -64.54 15.08
N LYS A 118 -0.88 -65.07 13.93
CA LYS A 118 -0.14 -64.22 13.00
C LYS A 118 -1.08 -63.25 12.31
N LYS A 119 -2.34 -63.66 12.08
CA LYS A 119 -3.32 -62.72 11.53
C LYS A 119 -3.62 -61.60 12.51
N LEU A 120 -3.69 -61.94 13.80
CA LEU A 120 -3.98 -60.95 14.83
C LEU A 120 -2.88 -59.89 14.88
N SER A 121 -1.62 -60.31 14.81
CA SER A 121 -0.51 -59.35 14.84
C SER A 121 -0.58 -58.41 13.64
N THR A 122 -0.88 -58.96 12.45
CA THR A 122 -1.04 -58.13 11.26
C THR A 122 -2.19 -57.16 11.43
N TYR A 123 -3.32 -57.64 11.96
CA TYR A 123 -4.46 -56.78 12.20
C TYR A 123 -4.11 -55.64 13.15
N ILE A 124 -3.44 -55.97 14.27
CA ILE A 124 -3.03 -54.95 15.23
C ILE A 124 -2.15 -53.89 14.58
N THR A 125 -1.20 -54.33 13.74
CA THR A 125 -0.33 -53.37 13.07
C THR A 125 -1.10 -52.50 12.09
N GLU A 126 -1.97 -53.11 11.28
CA GLU A 126 -2.64 -52.37 10.22
C GLU A 126 -3.77 -51.48 10.74
N VAL A 127 -4.47 -51.90 11.79
CA VAL A 127 -5.68 -51.21 12.23
C VAL A 127 -5.41 -50.36 13.48
N HIS A 128 -4.57 -50.83 14.39
CA HIS A 128 -4.42 -50.12 15.66
C HIS A 128 -3.11 -49.31 15.75
N ILE A 129 -1.98 -49.92 15.39
CA ILE A 129 -0.71 -49.21 15.49
C ILE A 129 -0.68 -48.03 14.53
N LYS A 130 -1.08 -48.26 13.26
CA LYS A 130 -1.12 -47.17 12.29
C LYS A 130 -2.08 -46.06 12.74
N ASN A 131 -3.27 -46.44 13.23
CA ASN A 131 -4.23 -45.45 13.69
C ASN A 131 -3.67 -44.60 14.83
N SER A 132 -3.00 -45.25 15.78
CA SER A 132 -2.43 -44.51 16.91
C SER A 132 -1.24 -43.64 16.47
N GLU A 133 -0.42 -44.14 15.54
CA GLU A 133 0.69 -43.33 15.04
C GLU A 133 0.19 -42.05 14.39
N GLU A 134 -0.92 -42.14 13.66
CA GLU A 134 -1.48 -40.91 13.07
C GLU A 134 -2.03 -40.00 14.15
N GLU A 135 -2.65 -40.59 15.18
CA GLU A 135 -3.24 -39.77 16.23
C GLU A 135 -2.16 -39.03 17.02
N VAL A 136 -0.98 -39.66 17.19
CA VAL A 136 0.14 -38.97 17.83
C VAL A 136 0.55 -37.74 17.02
N LYS A 137 0.65 -37.89 15.69
CA LYS A 137 1.05 -36.77 14.84
C LYS A 137 0.03 -35.64 14.86
N GLN A 138 -1.26 -35.97 14.82
CA GLN A 138 -2.28 -34.93 14.85
C GLN A 138 -2.21 -34.15 16.16
N LYS A 139 -2.03 -34.85 17.29
CA LYS A 139 -2.01 -34.17 18.57
C LYS A 139 -0.76 -33.30 18.71
N GLU A 140 0.37 -33.75 18.17
CA GLU A 140 1.58 -32.94 18.22
C GLU A 140 1.40 -31.65 17.43
N LYS A 141 0.84 -31.74 16.22
CA LYS A 141 0.58 -30.54 15.44
C LYS A 141 -0.44 -29.64 16.12
N GLU A 142 -1.45 -30.24 16.76
CA GLU A 142 -2.48 -29.43 17.42
C GLU A 142 -1.89 -28.62 18.56
N ARG A 143 -0.99 -29.24 19.34
CA ARG A 143 -0.27 -28.53 20.38
C ARG A 143 0.61 -27.43 19.81
N ASP A 144 1.40 -27.76 18.78
CA ASP A 144 2.33 -26.80 18.20
C ASP A 144 1.58 -25.62 17.57
N ASP A 145 0.36 -25.85 17.07
CA ASP A 145 -0.41 -24.77 16.47
C ASP A 145 -0.87 -23.75 17.51
N VAL A 146 -1.21 -24.21 18.71
CA VAL A 146 -1.54 -23.27 19.77
C VAL A 146 -0.29 -22.55 20.25
N LEU A 147 0.83 -23.29 20.36
CA LEU A 147 2.07 -22.67 20.80
C LEU A 147 2.49 -21.54 19.86
N LEU A 148 2.25 -21.67 18.56
CA LEU A 148 2.64 -20.62 17.63
C LEU A 148 1.89 -19.32 17.85
N GLN A 149 0.76 -19.34 18.58
CA GLN A 149 -0.04 -18.14 18.80
C GLN A 149 0.39 -17.32 19.99
N ILE A 150 1.26 -17.85 20.83
CA ILE A 150 1.68 -17.16 22.05
C ILE A 150 2.83 -16.24 21.70
N GLY A 151 2.80 -15.02 22.21
CA GLY A 151 3.86 -14.07 21.91
C GLY A 151 5.14 -14.36 22.68
N ASN A 152 6.24 -13.78 22.18
CA ASN A 152 7.53 -13.93 22.83
C ASN A 152 7.46 -13.44 24.27
N ILE A 153 8.30 -14.00 25.14
CA ILE A 153 8.33 -13.60 26.53
C ILE A 153 8.74 -12.12 26.63
N VAL A 154 7.88 -11.31 27.26
CA VAL A 154 8.15 -9.89 27.41
C VAL A 154 9.22 -9.67 28.48
N HIS A 155 10.23 -8.88 28.14
CA HIS A 155 11.35 -8.65 29.05
C HIS A 155 10.91 -7.87 30.29
N GLU A 156 11.60 -8.14 31.41
CA GLU A 156 11.24 -7.55 32.70
C GLU A 156 11.38 -6.01 32.71
N THR A 157 12.22 -5.43 31.86
CA THR A 157 12.38 -3.97 31.86
C THR A 157 11.32 -3.25 31.03
N VAL A 158 10.39 -3.97 30.44
CA VAL A 158 9.34 -3.36 29.61
C VAL A 158 8.25 -2.78 30.51
N VAL A 159 7.83 -1.54 30.22
CA VAL A 159 6.72 -0.94 30.95
C VAL A 159 5.45 -1.73 30.66
N VAL A 160 4.76 -2.14 31.73
CA VAL A 160 3.56 -2.96 31.64
C VAL A 160 2.36 -2.03 31.54
N SER A 161 1.75 -1.98 30.37
CA SER A 161 0.59 -1.13 30.12
C SER A 161 0.04 -1.46 28.76
N ASP A 162 -1.25 -1.17 28.56
CA ASP A 162 -1.90 -1.31 27.26
C ASP A 162 -2.02 0.01 26.51
N ASN A 163 -1.53 1.11 27.09
CA ASN A 163 -1.70 2.44 26.52
C ASN A 163 -0.33 3.05 26.27
N GLU A 164 -0.04 3.39 25.01
CA GLU A 164 1.26 3.98 24.70
C GLU A 164 1.45 5.37 25.29
N ASP A 165 0.40 6.00 25.82
CA ASP A 165 0.62 7.19 26.64
C ASP A 165 1.57 6.90 27.78
N ASN A 166 1.70 5.64 28.18
CA ASN A 166 2.56 5.25 29.28
C ASN A 166 3.92 4.76 28.84
N ASN A 167 4.25 4.89 27.55
CA ASN A 167 5.61 4.60 27.10
C ASN A 167 6.60 5.31 28.01
N GLY A 168 7.60 4.57 28.50
CA GLY A 168 8.55 5.18 29.42
C GLY A 168 9.53 6.08 28.66
N ILE A 169 9.69 7.31 29.14
CA ILE A 169 10.68 8.22 28.59
C ILE A 169 12.02 7.88 29.23
N VAL A 170 12.91 7.24 28.47
CA VAL A 170 14.16 6.73 29.04
C VAL A 170 15.19 7.85 29.18
N ARG A 171 15.33 8.68 28.15
CA ARG A 171 16.27 9.81 28.23
C ARG A 171 15.98 10.77 27.09
N MET A 172 16.46 11.99 27.25
CA MET A 172 16.32 13.02 26.24
C MET A 172 17.69 13.58 25.94
N VAL A 173 17.99 13.72 24.65
CA VAL A 173 19.31 14.12 24.18
C VAL A 173 19.16 15.21 23.13
N GLY A 174 19.82 16.33 23.34
CA GLY A 174 19.89 17.37 22.34
C GLY A 174 19.30 18.67 22.83
N ASN A 175 19.28 19.65 21.92
CA ASN A 175 18.85 21.00 22.22
C ASN A 175 17.74 21.38 21.25
N PRO A 176 16.48 21.05 21.59
CA PRO A 176 15.38 21.33 20.66
C PRO A 176 15.11 22.83 20.55
N ARG A 177 15.16 23.35 19.34
CA ARG A 177 14.88 24.75 19.13
C ARG A 177 13.41 25.03 19.46
N PRO A 178 13.10 26.21 20.01
CA PRO A 178 11.70 26.55 20.30
C PRO A 178 10.89 26.70 19.03
N LYS A 179 9.59 26.43 19.15
CA LYS A 179 8.70 26.57 18.00
C LYS A 179 8.64 28.02 17.55
N VAL A 180 8.71 28.96 18.49
CA VAL A 180 8.71 30.39 18.23
C VAL A 180 10.01 30.95 18.76
N ASP A 181 10.74 31.64 17.90
CA ASP A 181 12.00 32.25 18.33
C ASP A 181 11.74 33.35 19.36
N PRO A 182 12.32 33.27 20.56
CA PRO A 182 12.05 34.29 21.59
C PRO A 182 12.49 35.71 21.21
N GLU A 183 13.46 35.87 20.31
CA GLU A 183 13.94 37.21 19.99
C GLU A 183 13.27 37.82 18.77
N THR A 184 12.93 37.02 17.74
CA THR A 184 12.33 37.58 16.54
C THR A 184 10.86 37.28 16.39
N GLY A 185 10.34 36.31 17.16
CA GLY A 185 8.97 35.85 17.01
C GLY A 185 8.72 34.96 15.83
N TYR A 186 9.76 34.58 15.09
CA TYR A 186 9.60 33.76 13.90
C TYR A 186 9.14 32.36 14.31
N LYS A 187 8.01 31.94 13.76
CA LYS A 187 7.44 30.63 14.08
C LYS A 187 7.92 29.59 13.07
N CYS A 188 8.43 28.46 13.57
CA CYS A 188 8.93 27.40 12.71
C CYS A 188 7.84 26.88 11.78
N LEU A 189 8.20 26.72 10.50
CA LEU A 189 7.31 26.11 9.53
C LEU A 189 7.36 24.58 9.63
N LYS A 190 6.29 23.95 9.16
CA LYS A 190 6.15 22.51 9.02
C LYS A 190 6.89 22.01 7.77
N HIS A 191 7.31 20.73 7.80
CA HIS A 191 8.15 20.21 6.72
C HIS A 191 7.52 20.39 5.33
N ILE A 192 6.20 20.17 5.17
CA ILE A 192 5.63 20.23 3.83
C ILE A 192 5.73 21.65 3.25
N ASP A 193 5.50 22.68 4.07
CA ASP A 193 5.60 24.05 3.58
C ASP A 193 7.04 24.40 3.24
N ILE A 194 7.98 23.97 4.08
CA ILE A 194 9.39 24.21 3.82
C ILE A 194 9.80 23.58 2.48
N MET A 195 9.46 22.29 2.28
CA MET A 195 9.88 21.60 1.07
C MET A 195 9.25 22.23 -0.18
N ARG A 196 8.00 22.64 -0.08
CA ARG A 196 7.37 23.33 -1.22
C ARG A 196 8.02 24.69 -1.47
N LYS A 197 8.36 25.42 -0.40
CA LYS A 197 9.01 26.71 -0.57
C LYS A 197 10.41 26.56 -1.18
N LEU A 198 11.06 25.41 -0.96
CA LEU A 198 12.32 25.11 -1.63
C LEU A 198 12.12 24.72 -3.08
N GLY A 199 10.89 24.51 -3.53
CA GLY A 199 10.67 23.95 -4.86
C GLY A 199 11.06 22.50 -4.97
N GLY A 200 11.06 21.76 -3.86
CA GLY A 200 11.60 20.42 -3.87
C GLY A 200 10.61 19.29 -3.77
N LEU A 201 9.31 19.60 -3.73
CA LEU A 201 8.31 18.57 -3.46
C LEU A 201 7.08 18.81 -4.31
N ALA A 202 6.67 17.79 -5.06
CA ALA A 202 5.49 17.85 -5.92
C ALA A 202 4.52 16.75 -5.52
N THR A 203 3.64 17.03 -4.56
CA THR A 203 2.61 16.06 -4.18
C THR A 203 1.47 16.02 -5.18
N GLU A 204 1.24 17.11 -5.92
CA GLU A 204 0.16 17.17 -6.90
C GLU A 204 0.41 16.21 -8.07
N GLU A 205 1.52 16.39 -8.79
CA GLU A 205 1.89 15.41 -9.81
C GLU A 205 2.13 14.04 -9.17
N GLY A 206 2.69 14.00 -7.95
CA GLY A 206 2.94 12.72 -7.30
C GLY A 206 1.68 11.89 -7.10
N THR A 207 0.60 12.52 -6.65
CA THR A 207 -0.62 11.74 -6.42
C THR A 207 -1.34 11.48 -7.73
N GLN A 208 -1.30 12.43 -8.67
CA GLN A 208 -1.84 12.14 -10.00
C GLN A 208 -1.17 10.92 -10.61
N VAL A 209 0.16 10.82 -10.50
CA VAL A 209 0.90 9.74 -11.15
C VAL A 209 0.83 8.44 -10.35
N GLY A 210 0.99 8.51 -9.03
CA GLY A 210 1.19 7.30 -8.24
C GLY A 210 0.10 6.92 -7.25
N GLY A 211 -0.99 7.70 -7.20
CA GLY A 211 -2.06 7.46 -6.24
C GLY A 211 -1.83 8.19 -4.93
N GLY A 212 -2.65 7.83 -3.94
CA GLY A 212 -2.60 8.54 -2.66
C GLY A 212 -1.22 8.50 -2.04
N ARG A 213 -0.84 9.60 -1.39
CA ARG A 213 0.48 9.81 -0.77
C ARG A 213 1.64 9.80 -1.77
N GLY A 214 1.38 9.74 -3.08
CA GLY A 214 2.47 9.75 -4.05
C GLY A 214 3.19 11.10 -4.09
N TYR A 215 4.50 11.06 -4.36
CA TYR A 215 5.27 12.30 -4.38
C TYR A 215 6.42 12.18 -5.38
N PHE A 216 6.78 13.32 -5.97
CA PHE A 216 8.09 13.51 -6.59
C PHE A 216 8.94 14.40 -5.68
N LEU A 217 10.20 14.05 -5.53
CA LEU A 217 11.20 14.89 -4.86
CA LEU A 217 11.19 14.90 -4.86
C LEU A 217 12.11 15.49 -5.92
N LEU A 218 12.44 16.79 -5.78
CA LEU A 218 13.24 17.50 -6.79
C LEU A 218 14.44 18.24 -6.20
N GLY A 219 15.51 18.32 -7.00
CA GLY A 219 16.60 19.26 -6.71
C GLY A 219 17.43 18.85 -5.51
N ASP A 220 17.78 19.85 -4.68
CA ASP A 220 18.73 19.59 -3.60
C ASP A 220 18.20 18.58 -2.59
N LEU A 221 16.86 18.49 -2.42
CA LEU A 221 16.31 17.50 -1.51
C LEU A 221 16.62 16.08 -1.96
N VAL A 222 16.60 15.84 -3.28
CA VAL A 222 17.05 14.55 -3.81
C VAL A 222 18.51 14.30 -3.44
N ARG A 223 19.37 15.31 -3.65
CA ARG A 223 20.78 15.13 -3.33
C ARG A 223 20.97 14.88 -1.82
N MET A 224 20.16 15.53 -0.99
CA MET A 224 20.24 15.25 0.45
C MET A 224 19.71 13.86 0.78
N ASN A 225 18.71 13.39 0.05
CA ASN A 225 18.20 12.04 0.25
C ASN A 225 19.31 11.03 0.05
N LEU A 226 20.05 11.18 -1.06
CA LEU A 226 21.20 10.32 -1.31
C LEU A 226 22.29 10.50 -0.27
N ALA A 227 22.57 11.75 0.11
CA ALA A 227 23.62 11.99 1.10
C ALA A 227 23.34 11.22 2.39
N LEU A 228 22.07 11.21 2.84
CA LEU A 228 21.71 10.49 4.05
C LEU A 228 21.98 9.00 3.91
N GLN A 229 21.62 8.43 2.76
CA GLN A 229 21.85 7.01 2.52
C GLN A 229 23.34 6.71 2.49
N ASN A 230 24.11 7.54 1.75
CA ASN A 230 25.54 7.32 1.62
C ASN A 230 26.24 7.42 2.97
N TYR A 231 25.90 8.44 3.75
CA TYR A 231 26.49 8.63 5.07
C TYR A 231 26.10 7.50 6.01
N ALA A 232 24.82 7.12 6.01
CA ALA A 232 24.36 6.05 6.88
C ALA A 232 25.12 4.75 6.64
N ILE A 233 25.30 4.41 5.37
CA ILE A 233 26.02 3.17 5.04
C ILE A 233 27.49 3.27 5.46
N ASP A 234 28.13 4.41 5.20
CA ASP A 234 29.51 4.60 5.67
C ASP A 234 29.57 4.51 7.19
N PHE A 235 28.64 5.18 7.87
CA PHE A 235 28.57 5.18 9.33
C PHE A 235 28.52 3.76 9.88
N LEU A 236 27.61 2.92 9.36
CA LEU A 236 27.50 1.57 9.88
C LEU A 236 28.63 0.65 9.40
N ALA A 237 29.11 0.83 8.16
CA ALA A 237 30.21 0.01 7.68
C ALA A 237 31.45 0.17 8.55
N LYS A 238 31.72 1.40 8.97
CA LYS A 238 32.83 1.66 9.86
C LYS A 238 32.64 1.02 11.24
N LYS A 239 31.40 0.73 11.64
CA LYS A 239 31.18 0.01 12.88
C LYS A 239 31.14 -1.50 12.68
N GLY A 240 31.54 -1.98 11.52
CA GLY A 240 31.56 -3.41 11.25
C GLY A 240 30.24 -3.98 10.75
N TYR A 241 29.30 -3.14 10.32
CA TYR A 241 28.05 -3.63 9.77
C TYR A 241 28.21 -3.81 8.25
N MET A 242 28.02 -5.04 7.80
CA MET A 242 28.17 -5.38 6.38
CA MET A 242 28.13 -5.43 6.39
C MET A 242 27.05 -4.77 5.54
N PRO A 243 27.34 -3.84 4.62
CA PRO A 243 26.29 -3.33 3.74
C PRO A 243 25.66 -4.46 2.94
N ILE A 244 24.34 -4.44 2.81
CA ILE A 244 23.64 -5.46 2.01
C ILE A 244 22.41 -4.83 1.36
N TYR A 245 22.34 -4.95 0.03
CA TYR A 245 21.21 -4.49 -0.77
C TYR A 245 20.36 -5.71 -1.10
N THR A 246 19.04 -5.59 -0.93
CA THR A 246 18.14 -6.75 -0.94
C THR A 246 17.18 -6.76 -2.12
N PRO A 247 16.59 -7.92 -2.45
CA PRO A 247 15.36 -7.90 -3.26
C PRO A 247 14.33 -7.03 -2.59
N PHE A 248 13.57 -6.30 -3.39
CA PHE A 248 12.42 -5.57 -2.89
C PHE A 248 11.14 -6.40 -3.01
N PHE A 249 11.21 -7.59 -3.63
CA PHE A 249 10.18 -8.62 -3.73
C PHE A 249 10.50 -9.78 -2.82
N MET A 250 9.47 -10.42 -2.27
CA MET A 250 9.67 -11.73 -1.64
C MET A 250 8.52 -12.65 -2.04
N THR A 251 8.81 -13.94 -2.23
CA THR A 251 7.72 -14.86 -2.46
C THR A 251 6.86 -14.92 -1.19
N LYS A 252 5.58 -15.27 -1.39
CA LYS A 252 4.67 -15.29 -0.25
C LYS A 252 5.10 -16.33 0.78
N GLU A 253 5.57 -17.50 0.33
CA GLU A 253 6.05 -18.53 1.26
CA GLU A 253 5.98 -18.48 1.33
C GLU A 253 7.19 -18.01 2.11
N GLN A 254 8.07 -17.22 1.50
CA GLN A 254 9.20 -16.66 2.24
C GLN A 254 8.73 -15.58 3.20
N MET A 255 7.85 -14.69 2.73
CA MET A 255 7.35 -13.63 3.61
C MET A 255 6.60 -14.21 4.81
N LYS A 256 5.89 -15.31 4.63
CA LYS A 256 5.17 -15.90 5.76
C LYS A 256 6.11 -16.37 6.87
N LYS A 257 7.39 -16.61 6.57
CA LYS A 257 8.35 -17.03 7.59
C LYS A 257 8.93 -15.88 8.41
N VAL A 258 8.75 -14.62 7.98
CA VAL A 258 9.39 -13.50 8.65
C VAL A 258 8.41 -12.43 9.12
N ALA A 259 7.11 -12.59 8.91
CA ALA A 259 6.16 -11.54 9.22
C ALA A 259 4.89 -12.11 9.83
N GLN A 260 4.16 -11.27 10.58
CA GLN A 260 2.86 -11.64 11.18
CA GLN A 260 2.88 -11.70 11.16
C GLN A 260 1.77 -11.62 10.12
N LEU A 261 0.88 -12.62 10.15
CA LEU A 261 -0.18 -12.73 9.14
C LEU A 261 -1.05 -11.47 9.02
N SER A 262 -1.22 -10.69 10.08
CA SER A 262 -2.04 -9.47 9.96
C SER A 262 -1.38 -8.39 9.11
N GLN A 263 -0.04 -8.38 9.02
CA GLN A 263 0.65 -7.39 8.20
C GLN A 263 0.24 -7.50 6.75
N PHE A 264 -0.16 -8.68 6.34
CA PHE A 264 -0.46 -8.95 4.95
C PHE A 264 -1.62 -8.10 4.44
N ASP A 265 -2.62 -7.88 5.29
CA ASP A 265 -3.76 -7.10 4.83
C ASP A 265 -3.51 -5.60 5.01
N GLU A 266 -2.85 -5.20 6.10
CA GLU A 266 -2.69 -3.78 6.42
C GLU A 266 -1.48 -3.17 5.74
N GLU A 267 -0.43 -3.96 5.50
CA GLU A 267 0.88 -3.40 5.20
C GLU A 267 1.42 -3.75 3.83
N LEU A 268 1.26 -4.99 3.36
CA LEU A 268 2.05 -5.51 2.24
C LEU A 268 1.29 -5.42 0.92
N TYR A 269 1.90 -4.78 -0.07
CA TYR A 269 1.38 -4.86 -1.44
C TYR A 269 1.65 -6.23 -2.06
N THR A 270 0.76 -6.67 -2.93
CA THR A 270 0.98 -7.88 -3.73
C THR A 270 1.51 -7.48 -5.11
N VAL A 271 2.43 -8.27 -5.66
CA VAL A 271 3.03 -8.03 -6.97
CA VAL A 271 2.98 -8.00 -6.99
C VAL A 271 2.88 -9.27 -7.83
N THR A 272 2.31 -9.13 -9.03
CA THR A 272 2.04 -10.26 -9.91
C THR A 272 2.56 -10.01 -11.32
N GLY A 273 2.75 -11.11 -12.06
CA GLY A 273 3.06 -11.03 -13.47
C GLY A 273 4.24 -11.88 -13.93
N GLU A 274 5.16 -12.23 -13.01
CA GLU A 274 6.28 -13.09 -13.38
C GLU A 274 6.48 -14.12 -12.28
N GLY A 275 6.48 -15.41 -12.66
CA GLY A 275 6.63 -16.44 -11.64
C GLY A 275 5.53 -16.38 -10.58
N GLU A 276 5.89 -16.78 -9.36
CA GLU A 276 4.95 -16.79 -8.25
C GLU A 276 4.57 -15.37 -7.85
N ASP A 277 3.35 -15.20 -7.35
CA ASP A 277 2.95 -13.95 -6.74
C ASP A 277 3.88 -13.59 -5.59
N LYS A 278 4.17 -12.31 -5.45
CA LYS A 278 5.13 -11.88 -4.46
C LYS A 278 4.55 -10.73 -3.65
N TYR A 279 5.26 -10.35 -2.60
CA TYR A 279 4.94 -9.15 -1.84
C TYR A 279 6.08 -8.15 -1.99
N LEU A 280 5.76 -6.86 -2.08
CA LEU A 280 6.79 -5.83 -1.90
C LEU A 280 7.18 -5.78 -0.43
N ILE A 281 8.47 -5.64 -0.15
CA ILE A 281 8.91 -5.64 1.24
C ILE A 281 8.54 -4.32 1.92
N ALA A 282 8.20 -4.42 3.21
CA ALA A 282 7.97 -3.27 4.08
C ALA A 282 9.24 -2.75 4.73
N THR A 283 10.32 -3.54 4.72
CA THR A 283 11.57 -3.22 5.39
C THR A 283 12.61 -4.26 4.96
N SER A 284 13.87 -3.83 4.80
CA SER A 284 14.91 -4.79 4.43
C SER A 284 15.10 -5.86 5.48
N GLU A 285 14.55 -5.66 6.69
CA GLU A 285 14.66 -6.70 7.71
C GLU A 285 13.99 -8.01 7.27
N GLN A 286 12.93 -7.90 6.45
CA GLN A 286 12.24 -9.10 6.00
C GLN A 286 13.12 -9.97 5.08
N PRO A 287 13.70 -9.45 3.99
CA PRO A 287 14.58 -10.33 3.19
C PRO A 287 15.89 -10.68 3.88
N ILE A 288 16.42 -9.80 4.73
CA ILE A 288 17.67 -10.15 5.41
C ILE A 288 17.44 -11.28 6.41
N ALA A 289 16.28 -11.29 7.08
CA ALA A 289 15.93 -12.44 7.91
C ALA A 289 15.82 -13.71 7.07
N ALA A 290 15.09 -13.66 5.96
CA ALA A 290 14.90 -14.86 5.13
C ALA A 290 16.23 -15.34 4.57
N PHE A 291 17.18 -14.42 4.37
CA PHE A 291 18.54 -14.75 3.92
C PHE A 291 19.17 -15.82 4.81
N HIS A 292 18.77 -15.91 6.07
CA HIS A 292 19.37 -16.84 7.01
C HIS A 292 18.61 -18.15 7.15
N LEU A 293 17.58 -18.36 6.33
CA LEU A 293 16.78 -19.57 6.39
C LEU A 293 17.65 -20.81 6.45
N GLU A 294 17.41 -21.63 7.48
CA GLU A 294 17.99 -22.97 7.61
C GLU A 294 19.52 -22.97 7.66
N LYS A 295 20.11 -21.90 8.17
CA LYS A 295 21.55 -21.86 8.36
C LYS A 295 21.90 -22.14 9.81
N ARG A 296 23.15 -22.53 10.03
CA ARG A 296 23.67 -22.88 11.35
C ARG A 296 24.95 -22.09 11.60
N PHE A 297 25.09 -21.50 12.80
CA PHE A 297 26.25 -20.68 13.10
C PHE A 297 26.86 -21.05 14.46
N ASP A 298 28.18 -21.13 14.49
CA ASP A 298 28.96 -21.36 15.70
C ASP A 298 29.18 -20.06 16.45
N GLU A 299 29.56 -20.20 17.72
CA GLU A 299 29.92 -19.04 18.53
C GLU A 299 31.01 -18.23 17.84
N SER A 300 31.96 -18.91 17.19
CA SER A 300 33.06 -18.23 16.52
C SER A 300 32.59 -17.42 15.31
N GLU A 301 31.41 -17.71 14.78
CA GLU A 301 30.85 -17.04 13.61
C GLU A 301 29.84 -15.96 13.98
N LEU A 302 29.70 -15.64 15.26
CA LEU A 302 28.71 -14.68 15.71
C LEU A 302 29.41 -13.59 16.52
N PRO A 303 28.89 -12.37 16.51
CA PRO A 303 27.65 -11.92 15.85
C PRO A 303 27.81 -11.61 14.36
N ILE A 304 26.67 -11.57 13.66
CA ILE A 304 26.60 -11.21 12.25
C ILE A 304 25.88 -9.87 12.17
N LYS A 305 26.55 -8.86 11.64
CA LYS A 305 26.03 -7.50 11.61
C LYS A 305 25.84 -7.06 10.16
N TYR A 306 24.63 -6.62 9.82
CA TYR A 306 24.30 -6.17 8.47
C TYR A 306 23.79 -4.73 8.50
N CYS A 307 24.18 -3.98 7.47
CA CYS A 307 23.69 -2.63 7.21
C CYS A 307 22.77 -2.76 6.00
N GLY A 308 21.48 -2.96 6.25
CA GLY A 308 20.54 -3.23 5.16
C GLY A 308 20.09 -1.96 4.47
N MET A 309 19.91 -2.05 3.16
CA MET A 309 19.54 -0.90 2.35
C MET A 309 18.43 -1.32 1.40
N SER A 310 17.33 -0.57 1.37
CA SER A 310 16.29 -0.90 0.40
C SER A 310 15.29 0.24 0.32
N THR A 311 14.53 0.27 -0.78
CA THR A 311 13.26 0.95 -0.72
C THR A 311 12.28 0.03 0.01
N CYS A 312 11.32 0.65 0.69
CA CYS A 312 10.31 0.00 1.51
C CYS A 312 8.94 0.45 1.05
N PHE A 313 7.98 -0.47 1.06
CA PHE A 313 6.64 -0.20 0.56
C PHE A 313 5.61 -0.60 1.59
N ARG A 314 4.68 0.32 1.91
CA ARG A 314 3.70 0.06 2.95
C ARG A 314 2.34 0.61 2.55
N LYS A 315 1.32 -0.25 2.60
CA LYS A 315 -0.01 0.15 2.18
C LYS A 315 -0.63 1.16 3.16
N GLU A 316 -0.26 1.12 4.43
CA GLU A 316 -0.78 2.06 5.45
C GLU A 316 -2.31 2.06 5.47
N VAL A 317 -2.90 0.88 5.30
CA VAL A 317 -4.37 0.81 5.26
C VAL A 317 -4.98 1.29 6.58
N GLY A 318 -4.36 0.96 7.70
CA GLY A 318 -4.87 1.42 8.98
C GLY A 318 -4.72 2.92 9.25
N ALA A 319 -3.96 3.65 8.44
CA ALA A 319 -3.60 5.02 8.78
C ALA A 319 -4.20 6.04 7.82
N HIS A 320 -5.23 5.66 7.08
CA HIS A 320 -5.93 6.65 6.26
C HIS A 320 -6.38 7.82 7.12
N GLY A 321 -6.14 9.03 6.60
CA GLY A 321 -6.44 10.23 7.34
C GLY A 321 -5.38 10.65 8.36
N LYS A 322 -4.34 9.85 8.56
CA LYS A 322 -3.27 10.17 9.49
C LYS A 322 -2.03 10.65 8.74
N ASP A 323 -1.42 11.74 9.22
CA ASP A 323 -0.17 12.25 8.65
C ASP A 323 -0.26 12.39 7.13
N THR A 324 -1.29 13.09 6.65
CA THR A 324 -1.58 13.14 5.22
C THR A 324 -0.81 14.24 4.49
N LEU A 325 -0.01 15.04 5.19
CA LEU A 325 0.68 16.16 4.56
C LEU A 325 2.17 15.83 4.37
N GLY A 326 2.62 15.83 3.12
CA GLY A 326 4.05 15.71 2.87
C GLY A 326 4.55 14.27 2.85
N ILE A 327 5.82 14.09 3.20
CA ILE A 327 6.46 12.79 3.03
C ILE A 327 6.84 12.15 4.37
N PHE A 328 6.16 12.56 5.45
CA PHE A 328 6.36 11.95 6.76
C PHE A 328 5.83 10.51 6.80
N ARG A 329 4.65 10.28 6.24
CA ARG A 329 4.07 8.95 6.15
C ARG A 329 3.66 8.73 4.70
N VAL A 330 4.38 7.83 4.02
CA VAL A 330 4.20 7.58 2.60
C VAL A 330 4.11 6.07 2.38
N HIS A 331 3.84 5.68 1.12
CA HIS A 331 3.84 4.27 0.72
C HIS A 331 5.20 3.78 0.26
N GLN A 332 6.15 4.70 0.03
CA GLN A 332 7.43 4.38 -0.61
C GLN A 332 8.51 5.26 0.00
N PHE A 333 9.53 4.64 0.59
CA PHE A 333 10.64 5.38 1.18
C PHE A 333 11.87 4.49 1.28
N GLU A 334 13.05 5.12 1.30
CA GLU A 334 14.29 4.37 1.51
C GLU A 334 14.63 4.31 2.98
N LYS A 335 15.22 3.20 3.40
CA LYS A 335 15.56 3.02 4.80
C LYS A 335 16.86 2.23 4.94
N ILE A 336 17.75 2.75 5.78
CA ILE A 336 18.97 2.04 6.16
C ILE A 336 18.70 1.39 7.51
N GLU A 337 18.93 0.08 7.59
CA GLU A 337 18.49 -0.77 8.69
C GLU A 337 19.68 -1.48 9.32
N GLN A 338 19.72 -1.50 10.65
CA GLN A 338 20.64 -2.38 11.39
C GLN A 338 19.96 -3.73 11.61
N PHE A 339 20.67 -4.81 11.29
CA PHE A 339 20.17 -6.18 11.48
C PHE A 339 21.30 -7.04 12.03
N VAL A 340 21.07 -7.72 13.16
CA VAL A 340 22.13 -8.47 13.82
C VAL A 340 21.64 -9.86 14.22
N VAL A 341 22.47 -10.88 13.96
CA VAL A 341 22.30 -12.22 14.49
C VAL A 341 23.31 -12.40 15.61
N THR A 342 22.85 -12.85 16.79
CA THR A 342 23.79 -13.06 17.90
C THR A 342 23.68 -14.47 18.48
N SER A 343 24.69 -14.81 19.27
CA SER A 343 24.63 -15.98 20.10
C SER A 343 23.44 -15.87 21.07
N PRO A 344 22.84 -16.99 21.46
CA PRO A 344 21.81 -16.96 22.49
C PRO A 344 22.35 -16.97 23.91
N LYS A 345 23.66 -16.97 24.10
CA LYS A 345 24.30 -17.12 25.40
C LYS A 345 24.59 -15.76 26.05
N ASP A 346 24.68 -15.79 27.39
CA ASP A 346 25.33 -14.74 28.18
C ASP A 346 24.80 -13.34 27.90
N ASN A 347 23.48 -13.21 27.75
CA ASN A 347 22.82 -11.91 27.55
C ASN A 347 23.42 -11.11 26.38
N LYS A 348 24.07 -11.79 25.42
CA LYS A 348 24.67 -11.08 24.30
C LYS A 348 23.65 -10.35 23.46
N SER A 349 22.47 -10.93 23.26
CA SER A 349 21.49 -10.22 22.43
C SER A 349 21.02 -8.96 23.12
N TRP A 350 20.92 -8.96 24.47
CA TRP A 350 20.56 -7.77 25.21
C TRP A 350 21.68 -6.73 25.19
N GLU A 351 22.93 -7.17 25.23
CA GLU A 351 24.03 -6.23 25.02
C GLU A 351 24.00 -5.65 23.61
N MET A 352 23.66 -6.47 22.61
CA MET A 352 23.59 -5.97 21.24
C MET A 352 22.44 -4.98 21.06
N PHE A 353 21.32 -5.20 21.77
CA PHE A 353 20.22 -4.24 21.76
C PHE A 353 20.70 -2.85 22.18
N ASP A 354 21.45 -2.77 23.29
CA ASP A 354 22.00 -1.50 23.75
C ASP A 354 22.94 -0.90 22.72
N GLU A 355 23.78 -1.73 22.09
CA GLU A 355 24.70 -1.23 21.08
C GLU A 355 23.95 -0.64 19.89
N MET A 356 22.86 -1.29 19.45
CA MET A 356 22.15 -0.85 18.26
C MET A 356 21.38 0.44 18.50
N ILE A 357 20.68 0.54 19.62
CA ILE A 357 20.01 1.82 19.89
C ILE A 357 21.08 2.89 20.10
N GLY A 358 22.24 2.52 20.66
CA GLY A 358 23.35 3.46 20.79
C GLY A 358 23.88 3.94 19.45
N ASN A 359 23.94 3.03 18.46
CA ASN A 359 24.33 3.43 17.11
C ASN A 359 23.37 4.48 16.53
N SER A 360 22.06 4.27 16.70
CA SER A 360 21.10 5.21 16.15
C SER A 360 21.19 6.56 16.87
N GLU A 361 21.35 6.53 18.19
CA GLU A 361 21.56 7.75 18.96
C GLU A 361 22.79 8.52 18.47
N ALA A 362 23.93 7.83 18.31
CA ALA A 362 25.12 8.50 17.79
C ALA A 362 24.85 9.07 16.40
N PHE A 363 24.05 8.37 15.59
CA PHE A 363 23.75 8.87 14.25
C PHE A 363 23.01 10.21 14.33
N TYR A 364 21.93 10.27 15.12
CA TYR A 364 21.15 11.50 15.18
C TYR A 364 21.87 12.61 15.93
N GLN A 365 22.67 12.27 16.95
CA GLN A 365 23.54 13.30 17.52
C GLN A 365 24.45 13.89 16.45
N SER A 366 25.02 13.04 15.57
CA SER A 366 25.92 13.59 14.56
C SER A 366 25.17 14.51 13.60
N LEU A 367 23.87 14.30 13.43
CA LEU A 367 23.05 15.17 12.58
C LEU A 367 22.54 16.39 13.31
N GLY A 368 22.79 16.53 14.61
CA GLY A 368 22.20 17.62 15.38
C GLY A 368 20.69 17.53 15.50
N ILE A 369 20.13 16.33 15.56
CA ILE A 369 18.69 16.13 15.67
C ILE A 369 18.36 15.83 17.13
N PRO A 370 17.58 16.68 17.81
CA PRO A 370 17.19 16.35 19.18
C PRO A 370 16.19 15.20 19.18
N TYR A 371 16.22 14.40 20.25
CA TYR A 371 15.34 13.23 20.32
C TYR A 371 15.15 12.82 21.77
N ARG A 372 14.26 11.84 21.95
CA ARG A 372 14.15 11.14 23.22
C ARG A 372 14.03 9.66 22.93
N VAL A 373 14.51 8.84 23.87
CA VAL A 373 14.43 7.38 23.79
C VAL A 373 13.22 6.94 24.59
N VAL A 374 12.39 6.08 24.01
CA VAL A 374 11.09 5.71 24.57
CA VAL A 374 11.14 5.70 24.67
C VAL A 374 11.03 4.18 24.73
N ASN A 375 10.57 3.71 25.89
CA ASN A 375 10.41 2.29 26.21
C ASN A 375 8.95 1.92 25.92
N ILE A 376 8.72 1.13 24.88
CA ILE A 376 7.39 0.87 24.36
C ILE A 376 6.64 -0.09 25.27
N VAL A 377 5.40 0.26 25.63
CA VAL A 377 4.64 -0.50 26.61
C VAL A 377 4.38 -1.93 26.14
N SER A 378 4.26 -2.85 27.11
CA SER A 378 4.17 -4.27 26.80
C SER A 378 2.98 -4.58 25.90
N GLY A 379 1.84 -3.90 26.09
CA GLY A 379 0.66 -4.19 25.29
C GLY A 379 0.81 -3.82 23.82
N ALA A 380 1.78 -3.00 23.45
CA ALA A 380 1.94 -2.59 22.07
C ALA A 380 3.00 -3.37 21.31
N LEU A 381 3.77 -4.23 21.98
CA LEU A 381 4.77 -5.04 21.28
C LEU A 381 4.09 -6.04 20.34
N ASN A 382 4.66 -6.22 19.16
CA ASN A 382 4.16 -7.31 18.31
C ASN A 382 4.64 -8.64 18.89
N ASN A 383 4.20 -9.75 18.27
CA ASN A 383 4.42 -11.05 18.88
C ASN A 383 5.89 -11.42 18.93
N ALA A 384 6.68 -10.94 17.98
CA ALA A 384 8.08 -11.36 17.92
C ALA A 384 8.96 -10.62 18.93
N ALA A 385 8.61 -9.39 19.29
CA ALA A 385 9.53 -8.56 20.06
C ALA A 385 9.44 -8.84 21.57
N ALA A 386 10.59 -9.07 22.20
CA ALA A 386 10.65 -9.14 23.65
C ALA A 386 10.79 -7.76 24.30
N LYS A 387 11.23 -6.76 23.56
CA LYS A 387 11.44 -5.40 24.03
C LYS A 387 11.65 -4.51 22.83
N LYS A 388 11.18 -3.26 22.93
CA LYS A 388 11.32 -2.31 21.83
C LYS A 388 11.58 -0.91 22.38
N PHE A 389 12.65 -0.30 21.91
CA PHE A 389 12.95 1.13 22.13
C PHE A 389 12.68 1.87 20.84
N ASP A 390 12.00 3.02 20.94
CA ASP A 390 11.92 3.93 19.82
C ASP A 390 12.75 5.18 20.11
N LEU A 391 13.28 5.78 19.04
CA LEU A 391 13.81 7.14 19.10
CA LEU A 391 13.81 7.13 19.11
C LEU A 391 12.78 8.05 18.48
N GLU A 392 12.30 9.02 19.26
CA GLU A 392 11.34 10.01 18.81
C GLU A 392 12.07 11.34 18.69
N ALA A 393 12.06 11.92 17.50
CA ALA A 393 12.77 13.17 17.24
C ALA A 393 11.85 14.38 17.38
N TRP A 394 12.47 15.52 17.63
CA TRP A 394 11.80 16.81 17.78
C TRP A 394 11.41 17.39 16.42
N PHE A 395 10.14 17.75 16.28
CA PHE A 395 9.61 18.41 15.08
C PHE A 395 9.08 19.78 15.48
N PRO A 396 9.91 20.84 15.41
CA PRO A 396 9.47 22.16 15.93
C PRO A 396 8.34 22.80 15.15
N GLY A 397 8.03 22.32 13.95
CA GLY A 397 6.89 22.82 13.23
C GLY A 397 5.60 22.06 13.46
N ALA A 398 5.60 21.02 14.30
CA ALA A 398 4.39 20.22 14.45
C ALA A 398 3.27 20.98 15.11
N ASP A 399 2.05 20.50 14.90
CA ASP A 399 0.90 20.99 15.65
C ASP A 399 1.13 20.69 17.13
N GLU A 400 0.57 21.57 17.97
CA GLU A 400 0.78 21.50 19.41
C GLU A 400 0.51 20.09 19.94
N GLY A 401 1.43 19.61 20.79
CA GLY A 401 1.33 18.27 21.35
C GLY A 401 1.92 17.16 20.50
N ASN A 402 2.22 17.41 19.22
CA ASN A 402 2.72 16.36 18.34
C ASN A 402 4.18 16.54 17.99
N GLU A 403 4.95 17.17 18.88
CA GLU A 403 6.31 17.60 18.53
C GLU A 403 7.31 16.44 18.49
N TYR A 404 7.13 15.40 19.30
CA TYR A 404 8.02 14.24 19.29
C TYR A 404 7.37 13.12 18.48
N ARG A 405 8.04 12.69 17.40
CA ARG A 405 7.53 11.63 16.56
C ARG A 405 8.62 10.60 16.29
N GLU A 406 8.19 9.33 16.21
CA GLU A 406 9.13 8.24 16.03
CA GLU A 406 9.11 8.21 16.01
C GLU A 406 9.88 8.35 14.70
N LEU A 407 11.20 8.19 14.78
CA LEU A 407 12.10 8.06 13.62
C LEU A 407 12.75 6.69 13.55
N VAL A 408 12.85 5.99 14.69
CA VAL A 408 13.61 4.76 14.83
C VAL A 408 12.83 3.82 15.74
N SER A 409 12.78 2.54 15.38
CA SER A 409 12.39 1.48 16.28
C SER A 409 13.50 0.44 16.35
N CYS A 410 13.74 -0.09 17.54
CA CYS A 410 14.83 -1.03 17.82
C CYS A 410 14.26 -2.14 18.68
N SER A 411 14.34 -3.39 18.20
CA SER A 411 13.69 -4.52 18.87
C SER A 411 14.66 -5.69 19.03
N ASN A 412 14.59 -6.33 20.19
CA ASN A 412 15.19 -7.65 20.39
C ASN A 412 14.09 -8.68 20.27
N CYS A 413 14.21 -9.58 19.28
CA CYS A 413 13.24 -10.63 19.07
C CYS A 413 13.69 -11.98 19.59
N THR A 414 14.79 -12.02 20.34
CA THR A 414 15.47 -13.24 20.78
C THR A 414 15.35 -14.33 19.73
N ASP A 415 14.79 -15.51 20.06
CA ASP A 415 14.75 -16.60 19.09
C ASP A 415 13.36 -16.83 18.50
N TYR A 416 12.46 -15.85 18.60
CA TYR A 416 11.11 -16.04 18.07
C TYR A 416 11.13 -16.31 16.57
N GLN A 417 11.87 -15.49 15.80
CA GLN A 417 11.92 -15.67 14.35
C GLN A 417 12.94 -16.70 13.93
N THR A 418 14.07 -16.80 14.63
CA THR A 418 15.08 -17.80 14.27
C THR A 418 14.51 -19.21 14.40
N ARG A 419 13.58 -19.42 15.34
CA ARG A 419 12.87 -20.71 15.40
C ARG A 419 12.10 -20.98 14.11
N ARG A 420 11.34 -19.98 13.64
CA ARG A 420 10.51 -20.18 12.47
C ARG A 420 11.36 -20.30 11.20
N LEU A 421 12.55 -19.71 11.20
CA LEU A 421 13.47 -19.75 10.07
C LEU A 421 14.53 -20.83 10.21
N GLU A 422 14.55 -21.54 11.33
CA GLU A 422 15.54 -22.59 11.64
C GLU A 422 16.97 -22.05 11.53
N VAL A 423 17.21 -20.90 12.15
CA VAL A 423 18.57 -20.35 12.23
C VAL A 423 19.17 -20.89 13.52
N LYS A 424 19.90 -22.00 13.39
CA LYS A 424 20.33 -22.79 14.52
C LYS A 424 21.68 -22.32 15.07
N TYR A 425 21.87 -22.56 16.37
CA TYR A 425 23.09 -22.20 17.07
C TYR A 425 23.95 -23.44 17.31
N GLY A 426 25.23 -23.36 16.92
CA GLY A 426 26.16 -24.47 17.06
C GLY A 426 26.20 -25.37 15.85
N GLU A 434 16.84 -31.25 19.87
CA GLU A 434 17.20 -30.39 21.00
C GLU A 434 18.18 -29.31 20.53
N VAL A 435 17.96 -28.81 19.30
CA VAL A 435 18.82 -27.77 18.78
C VAL A 435 18.59 -26.48 19.57
N GLU A 436 19.61 -25.63 19.56
CA GLU A 436 19.52 -24.29 20.11
C GLU A 436 19.38 -23.31 18.94
N PHE A 437 18.81 -22.14 19.21
CA PHE A 437 18.61 -21.16 18.14
C PHE A 437 19.36 -19.87 18.43
N CYS A 438 19.74 -19.18 17.36
CA CYS A 438 20.34 -17.85 17.50
C CYS A 438 19.27 -16.83 17.91
N HIS A 439 19.72 -15.63 18.24
CA HIS A 439 18.83 -14.49 18.44
C HIS A 439 18.98 -13.53 17.27
N MET A 440 17.89 -12.80 16.98
CA MET A 440 17.89 -11.78 15.94
C MET A 440 17.33 -10.47 16.47
N LEU A 441 17.96 -9.38 16.05
CA LEU A 441 17.55 -8.02 16.40
C LEU A 441 17.52 -7.15 15.15
N ASN A 442 16.70 -6.10 15.19
CA ASN A 442 16.72 -5.10 14.13
C ASN A 442 16.48 -3.71 14.73
N SER A 443 17.04 -2.71 14.07
CA SER A 443 16.84 -1.32 14.44
C SER A 443 17.00 -0.43 13.21
N THR A 444 16.04 0.45 13.00
CA THR A 444 16.23 1.54 12.04
C THR A 444 17.54 2.25 12.31
N LEU A 445 18.27 2.59 11.25
CA LEU A 445 19.21 3.69 11.34
C LEU A 445 18.54 4.97 10.84
N THR A 446 18.15 5.00 9.56
CA THR A 446 17.41 6.16 9.07
C THR A 446 16.46 5.76 7.94
N ALA A 447 15.20 6.16 8.09
CA ALA A 447 14.24 6.17 7.01
C ALA A 447 14.24 7.60 6.44
N THR A 448 14.64 7.75 5.17
CA THR A 448 15.16 9.05 4.80
C THR A 448 14.08 10.11 4.57
N SER A 449 12.89 9.74 4.06
CA SER A 449 11.88 10.78 3.82
C SER A 449 11.43 11.44 5.12
N ARG A 450 11.22 10.63 6.18
CA ARG A 450 10.85 11.21 7.47
C ARG A 450 12.03 11.92 8.14
N THR A 451 13.26 11.39 7.99
CA THR A 451 14.42 12.11 8.51
C THR A 451 14.62 13.43 7.79
N LEU A 452 14.35 13.48 6.48
CA LEU A 452 14.39 14.76 5.74
C LEU A 452 13.37 15.75 6.27
N CYS A 453 12.15 15.30 6.57
CA CYS A 453 11.18 16.17 7.23
C CYS A 453 11.73 16.77 8.52
N CYS A 454 12.37 15.93 9.34
CA CYS A 454 12.90 16.38 10.61
C CYS A 454 14.07 17.34 10.42
N ILE A 455 14.94 17.05 9.45
CA ILE A 455 16.08 17.95 9.18
C ILE A 455 15.58 19.32 8.75
N VAL A 456 14.66 19.37 7.78
CA VAL A 456 14.32 20.69 7.25
C VAL A 456 13.64 21.54 8.30
N GLU A 457 12.88 20.94 9.22
CA GLU A 457 12.26 21.71 10.31
C GLU A 457 13.28 22.22 11.31
N ASN A 458 14.26 21.39 11.67
CA ASN A 458 15.21 21.82 12.69
C ASN A 458 16.28 22.77 12.15
N TYR A 459 16.54 22.75 10.84
CA TYR A 459 17.60 23.56 10.22
C TYR A 459 17.03 24.71 9.40
N GLN A 460 15.74 24.99 9.50
CA GLN A 460 15.13 26.06 8.72
C GLN A 460 15.61 27.43 9.21
N THR A 461 15.62 28.38 8.30
CA THR A 461 15.82 29.79 8.61
C THR A 461 14.71 30.54 7.89
N PRO A 462 14.59 31.87 8.09
CA PRO A 462 13.60 32.61 7.28
C PRO A 462 13.92 32.58 5.79
N GLU A 463 15.14 32.22 5.39
CA GLU A 463 15.56 32.31 4.00
C GLU A 463 15.67 30.94 3.31
N GLY A 464 15.68 29.85 4.06
CA GLY A 464 15.88 28.53 3.47
C GLY A 464 16.22 27.51 4.55
N VAL A 465 17.06 26.55 4.19
CA VAL A 465 17.40 25.43 5.07
C VAL A 465 18.91 25.24 5.07
N ASN A 466 19.52 25.26 6.27
CA ASN A 466 20.92 24.89 6.42
C ASN A 466 21.10 23.38 6.22
N VAL A 467 22.19 23.00 5.56
CA VAL A 467 22.55 21.59 5.44
C VAL A 467 23.33 21.15 6.69
N PRO A 468 22.91 20.08 7.38
CA PRO A 468 23.67 19.61 8.54
C PRO A 468 25.15 19.42 8.20
N GLU A 469 26.01 19.88 9.10
CA GLU A 469 27.44 19.89 8.83
C GLU A 469 27.92 18.54 8.30
N VAL A 470 27.53 17.46 8.96
CA VAL A 470 28.05 16.14 8.60
C VAL A 470 27.59 15.69 7.21
N LEU A 471 26.50 16.25 6.66
CA LEU A 471 26.05 15.88 5.33
C LEU A 471 26.68 16.73 4.22
N GLN A 472 27.32 17.85 4.56
CA GLN A 472 27.81 18.74 3.51
C GLN A 472 28.80 18.07 2.56
N PRO A 473 29.82 17.31 3.02
CA PRO A 473 30.70 16.62 2.05
C PRO A 473 29.97 15.62 1.17
N TYR A 474 28.89 15.03 1.64
CA TYR A 474 28.14 14.07 0.84
C TYR A 474 27.25 14.75 -0.20
N MET A 475 27.21 16.08 -0.21
CA MET A 475 26.43 16.86 -1.16
C MET A 475 27.30 17.84 -1.94
N GLY A 476 28.55 17.47 -2.18
CA GLY A 476 29.45 18.33 -2.93
C GLY A 476 29.71 19.67 -2.29
N GLY A 477 29.60 19.76 -0.96
CA GLY A 477 29.89 20.99 -0.26
C GLY A 477 28.73 21.95 -0.09
N THR A 478 27.54 21.63 -0.58
CA THR A 478 26.41 22.53 -0.44
C THR A 478 26.13 22.82 1.03
N LYS A 479 26.11 24.09 1.41
CA LYS A 479 25.87 24.48 2.79
C LYS A 479 24.45 24.97 3.06
N PHE A 480 23.72 25.39 2.03
CA PHE A 480 22.46 26.08 2.23
C PHE A 480 21.57 25.88 1.01
N ILE A 481 20.29 25.63 1.26
CA ILE A 481 19.27 25.53 0.22
C ILE A 481 18.31 26.70 0.40
N LYS A 482 18.26 27.59 -0.58
CA LYS A 482 17.50 28.83 -0.47
C LYS A 482 16.05 28.62 -0.90
N PHE A 483 15.13 29.26 -0.17
CA PHE A 483 13.73 29.27 -0.59
C PHE A 483 13.60 29.83 -2.00
N LYS A 484 12.75 29.21 -2.80
CA LYS A 484 12.45 29.72 -4.14
C LYS A 484 11.14 30.48 -4.19
N ASN A 485 10.28 30.32 -3.20
CA ASN A 485 9.03 31.05 -3.17
C ASN A 485 8.54 31.19 -1.72
N HIS B 6 -26.16 29.80 11.69
CA HIS B 6 -26.32 29.23 10.37
C HIS B 6 -25.16 28.30 10.02
N HIS B 7 -25.47 27.08 9.59
CA HIS B 7 -24.46 26.09 9.23
C HIS B 7 -24.42 25.94 7.71
N HIS B 8 -23.24 26.12 7.12
CA HIS B 8 -23.11 26.16 5.67
C HIS B 8 -23.06 24.77 5.06
N MET B 9 -23.65 24.65 3.88
CA MET B 9 -23.42 23.51 2.99
C MET B 9 -22.18 23.78 2.15
N LEU B 10 -21.47 22.71 1.82
CA LEU B 10 -20.30 22.82 0.96
C LEU B 10 -20.75 22.76 -0.50
N ASP B 11 -20.69 23.90 -1.21
CA ASP B 11 -20.92 23.92 -2.65
C ASP B 11 -20.03 24.97 -3.28
N ILE B 12 -20.04 25.02 -4.62
CA ILE B 12 -19.07 25.86 -5.33
C ILE B 12 -19.32 27.34 -5.04
N ASN B 13 -20.58 27.71 -4.80
CA ASN B 13 -20.89 29.12 -4.55
C ASN B 13 -20.18 29.65 -3.30
N LEU B 14 -20.00 28.80 -2.28
CA LEU B 14 -19.33 29.23 -1.05
C LEU B 14 -17.87 29.61 -1.26
N PHE B 15 -17.22 29.08 -2.32
CA PHE B 15 -15.83 29.39 -2.62
C PHE B 15 -15.64 30.77 -3.25
N ARG B 16 -16.71 31.42 -3.70
CA ARG B 16 -16.59 32.63 -4.54
C ARG B 16 -16.82 33.85 -3.65
N GLU B 17 -15.73 34.42 -3.13
CA GLU B 17 -15.87 35.49 -2.14
C GLU B 17 -16.52 36.73 -2.72
N TYR B 18 -16.30 37.03 -4.00
CA TYR B 18 -16.90 38.23 -4.58
C TYR B 18 -18.35 38.03 -5.00
N LYS B 19 -18.83 36.80 -5.04
CA LYS B 19 -20.18 36.47 -5.47
C LYS B 19 -21.06 36.00 -4.32
N GLY B 20 -20.80 36.50 -3.12
CA GLY B 20 -21.57 36.16 -1.93
C GLY B 20 -21.08 34.96 -1.15
N GLY B 21 -20.02 34.28 -1.60
CA GLY B 21 -19.47 33.14 -0.89
C GLY B 21 -18.61 33.58 0.28
N ASN B 22 -17.90 32.61 0.83
CA ASN B 22 -17.10 32.80 2.03
C ASN B 22 -16.07 31.68 2.13
N PRO B 23 -15.03 31.71 1.30
CA PRO B 23 -14.09 30.59 1.28
C PRO B 23 -13.34 30.40 2.59
N GLU B 24 -13.18 31.45 3.40
CA GLU B 24 -12.46 31.27 4.66
C GLU B 24 -13.19 30.30 5.58
N ILE B 25 -14.51 30.21 5.46
CA ILE B 25 -15.25 29.19 6.20
C ILE B 25 -14.81 27.80 5.79
N ILE B 26 -14.55 27.61 4.49
CA ILE B 26 -14.08 26.29 4.06
C ILE B 26 -12.65 26.08 4.51
N ARG B 27 -11.81 27.13 4.48
CA ARG B 27 -10.45 26.94 4.96
C ARG B 27 -10.45 26.58 6.44
N GLU B 28 -11.29 27.24 7.24
CA GLU B 28 -11.31 26.96 8.68
CA GLU B 28 -11.36 26.98 8.68
C GLU B 28 -11.83 25.56 8.97
N SER B 29 -12.76 25.06 8.15
CA SER B 29 -13.23 23.68 8.32
C SER B 29 -12.10 22.70 8.02
N GLN B 30 -11.29 22.97 6.99
CA GLN B 30 -10.16 22.09 6.69
C GLN B 30 -9.12 22.11 7.80
N ARG B 31 -8.88 23.28 8.39
CA ARG B 31 -7.94 23.34 9.52
C ARG B 31 -8.46 22.54 10.71
N ARG B 32 -9.75 22.67 11.02
CA ARG B 32 -10.34 21.90 12.12
C ARG B 32 -10.26 20.40 11.83
N ARG B 33 -10.37 20.01 10.57
CA ARG B 33 -10.20 18.60 10.21
C ARG B 33 -8.74 18.17 10.17
N PHE B 34 -7.81 19.11 10.32
CA PHE B 34 -6.38 18.84 10.15
C PHE B 34 -6.13 18.19 8.79
N ALA B 35 -6.74 18.79 7.78
CA ALA B 35 -6.72 18.32 6.41
C ALA B 35 -6.02 19.35 5.53
N ASP B 36 -6.07 19.13 4.21
CA ASP B 36 -5.33 19.96 3.25
C ASP B 36 -6.09 21.25 2.99
N VAL B 37 -5.60 22.35 3.56
CA VAL B 37 -6.22 23.66 3.38
C VAL B 37 -6.06 24.17 1.95
N THR B 38 -4.97 23.80 1.27
CA THR B 38 -4.72 24.31 -0.08
C THR B 38 -5.78 23.89 -1.08
N LEU B 39 -6.58 22.87 -0.78
CA LEU B 39 -7.65 22.50 -1.70
C LEU B 39 -8.62 23.66 -1.93
N VAL B 40 -8.82 24.54 -0.94
CA VAL B 40 -9.77 25.62 -1.12
C VAL B 40 -9.29 26.57 -2.20
N ASP B 41 -8.02 26.98 -2.12
CA ASP B 41 -7.49 27.87 -3.15
C ASP B 41 -7.38 27.18 -4.50
N LYS B 42 -7.09 25.87 -4.54
CA LYS B 42 -7.07 25.17 -5.82
C LYS B 42 -8.44 25.19 -6.50
N VAL B 43 -9.52 24.98 -5.72
CA VAL B 43 -10.85 25.07 -6.32
C VAL B 43 -11.11 26.48 -6.81
N ILE B 44 -10.73 27.50 -6.03
CA ILE B 44 -10.95 28.89 -6.46
C ILE B 44 -10.24 29.16 -7.77
N GLU B 45 -8.97 28.75 -7.87
CA GLU B 45 -8.21 28.98 -9.10
C GLU B 45 -8.86 28.26 -10.28
N LEU B 46 -9.25 26.99 -10.09
CA LEU B 46 -9.84 26.25 -11.20
C LEU B 46 -11.18 26.84 -11.62
N ASP B 47 -11.95 27.35 -10.65
CA ASP B 47 -13.23 27.97 -10.98
C ASP B 47 -13.02 29.26 -11.78
N GLU B 48 -12.00 30.04 -11.43
CA GLU B 48 -11.74 31.27 -12.17
C GLU B 48 -11.32 30.96 -13.61
N VAL B 49 -10.44 29.98 -13.80
CA VAL B 49 -10.04 29.60 -15.15
C VAL B 49 -11.24 29.06 -15.93
N TRP B 50 -12.09 28.28 -15.27
CA TRP B 50 -13.31 27.79 -15.89
C TRP B 50 -14.18 28.93 -16.36
N ARG B 51 -14.45 29.91 -15.49
CA ARG B 51 -15.28 31.05 -15.87
C ARG B 51 -14.63 31.86 -16.97
N ALA B 52 -13.30 32.01 -16.94
CA ALA B 52 -12.62 32.74 -18.00
C ALA B 52 -12.70 32.00 -19.32
N THR B 53 -12.62 30.68 -19.29
CA THR B 53 -12.71 29.90 -20.52
C THR B 53 -14.09 30.04 -21.15
N ILE B 54 -15.14 30.10 -20.32
CA ILE B 54 -16.48 30.39 -20.84
C ILE B 54 -16.53 31.77 -21.46
N GLY B 55 -15.86 32.74 -20.84
CA GLY B 55 -15.83 34.08 -21.40
C GLY B 55 -15.17 34.12 -22.76
N LYS B 56 -14.04 33.39 -22.91
CA LYS B 56 -13.39 33.33 -24.20
C LYS B 56 -14.27 32.62 -25.22
N LEU B 57 -14.94 31.54 -24.81
CA LEU B 57 -15.81 30.80 -25.71
C LEU B 57 -16.96 31.68 -26.21
N ASN B 58 -17.61 32.38 -25.29
CA ASN B 58 -18.71 33.25 -25.70
C ASN B 58 -18.22 34.37 -26.61
N HIS B 59 -17.02 34.88 -26.35
CA HIS B 59 -16.48 35.91 -27.23
C HIS B 59 -16.19 35.36 -28.62
N ILE B 60 -15.69 34.13 -28.71
CA ILE B 60 -15.46 33.52 -30.02
C ILE B 60 -16.79 33.30 -30.72
N LYS B 61 -17.82 32.91 -29.96
CA LYS B 61 -19.13 32.69 -30.55
C LYS B 61 -19.67 33.97 -31.17
N SER B 62 -19.25 35.13 -30.65
CA SER B 62 -19.68 36.40 -31.24
C SER B 62 -19.15 36.57 -32.65
N PHE B 63 -18.02 35.92 -32.99
CA PHE B 63 -17.51 36.02 -34.35
C PHE B 63 -18.54 35.55 -35.35
N THR B 64 -19.33 34.52 -34.99
CA THR B 64 -20.38 34.05 -35.87
C THR B 64 -21.41 35.14 -36.16
N GLY B 65 -21.90 35.80 -35.11
CA GLY B 65 -22.93 36.80 -35.33
C GLY B 65 -22.41 37.99 -36.13
N ILE B 66 -21.20 38.46 -35.83
CA ILE B 66 -20.63 39.55 -36.59
C ILE B 66 -20.32 39.12 -38.03
N ILE B 67 -19.74 37.93 -38.19
CA ILE B 67 -19.35 37.49 -39.54
C ILE B 67 -20.54 36.89 -40.30
N SER B 68 -21.23 35.93 -39.68
CA SER B 68 -22.26 35.19 -40.42
C SER B 68 -23.42 36.08 -40.82
N LYS B 69 -23.71 37.14 -40.06
CA LYS B 69 -24.78 38.04 -40.46
C LYS B 69 -24.44 38.71 -41.79
N GLU B 70 -23.20 39.17 -41.94
CA GLU B 70 -22.75 39.71 -43.22
C GLU B 70 -22.63 38.59 -44.25
N GLN B 116 -15.77 35.59 -50.64
CA GLN B 116 -16.44 34.37 -50.22
C GLN B 116 -15.86 33.88 -48.91
N LEU B 117 -15.66 34.81 -47.97
CA LEU B 117 -15.07 34.50 -46.67
C LEU B 117 -16.03 33.75 -45.74
N LYS B 118 -16.87 32.88 -46.29
CA LYS B 118 -17.78 32.10 -45.44
C LYS B 118 -17.08 30.89 -44.83
N LYS B 119 -16.04 30.38 -45.51
CA LYS B 119 -15.27 29.25 -44.98
C LYS B 119 -14.64 29.60 -43.64
N LEU B 120 -14.27 30.87 -43.47
CA LEU B 120 -13.71 31.34 -42.21
C LEU B 120 -14.62 31.04 -41.04
N SER B 121 -15.93 31.23 -41.22
CA SER B 121 -16.88 30.95 -40.16
C SER B 121 -16.84 29.48 -39.76
N THR B 122 -16.83 28.57 -40.75
CA THR B 122 -16.71 27.15 -40.47
C THR B 122 -15.40 26.82 -39.76
N TYR B 123 -14.29 27.40 -40.23
CA TYR B 123 -13.01 27.19 -39.56
C TYR B 123 -13.06 27.64 -38.10
N ILE B 124 -13.59 28.83 -37.86
CA ILE B 124 -13.71 29.35 -36.51
C ILE B 124 -14.53 28.40 -35.65
N THR B 125 -15.65 27.88 -36.20
CA THR B 125 -16.46 26.92 -35.46
C THR B 125 -15.73 25.60 -35.27
N GLU B 126 -15.10 25.09 -36.33
CA GLU B 126 -14.53 23.75 -36.26
C GLU B 126 -13.26 23.71 -35.42
N VAL B 127 -12.46 24.77 -35.43
CA VAL B 127 -11.14 24.77 -34.80
C VAL B 127 -11.15 25.47 -33.44
N HIS B 128 -11.91 26.56 -33.30
CA HIS B 128 -11.86 27.35 -32.06
C HIS B 128 -13.06 27.15 -31.15
N ILE B 129 -14.30 27.21 -31.68
CA ILE B 129 -15.47 27.07 -30.82
C ILE B 129 -15.57 25.67 -30.23
N LYS B 130 -15.38 24.64 -31.05
CA LYS B 130 -15.39 23.27 -30.52
C LYS B 130 -14.27 23.08 -29.51
N ASN B 131 -13.07 23.59 -29.82
CA ASN B 131 -11.95 23.47 -28.91
C ASN B 131 -12.23 24.15 -27.57
N SER B 132 -12.85 25.35 -27.61
CA SER B 132 -13.17 26.06 -26.38
C SER B 132 -14.26 25.33 -25.59
N GLU B 133 -15.25 24.76 -26.30
CA GLU B 133 -16.31 24.03 -25.63
C GLU B 133 -15.78 22.83 -24.87
N GLU B 134 -14.80 22.12 -25.46
CA GLU B 134 -14.20 20.97 -24.79
C GLU B 134 -13.37 21.43 -23.60
N GLU B 135 -12.70 22.58 -23.74
CA GLU B 135 -11.88 23.09 -22.65
C GLU B 135 -12.73 23.49 -21.45
N VAL B 136 -13.95 24.00 -21.68
CA VAL B 136 -14.87 24.32 -20.58
C VAL B 136 -15.28 23.06 -19.82
N LYS B 137 -15.63 21.99 -20.56
CA LYS B 137 -16.05 20.77 -19.90
C LYS B 137 -14.92 20.18 -19.08
N GLN B 138 -13.70 20.22 -19.61
CA GLN B 138 -12.54 19.70 -18.89
C GLN B 138 -12.27 20.51 -17.63
N LYS B 139 -12.33 21.83 -17.70
CA LYS B 139 -12.04 22.65 -16.52
C LYS B 139 -13.11 22.50 -15.46
N GLU B 140 -14.36 22.33 -15.86
CA GLU B 140 -15.43 22.09 -14.90
C GLU B 140 -15.22 20.77 -14.17
N LYS B 141 -14.88 19.71 -14.90
CA LYS B 141 -14.60 18.43 -14.25
C LYS B 141 -13.38 18.54 -13.36
N GLU B 142 -12.36 19.28 -13.79
CA GLU B 142 -11.16 19.41 -12.97
C GLU B 142 -11.48 20.12 -11.66
N ARG B 143 -12.27 21.20 -11.73
CA ARG B 143 -12.68 21.91 -10.53
C ARG B 143 -13.52 21.01 -9.63
N ASP B 144 -14.51 20.33 -10.19
CA ASP B 144 -15.40 19.49 -9.40
C ASP B 144 -14.67 18.32 -8.77
N ASP B 145 -13.62 17.81 -9.41
CA ASP B 145 -12.89 16.68 -8.84
C ASP B 145 -12.11 17.10 -7.60
N VAL B 146 -11.56 18.32 -7.58
CA VAL B 146 -10.88 18.78 -6.37
C VAL B 146 -11.91 19.06 -5.27
N LEU B 147 -13.05 19.65 -5.64
CA LEU B 147 -14.08 19.97 -4.66
C LEU B 147 -14.54 18.71 -3.92
N LEU B 148 -14.63 17.58 -4.63
CA LEU B 148 -15.06 16.33 -4.01
C LEU B 148 -14.09 15.85 -2.94
N GLN B 149 -12.87 16.38 -2.91
CA GLN B 149 -11.87 15.96 -1.91
C GLN B 149 -11.99 16.72 -0.60
N ILE B 150 -12.76 17.80 -0.56
CA ILE B 150 -12.87 18.60 0.65
C ILE B 150 -13.95 18.02 1.54
N GLY B 151 -13.67 17.95 2.85
CA GLY B 151 -14.65 17.39 3.77
C GLY B 151 -15.82 18.32 4.05
N ASN B 152 -16.90 17.74 4.58
CA ASN B 152 -18.08 18.51 4.94
C ASN B 152 -17.73 19.59 5.95
N ILE B 153 -18.48 20.70 5.92
CA ILE B 153 -18.24 21.81 6.85
C ILE B 153 -18.46 21.31 8.27
N VAL B 154 -17.45 21.44 9.13
CA VAL B 154 -17.54 21.00 10.51
C VAL B 154 -18.43 21.95 11.30
N HIS B 155 -19.34 21.40 12.09
CA HIS B 155 -20.26 22.25 12.86
C HIS B 155 -19.50 23.00 13.95
N GLU B 156 -20.01 24.19 14.29
CA GLU B 156 -19.34 25.08 15.24
C GLU B 156 -19.28 24.49 16.64
N THR B 157 -20.20 23.58 16.99
CA THR B 157 -20.19 22.99 18.34
C THR B 157 -19.24 21.81 18.47
N VAL B 158 -18.51 21.45 17.40
CA VAL B 158 -17.61 20.30 17.44
C VAL B 158 -16.33 20.71 18.15
N VAL B 159 -15.85 19.86 19.07
CA VAL B 159 -14.56 20.13 19.73
C VAL B 159 -13.45 20.10 18.69
N VAL B 160 -12.64 21.14 18.65
CA VAL B 160 -11.56 21.28 17.68
C VAL B 160 -10.30 20.64 18.25
N SER B 161 -9.89 19.51 17.68
CA SER B 161 -8.68 18.84 18.14
C SER B 161 -8.37 17.69 17.18
N ASP B 162 -7.10 17.31 17.15
CA ASP B 162 -6.65 16.16 16.38
C ASP B 162 -6.54 14.89 17.23
N ASN B 163 -6.83 14.98 18.53
CA ASN B 163 -6.65 13.86 19.46
C ASN B 163 -7.97 13.53 20.13
N GLU B 164 -8.43 12.27 19.97
CA GLU B 164 -9.70 11.88 20.58
C GLU B 164 -9.67 11.85 22.10
N ASP B 165 -8.49 11.92 22.72
CA ASP B 165 -8.45 12.14 24.16
C ASP B 165 -9.22 13.39 24.54
N ASN B 166 -9.40 14.33 23.61
CA ASN B 166 -10.13 15.55 23.90
C ASN B 166 -11.59 15.50 23.47
N ASN B 167 -12.10 14.32 23.12
CA ASN B 167 -13.54 14.18 22.91
C ASN B 167 -14.27 14.79 24.09
N GLY B 168 -15.26 15.63 23.81
CA GLY B 168 -15.96 16.32 24.88
C GLY B 168 -16.93 15.38 25.57
N ILE B 169 -16.85 15.32 26.90
CA ILE B 169 -17.80 14.54 27.68
C ILE B 169 -19.07 15.40 27.86
N VAL B 170 -20.13 15.03 27.15
CA VAL B 170 -21.33 15.89 27.13
C VAL B 170 -22.17 15.66 28.38
N ARG B 171 -22.40 14.40 28.74
CA ARG B 171 -23.18 14.08 29.93
C ARG B 171 -22.97 12.61 30.24
N MET B 172 -23.25 12.24 31.48
CA MET B 172 -23.15 10.87 31.94
C MET B 172 -24.47 10.50 32.59
N VAL B 173 -24.98 9.30 32.27
CA VAL B 173 -26.30 8.89 32.75
C VAL B 173 -26.18 7.47 33.31
N GLY B 174 -26.64 7.27 34.54
CA GLY B 174 -26.73 5.94 35.12
C GLY B 174 -25.87 5.82 36.36
N ASN B 175 -25.87 4.60 36.91
CA ASN B 175 -25.15 4.31 38.14
CA ASN B 175 -25.16 4.29 38.15
C ASN B 175 -24.26 3.09 37.89
N PRO B 176 -23.04 3.33 37.42
CA PRO B 176 -22.18 2.21 37.00
C PRO B 176 -21.75 1.37 38.20
N ARG B 177 -21.96 0.07 38.11
CA ARG B 177 -21.55 -0.78 39.23
C ARG B 177 -20.04 -0.76 39.35
N PRO B 178 -19.51 -0.83 40.57
CA PRO B 178 -18.05 -0.86 40.75
C PRO B 178 -17.48 -2.13 40.16
N LYS B 179 -16.23 -2.03 39.69
CA LYS B 179 -15.55 -3.19 39.14
C LYS B 179 -15.35 -4.26 40.20
N VAL B 180 -15.14 -3.85 41.45
CA VAL B 180 -14.97 -4.74 42.59
C VAL B 180 -16.10 -4.50 43.57
N ASP B 181 -16.82 -5.56 43.92
CA ASP B 181 -17.90 -5.41 44.88
C ASP B 181 -17.37 -4.91 46.22
N PRO B 182 -17.87 -3.79 46.74
CA PRO B 182 -17.31 -3.24 47.98
C PRO B 182 -17.45 -4.15 49.19
N GLU B 183 -18.43 -5.04 49.22
CA GLU B 183 -18.60 -5.88 50.40
C GLU B 183 -17.95 -7.25 50.29
N THR B 184 -17.98 -7.86 49.11
CA THR B 184 -17.50 -9.23 48.96
C THR B 184 -16.14 -9.31 48.29
N GLY B 185 -15.69 -8.24 47.64
CA GLY B 185 -14.50 -8.28 46.86
C GLY B 185 -14.63 -8.97 45.51
N TYR B 186 -15.85 -9.40 45.13
CA TYR B 186 -16.00 -10.11 43.86
C TYR B 186 -15.70 -9.15 42.72
N LYS B 187 -14.73 -9.51 41.88
CA LYS B 187 -14.31 -8.69 40.75
C LYS B 187 -15.12 -9.06 39.51
N CYS B 188 -15.70 -8.05 38.86
CA CYS B 188 -16.50 -8.28 37.66
C CYS B 188 -15.64 -8.96 36.60
N LEU B 189 -16.20 -10.01 36.01
CA LEU B 189 -15.54 -10.70 34.93
C LEU B 189 -15.77 -9.95 33.62
N LYS B 190 -14.89 -10.22 32.67
CA LYS B 190 -14.95 -9.74 31.30
C LYS B 190 -15.98 -10.53 30.48
N HIS B 191 -16.53 -9.89 29.43
CA HIS B 191 -17.59 -10.54 28.65
C HIS B 191 -17.20 -11.91 28.10
N ILE B 192 -15.97 -12.08 27.60
CA ILE B 192 -15.64 -13.36 26.96
C ILE B 192 -15.66 -14.50 27.98
N ASP B 193 -15.14 -14.26 29.20
CA ASP B 193 -15.14 -15.30 30.23
C ASP B 193 -16.56 -15.61 30.68
N ILE B 194 -17.40 -14.58 30.83
CA ILE B 194 -18.80 -14.80 31.19
C ILE B 194 -19.48 -15.68 30.14
N MET B 195 -19.36 -15.31 28.86
CA MET B 195 -20.07 -16.04 27.81
C MET B 195 -19.58 -17.48 27.72
N ARG B 196 -18.29 -17.71 27.95
CA ARG B 196 -17.79 -19.08 27.99
C ARG B 196 -18.32 -19.84 29.20
N LYS B 197 -18.40 -19.19 30.36
CA LYS B 197 -18.93 -19.87 31.54
C LYS B 197 -20.41 -20.19 31.37
N LEU B 198 -21.13 -19.40 30.59
CA LEU B 198 -22.51 -19.73 30.26
C LEU B 198 -22.62 -20.86 29.24
N GLY B 199 -21.51 -21.26 28.61
CA GLY B 199 -21.57 -22.22 27.51
C GLY B 199 -22.18 -21.68 26.24
N GLY B 200 -22.15 -20.36 26.04
CA GLY B 200 -22.86 -19.80 24.91
C GLY B 200 -21.98 -19.28 23.79
N LEU B 201 -20.66 -19.44 23.89
CA LEU B 201 -19.76 -18.81 22.93
C LEU B 201 -18.68 -19.78 22.53
N ALA B 202 -18.53 -20.01 21.23
CA ALA B 202 -17.52 -20.92 20.72
C ALA B 202 -16.61 -20.18 19.74
N THR B 203 -15.55 -19.56 20.26
CA THR B 203 -14.56 -18.92 19.39
C THR B 203 -13.63 -19.94 18.74
N GLU B 204 -13.44 -21.10 19.37
CA GLU B 204 -12.53 -22.10 18.81
C GLU B 204 -13.08 -22.68 17.51
N GLU B 205 -14.28 -23.26 17.56
CA GLU B 205 -14.94 -23.67 16.32
C GLU B 205 -15.18 -22.48 15.41
N GLY B 206 -15.49 -21.32 16.00
CA GLY B 206 -15.77 -20.15 15.19
C GLY B 206 -14.63 -19.78 14.26
N THR B 207 -13.40 -19.78 14.79
CA THR B 207 -12.26 -19.39 13.96
C THR B 207 -11.84 -20.51 13.03
N GLN B 208 -11.90 -21.75 13.49
CA GLN B 208 -11.65 -22.88 12.59
C GLN B 208 -12.60 -22.86 11.40
N VAL B 209 -13.87 -22.57 11.64
CA VAL B 209 -14.85 -22.59 10.55
C VAL B 209 -14.80 -21.28 9.76
N GLY B 210 -14.73 -20.13 10.44
CA GLY B 210 -14.95 -18.86 9.75
C GLY B 210 -13.74 -17.94 9.58
N GLY B 211 -12.55 -18.35 10.05
CA GLY B 211 -11.38 -17.47 10.01
C GLY B 211 -11.27 -16.60 11.25
N GLY B 212 -10.37 -15.62 11.18
CA GLY B 212 -10.12 -14.77 12.36
C GLY B 212 -11.39 -14.09 12.85
N ARG B 213 -11.50 -13.96 14.17
CA ARG B 213 -12.64 -13.38 14.89
C ARG B 213 -13.94 -14.15 14.67
N GLY B 214 -13.91 -15.30 14.01
CA GLY B 214 -15.14 -16.04 13.76
C GLY B 214 -15.72 -16.62 15.05
N TYR B 215 -17.06 -16.71 15.12
CA TYR B 215 -17.66 -17.20 16.36
C TYR B 215 -18.98 -17.90 16.09
N PHE B 216 -19.30 -18.90 16.92
CA PHE B 216 -20.66 -19.41 17.07
C PHE B 216 -21.22 -18.91 18.40
N LEU B 217 -22.51 -18.63 18.42
CA LEU B 217 -23.27 -18.37 19.65
C LEU B 217 -24.28 -19.49 19.81
N LEU B 218 -24.51 -19.93 21.05
CA LEU B 218 -25.40 -21.05 21.33
C LEU B 218 -26.33 -20.76 22.50
N GLY B 219 -27.54 -21.31 22.43
CA GLY B 219 -28.42 -21.35 23.60
C GLY B 219 -28.98 -20.01 23.99
N ASP B 220 -29.03 -19.75 25.31
CA ASP B 220 -29.74 -18.57 25.78
C ASP B 220 -29.06 -17.28 25.35
N LEU B 221 -27.74 -17.30 25.12
CA LEU B 221 -27.10 -16.11 24.56
C LEU B 221 -27.64 -15.77 23.19
N VAL B 222 -27.94 -16.79 22.37
CA VAL B 222 -28.62 -16.53 21.10
C VAL B 222 -29.96 -15.86 21.36
N ARG B 223 -30.74 -16.42 22.29
CA ARG B 223 -32.06 -15.84 22.55
C ARG B 223 -31.95 -14.39 23.02
N MET B 224 -30.91 -14.07 23.81
CA MET B 224 -30.74 -12.67 24.23
C MET B 224 -30.28 -11.80 23.07
N ASN B 225 -29.43 -12.35 22.20
CA ASN B 225 -29.01 -11.62 21.00
C ASN B 225 -30.23 -11.25 20.15
N LEU B 226 -31.12 -12.21 19.96
CA LEU B 226 -32.36 -11.99 19.21
C LEU B 226 -33.30 -11.03 19.95
N ALA B 227 -33.39 -11.15 21.29
CA ALA B 227 -34.26 -10.25 22.05
C ALA B 227 -33.85 -8.79 21.84
N LEU B 228 -32.54 -8.52 21.79
CA LEU B 228 -32.06 -7.16 21.57
C LEU B 228 -32.56 -6.64 20.24
N GLN B 229 -32.47 -7.46 19.19
CA GLN B 229 -32.90 -7.02 17.87
C GLN B 229 -34.39 -6.76 17.84
N ASN B 230 -35.19 -7.73 18.34
CA ASN B 230 -36.64 -7.57 18.30
C ASN B 230 -37.12 -6.38 19.13
N TYR B 231 -36.57 -6.22 20.33
CA TYR B 231 -36.97 -5.09 21.17
C TYR B 231 -36.58 -3.77 20.52
N ALA B 232 -35.37 -3.69 19.94
CA ALA B 232 -34.93 -2.46 19.26
C ALA B 232 -35.88 -2.08 18.12
N ILE B 233 -36.29 -3.07 17.31
CA ILE B 233 -37.17 -2.79 16.18
C ILE B 233 -38.54 -2.31 16.68
N ASP B 234 -39.09 -2.95 17.72
CA ASP B 234 -40.34 -2.47 18.33
C ASP B 234 -40.17 -1.06 18.89
N PHE B 235 -39.05 -0.83 19.57
CA PHE B 235 -38.76 0.48 20.18
C PHE B 235 -38.82 1.59 19.14
N LEU B 236 -38.16 1.38 18.00
CA LEU B 236 -38.15 2.42 16.97
C LEU B 236 -39.49 2.51 16.25
N ALA B 237 -40.19 1.38 16.09
CA ALA B 237 -41.51 1.42 15.46
C ALA B 237 -42.46 2.33 16.22
N LYS B 238 -42.45 2.27 17.57
CA LYS B 238 -43.30 3.16 18.34
C LYS B 238 -42.94 4.63 18.15
N LYS B 239 -41.73 4.93 17.72
CA LYS B 239 -41.33 6.30 17.41
C LYS B 239 -41.53 6.66 15.94
N GLY B 240 -42.22 5.83 15.17
CA GLY B 240 -42.48 6.15 13.78
C GLY B 240 -41.38 5.80 12.79
N TYR B 241 -40.42 4.95 13.18
CA TYR B 241 -39.38 4.52 12.24
C TYR B 241 -39.83 3.27 11.51
N MET B 242 -39.96 3.35 10.18
CA MET B 242 -40.41 2.20 9.40
C MET B 242 -39.32 1.14 9.26
N PRO B 243 -39.59 -0.12 9.58
CA PRO B 243 -38.58 -1.16 9.40
C PRO B 243 -38.27 -1.37 7.93
N ILE B 244 -37.00 -1.60 7.62
CA ILE B 244 -36.58 -1.85 6.25
C ILE B 244 -35.46 -2.88 6.27
N TYR B 245 -35.61 -3.93 5.48
CA TYR B 245 -34.61 -4.98 5.32
C TYR B 245 -33.96 -4.80 3.95
N THR B 246 -32.62 -4.80 3.90
CA THR B 246 -31.87 -4.39 2.72
C THR B 246 -31.09 -5.53 2.07
N PRO B 247 -30.68 -5.37 0.79
CA PRO B 247 -29.60 -6.23 0.28
C PRO B 247 -28.38 -6.09 1.17
N PHE B 248 -27.67 -7.18 1.34
CA PHE B 248 -26.36 -7.11 2.01
C PHE B 248 -25.23 -6.99 1.01
N PHE B 249 -25.53 -7.03 -0.31
CA PHE B 249 -24.58 -6.76 -1.38
C PHE B 249 -24.84 -5.37 -1.94
N MET B 250 -23.77 -4.69 -2.36
CA MET B 250 -23.96 -3.46 -3.13
C MET B 250 -23.01 -3.42 -4.32
N THR B 251 -23.51 -2.93 -5.45
CA THR B 251 -22.64 -2.76 -6.60
C THR B 251 -21.62 -1.67 -6.32
N LYS B 252 -20.50 -1.76 -7.03
CA LYS B 252 -19.41 -0.81 -6.82
C LYS B 252 -19.86 0.60 -7.17
N GLU B 253 -20.67 0.75 -8.22
CA GLU B 253 -21.10 2.08 -8.62
C GLU B 253 -21.92 2.74 -7.53
N GLN B 254 -22.82 1.99 -6.88
CA GLN B 254 -23.58 2.57 -5.78
C GLN B 254 -22.75 2.71 -4.51
N MET B 255 -21.94 1.70 -4.16
CA MET B 255 -21.14 1.83 -2.93
C MET B 255 -20.23 3.04 -2.98
N LYS B 256 -19.70 3.37 -4.16
CA LYS B 256 -18.80 4.51 -4.27
C LYS B 256 -19.49 5.83 -3.91
N LYS B 257 -20.82 5.88 -3.98
CA LYS B 257 -21.57 7.09 -3.65
CA LYS B 257 -21.53 7.11 -3.64
C LYS B 257 -21.79 7.26 -2.14
N VAL B 258 -21.66 6.20 -1.36
CA VAL B 258 -21.96 6.23 0.07
C VAL B 258 -20.77 5.90 0.95
N ALA B 259 -19.59 5.68 0.38
CA ALA B 259 -18.42 5.27 1.14
C ALA B 259 -17.20 6.00 0.60
N GLN B 260 -16.29 6.39 1.48
CA GLN B 260 -15.08 7.01 0.97
C GLN B 260 -14.05 5.93 0.58
N LEU B 261 -13.08 6.35 -0.23
CA LEU B 261 -12.20 5.40 -0.88
C LEU B 261 -11.42 4.56 0.13
N SER B 262 -11.11 5.11 1.31
CA SER B 262 -10.36 4.34 2.30
C SER B 262 -11.18 3.18 2.87
N GLN B 263 -12.51 3.29 2.86
CA GLN B 263 -13.32 2.17 3.36
C GLN B 263 -13.14 0.92 2.51
N PHE B 264 -12.86 1.07 1.21
CA PHE B 264 -12.72 -0.12 0.39
C PHE B 264 -11.53 -0.97 0.83
N ASP B 265 -10.45 -0.34 1.30
CA ASP B 265 -9.30 -1.13 1.72
C ASP B 265 -9.41 -1.59 3.17
N GLU B 266 -9.94 -0.75 4.06
CA GLU B 266 -9.93 -1.07 5.48
C GLU B 266 -11.15 -1.89 5.91
N GLU B 267 -12.28 -1.70 5.24
CA GLU B 267 -13.56 -2.10 5.80
C GLU B 267 -14.35 -3.10 4.96
N LEU B 268 -14.40 -2.93 3.64
CA LEU B 268 -15.41 -3.61 2.81
C LEU B 268 -14.87 -4.89 2.19
N TYR B 269 -15.54 -6.00 2.47
CA TYR B 269 -15.26 -7.23 1.73
C TYR B 269 -15.78 -7.12 0.31
N THR B 270 -15.10 -7.80 -0.62
CA THR B 270 -15.56 -7.96 -1.99
C THR B 270 -16.23 -9.33 -2.12
N VAL B 271 -17.34 -9.39 -2.86
CA VAL B 271 -18.05 -10.64 -3.10
CA VAL B 271 -18.07 -10.64 -3.10
C VAL B 271 -18.13 -10.87 -4.60
N THR B 272 -17.74 -12.08 -5.03
CA THR B 272 -17.64 -12.39 -6.45
C THR B 272 -18.32 -13.71 -6.78
N GLY B 273 -18.70 -13.87 -8.05
CA GLY B 273 -19.18 -15.13 -8.54
C GLY B 273 -20.48 -15.05 -9.33
N GLU B 274 -21.26 -13.98 -9.14
CA GLU B 274 -22.50 -13.80 -9.90
C GLU B 274 -22.56 -12.36 -10.35
N GLY B 275 -22.67 -12.16 -11.67
CA GLY B 275 -22.67 -10.81 -12.20
C GLY B 275 -21.35 -10.12 -11.87
N GLU B 276 -21.41 -8.79 -11.74
CA GLU B 276 -20.24 -8.00 -11.40
C GLU B 276 -19.85 -8.19 -9.94
N ASP B 277 -18.56 -8.02 -9.67
CA ASP B 277 -18.08 -8.00 -8.29
C ASP B 277 -18.85 -6.96 -7.49
N LYS B 278 -19.15 -7.30 -6.24
CA LYS B 278 -19.95 -6.46 -5.35
C LYS B 278 -19.24 -6.36 -4.00
N TYR B 279 -19.78 -5.53 -3.11
CA TYR B 279 -19.25 -5.37 -1.76
C TYR B 279 -20.28 -5.81 -0.74
N LEU B 280 -19.81 -6.46 0.33
CA LEU B 280 -20.68 -6.66 1.50
C LEU B 280 -20.85 -5.34 2.23
N ILE B 281 -22.07 -5.06 2.72
CA ILE B 281 -22.30 -3.81 3.42
C ILE B 281 -21.66 -3.85 4.80
N ALA B 282 -21.12 -2.71 5.22
CA ALA B 282 -20.61 -2.54 6.57
C ALA B 282 -21.68 -2.06 7.55
N THR B 283 -22.82 -1.59 7.04
CA THR B 283 -23.91 -1.02 7.85
C THR B 283 -25.11 -0.80 6.92
N SER B 284 -26.33 -0.98 7.46
CA SER B 284 -27.50 -0.75 6.64
C SER B 284 -27.62 0.70 6.18
N GLU B 285 -26.89 1.64 6.82
CA GLU B 285 -26.84 3.01 6.34
C GLU B 285 -26.46 3.07 4.86
N GLN B 286 -25.57 2.18 4.42
CA GLN B 286 -25.08 2.25 3.04
C GLN B 286 -26.18 1.93 2.02
N PRO B 287 -26.86 0.77 2.09
CA PRO B 287 -27.95 0.54 1.13
C PRO B 287 -29.18 1.40 1.35
N ILE B 288 -29.49 1.79 2.58
CA ILE B 288 -30.66 2.64 2.80
C ILE B 288 -30.43 4.02 2.20
N ALA B 289 -29.22 4.56 2.31
CA ALA B 289 -28.92 5.80 1.60
C ALA B 289 -29.09 5.62 0.09
N ALA B 290 -28.51 4.55 -0.45
CA ALA B 290 -28.58 4.32 -1.90
C ALA B 290 -30.01 4.08 -2.36
N PHE B 291 -30.88 3.59 -1.48
CA PHE B 291 -32.32 3.44 -1.80
C PHE B 291 -32.92 4.75 -2.28
N HIS B 292 -32.34 5.89 -1.90
CA HIS B 292 -32.91 7.18 -2.25
C HIS B 292 -32.30 7.78 -3.51
N LEU B 293 -31.48 7.02 -4.23
CA LEU B 293 -30.82 7.48 -5.44
C LEU B 293 -31.78 8.19 -6.39
N GLU B 294 -31.42 9.42 -6.77
CA GLU B 294 -32.11 10.19 -7.81
C GLU B 294 -33.58 10.44 -7.49
N LYS B 295 -33.95 10.49 -6.22
CA LYS B 295 -35.33 10.84 -5.85
C LYS B 295 -35.41 12.30 -5.43
N ARG B 296 -36.63 12.85 -5.49
CA ARG B 296 -36.88 14.22 -5.09
C ARG B 296 -38.02 14.20 -4.07
N PHE B 297 -37.88 14.97 -3.00
CA PHE B 297 -38.88 14.98 -1.95
C PHE B 297 -39.31 16.42 -1.64
N ASP B 298 -40.62 16.62 -1.53
CA ASP B 298 -41.17 17.89 -1.10
C ASP B 298 -41.14 17.96 0.41
N GLU B 299 -41.32 19.18 0.92
CA GLU B 299 -41.37 19.40 2.36
C GLU B 299 -42.38 18.50 3.04
N SER B 300 -43.56 18.31 2.43
CA SER B 300 -44.60 17.50 3.04
C SER B 300 -44.24 16.02 3.13
N GLU B 301 -43.23 15.57 2.38
CA GLU B 301 -42.83 14.17 2.39
C GLU B 301 -41.66 13.92 3.33
N LEU B 302 -41.27 14.92 4.11
CA LEU B 302 -40.13 14.82 5.00
C LEU B 302 -40.55 15.18 6.43
N PRO B 303 -39.92 14.57 7.45
CA PRO B 303 -38.77 13.67 7.34
C PRO B 303 -39.17 12.23 7.02
N ILE B 304 -38.21 11.45 6.55
CA ILE B 304 -38.36 10.02 6.29
C ILE B 304 -37.53 9.28 7.32
N LYS B 305 -38.16 8.41 8.12
CA LYS B 305 -37.51 7.75 9.24
C LYS B 305 -37.52 6.24 9.00
N TYR B 306 -36.34 5.63 9.01
CA TYR B 306 -36.22 4.19 8.76
C TYR B 306 -35.55 3.52 9.95
N CYS B 307 -36.03 2.34 10.28
CA CYS B 307 -35.41 1.47 11.27
C CYS B 307 -34.66 0.41 10.46
N GLY B 308 -33.38 0.64 10.24
CA GLY B 308 -32.60 -0.28 9.43
C GLY B 308 -32.17 -1.50 10.23
N MET B 309 -32.19 -2.64 9.54
CA MET B 309 -31.79 -3.91 10.12
C MET B 309 -30.99 -4.71 9.09
N SER B 310 -29.86 -5.21 9.52
CA SER B 310 -29.06 -6.07 8.65
C SER B 310 -27.98 -6.74 9.48
N THR B 311 -27.41 -7.81 8.93
CA THR B 311 -26.07 -8.20 9.30
C THR B 311 -25.12 -7.23 8.64
N CYS B 312 -23.99 -6.97 9.29
CA CYS B 312 -22.98 -6.02 8.84
C CYS B 312 -21.65 -6.76 8.77
N PHE B 313 -20.84 -6.40 7.79
CA PHE B 313 -19.61 -7.13 7.55
C PHE B 313 -18.46 -6.14 7.48
N ARG B 314 -17.40 -6.39 8.25
CA ARG B 314 -16.30 -5.43 8.34
C ARG B 314 -14.95 -6.14 8.39
N LYS B 315 -14.04 -5.74 7.51
CA LYS B 315 -12.73 -6.39 7.45
C LYS B 315 -11.87 -6.06 8.66
N GLU B 316 -12.06 -4.89 9.28
CA GLU B 316 -11.29 -4.47 10.46
C GLU B 316 -9.78 -4.55 10.22
N VAL B 317 -9.36 -4.22 8.99
CA VAL B 317 -7.93 -4.30 8.67
C VAL B 317 -7.13 -3.34 9.55
N GLY B 318 -7.68 -2.16 9.80
CA GLY B 318 -6.95 -1.24 10.65
C GLY B 318 -6.84 -1.66 12.10
N ALA B 319 -7.60 -2.68 12.50
CA ALA B 319 -7.71 -3.03 13.92
C ALA B 319 -7.18 -4.43 14.22
N HIS B 320 -6.33 -4.97 13.36
CA HIS B 320 -5.64 -6.21 13.70
C HIS B 320 -4.90 -6.03 15.01
N GLY B 321 -4.99 -7.03 15.87
CA GLY B 321 -4.42 -6.96 17.20
C GLY B 321 -5.21 -6.17 18.22
N LYS B 322 -6.31 -5.52 17.83
CA LYS B 322 -7.14 -4.76 18.75
C LYS B 322 -8.43 -5.51 19.08
N ASP B 323 -8.79 -5.51 20.36
CA ASP B 323 -10.05 -6.10 20.83
C ASP B 323 -10.19 -7.53 20.33
N THR B 324 -9.19 -8.37 20.58
CA THR B 324 -9.14 -9.70 20.00
C THR B 324 -9.88 -10.76 20.81
N LEU B 325 -10.42 -10.42 21.97
CA LEU B 325 -11.06 -11.41 22.83
C LEU B 325 -12.58 -11.28 22.73
N GLY B 326 -13.25 -12.33 22.27
CA GLY B 326 -14.70 -12.34 22.27
C GLY B 326 -15.35 -11.66 21.07
N ILE B 327 -16.56 -11.17 21.27
CA ILE B 327 -17.40 -10.69 20.17
C ILE B 327 -17.69 -9.19 20.27
N PHE B 328 -16.83 -8.46 21.00
CA PHE B 328 -16.88 -7.00 21.04
C PHE B 328 -16.52 -6.40 19.67
N ARG B 329 -15.47 -6.91 19.03
CA ARG B 329 -15.06 -6.47 17.70
C ARG B 329 -14.94 -7.71 16.80
N VAL B 330 -15.84 -7.84 15.84
CA VAL B 330 -15.93 -9.01 14.98
C VAL B 330 -16.06 -8.53 13.53
N HIS B 331 -16.06 -9.50 12.60
CA HIS B 331 -16.28 -9.18 11.19
C HIS B 331 -17.75 -9.23 10.80
N GLN B 332 -18.61 -9.75 11.67
CA GLN B 332 -19.99 -10.06 11.31
C GLN B 332 -20.86 -9.85 12.54
N PHE B 333 -21.85 -8.96 12.43
CA PHE B 333 -22.74 -8.67 13.56
C PHE B 333 -24.02 -8.06 13.02
N GLU B 334 -25.11 -8.18 13.78
CA GLU B 334 -26.37 -7.54 13.43
C GLU B 334 -26.46 -6.16 14.10
N LYS B 335 -27.09 -5.22 13.40
CA LYS B 335 -27.19 -3.87 13.91
C LYS B 335 -28.54 -3.30 13.53
N ILE B 336 -29.21 -2.71 14.51
CA ILE B 336 -30.45 -1.98 14.32
C ILE B 336 -30.09 -0.51 14.25
N GLU B 337 -30.48 0.16 13.16
CA GLU B 337 -29.97 1.48 12.79
C GLU B 337 -31.10 2.49 12.61
N GLN B 338 -30.93 3.68 13.19
CA GLN B 338 -31.81 4.81 12.85
C GLN B 338 -31.24 5.51 11.62
N PHE B 339 -32.09 5.76 10.61
CA PHE B 339 -31.67 6.44 9.38
C PHE B 339 -32.75 7.43 9.02
N VAL B 340 -32.39 8.71 8.85
CA VAL B 340 -33.40 9.76 8.64
C VAL B 340 -32.97 10.67 7.49
N VAL B 341 -33.93 10.97 6.61
CA VAL B 341 -33.83 12.02 5.59
C VAL B 341 -34.66 13.21 6.05
N THR B 342 -34.08 14.42 6.06
CA THR B 342 -34.83 15.61 6.46
C THR B 342 -34.76 16.69 5.39
N SER B 343 -35.66 17.65 5.55
CA SER B 343 -35.58 18.90 4.82
C SER B 343 -34.25 19.59 5.12
N PRO B 344 -33.71 20.36 4.17
CA PRO B 344 -32.52 21.17 4.47
C PRO B 344 -32.81 22.50 5.15
N LYS B 345 -34.07 22.80 5.48
CA LYS B 345 -34.47 24.10 6.00
C LYS B 345 -34.41 24.16 7.52
N ASP B 346 -34.28 25.39 8.04
CA ASP B 346 -34.62 25.74 9.43
C ASP B 346 -33.98 24.86 10.49
N ASN B 347 -32.70 24.51 10.30
CA ASN B 347 -31.96 23.67 11.25
C ASN B 347 -32.70 22.37 11.58
N LYS B 348 -33.54 21.90 10.67
CA LYS B 348 -34.30 20.68 10.95
C LYS B 348 -33.39 19.48 11.14
N SER B 349 -32.29 19.39 10.37
CA SER B 349 -31.44 18.22 10.56
C SER B 349 -30.73 18.26 11.90
N TRP B 350 -30.38 19.45 12.41
CA TRP B 350 -29.76 19.55 13.73
C TRP B 350 -30.74 19.19 14.84
N GLU B 351 -32.02 19.58 14.70
CA GLU B 351 -33.03 19.10 15.64
C GLU B 351 -33.18 17.58 15.57
N MET B 352 -33.10 17.02 14.36
CA MET B 352 -33.25 15.57 14.24
C MET B 352 -32.06 14.84 14.87
N PHE B 353 -30.85 15.39 14.74
CA PHE B 353 -29.66 14.84 15.38
C PHE B 353 -29.89 14.67 16.89
N ASP B 354 -30.38 15.73 17.53
CA ASP B 354 -30.66 15.66 18.97
C ASP B 354 -31.71 14.60 19.26
N GLU B 355 -32.72 14.50 18.40
CA GLU B 355 -33.78 13.51 18.59
C GLU B 355 -33.24 12.09 18.48
N MET B 356 -32.31 11.86 17.53
CA MET B 356 -31.78 10.52 17.30
C MET B 356 -30.85 10.07 18.43
N ILE B 357 -29.94 10.95 18.89
CA ILE B 357 -29.12 10.56 20.04
C ILE B 357 -30.01 10.39 21.27
N GLY B 358 -31.09 11.16 21.38
CA GLY B 358 -32.02 10.99 22.48
C GLY B 358 -32.71 9.64 22.45
N ASN B 359 -33.09 9.16 21.27
CA ASN B 359 -33.67 7.83 21.12
C ASN B 359 -32.71 6.76 21.61
N SER B 360 -31.44 6.84 21.21
CA SER B 360 -30.46 5.85 21.63
C SER B 360 -30.25 5.88 23.13
N GLU B 361 -30.20 7.09 23.70
CA GLU B 361 -30.07 7.24 25.15
C GLU B 361 -31.25 6.60 25.88
N ALA B 362 -32.48 6.87 25.45
CA ALA B 362 -33.63 6.25 26.11
C ALA B 362 -33.57 4.72 25.99
N PHE B 363 -33.05 4.22 24.88
CA PHE B 363 -32.90 2.77 24.71
C PHE B 363 -32.00 2.18 25.78
N TYR B 364 -30.77 2.73 25.94
CA TYR B 364 -29.86 2.17 26.94
C TYR B 364 -30.32 2.45 28.38
N GLN B 365 -31.01 3.57 28.62
CA GLN B 365 -31.63 3.75 29.93
C GLN B 365 -32.62 2.64 30.22
N SER B 366 -33.44 2.26 29.23
CA SER B 366 -34.42 1.22 29.46
C SER B 366 -33.76 -0.12 29.76
N LEU B 367 -32.56 -0.34 29.23
CA LEU B 367 -31.80 -1.56 29.51
C LEU B 367 -31.00 -1.47 30.81
N GLY B 368 -31.05 -0.33 31.49
CA GLY B 368 -30.23 -0.14 32.69
C GLY B 368 -28.74 -0.16 32.44
N ILE B 369 -28.31 0.34 31.29
CA ILE B 369 -26.91 0.35 30.91
C ILE B 369 -26.38 1.76 31.14
N PRO B 370 -25.44 1.97 32.06
CA PRO B 370 -24.86 3.31 32.24
C PRO B 370 -23.95 3.67 31.07
N TYR B 371 -23.90 4.97 30.76
CA TYR B 371 -23.17 5.40 29.56
C TYR B 371 -22.77 6.87 29.74
N ARG B 372 -22.00 7.37 28.78
CA ARG B 372 -21.75 8.81 28.66
C ARG B 372 -21.85 9.17 27.18
N VAL B 373 -22.25 10.41 26.91
CA VAL B 373 -22.34 10.95 25.55
C VAL B 373 -21.09 11.77 25.29
N VAL B 374 -20.48 11.54 24.12
CA VAL B 374 -19.16 12.07 23.80
C VAL B 374 -19.23 12.86 22.49
N ASN B 375 -18.63 14.06 22.49
CA ASN B 375 -18.59 14.94 21.31
C ASN B 375 -17.26 14.67 20.58
N ILE B 376 -17.33 14.06 19.40
CA ILE B 376 -16.12 13.54 18.74
C ILE B 376 -15.32 14.70 18.14
N VAL B 377 -14.01 14.74 18.41
CA VAL B 377 -13.19 15.86 17.97
C VAL B 377 -13.16 15.97 16.45
N SER B 378 -12.99 17.21 15.98
CA SER B 378 -13.10 17.54 14.57
C SER B 378 -12.11 16.74 13.71
N GLY B 379 -10.90 16.50 14.23
CA GLY B 379 -9.89 15.78 13.47
C GLY B 379 -10.22 14.32 13.23
N ALA B 380 -11.15 13.76 13.97
CA ALA B 380 -11.52 12.36 13.83
C ALA B 380 -12.77 12.14 12.98
N LEU B 381 -13.51 13.19 12.61
CA LEU B 381 -14.71 13.02 11.79
C LEU B 381 -14.34 12.54 10.39
N ASN B 382 -15.13 11.62 9.83
CA ASN B 382 -14.90 11.29 8.43
C ASN B 382 -15.40 12.43 7.54
N ASN B 383 -15.18 12.30 6.23
CA ASN B 383 -15.42 13.43 5.33
C ASN B 383 -16.89 13.82 5.27
N ALA B 384 -17.80 12.86 5.47
CA ALA B 384 -19.23 13.13 5.31
C ALA B 384 -19.84 13.82 6.53
N ALA B 385 -19.29 13.59 7.72
CA ALA B 385 -19.96 14.03 8.94
C ALA B 385 -19.67 15.49 9.26
N ALA B 386 -20.72 16.27 9.56
CA ALA B 386 -20.56 17.62 10.09
C ALA B 386 -20.41 17.64 11.60
N LYS B 387 -20.85 16.57 12.26
CA LYS B 387 -20.86 16.43 13.70
C LYS B 387 -21.17 14.97 14.02
N LYS B 388 -20.56 14.46 15.10
CA LYS B 388 -20.76 13.07 15.51
C LYS B 388 -20.77 12.99 17.03
N PHE B 389 -21.85 12.42 17.60
CA PHE B 389 -21.89 12.07 19.01
C PHE B 389 -21.77 10.56 19.13
N ASP B 390 -20.96 10.07 20.07
CA ASP B 390 -20.96 8.65 20.42
C ASP B 390 -21.58 8.45 21.79
N LEU B 391 -22.24 7.31 21.97
CA LEU B 391 -22.61 6.86 23.29
C LEU B 391 -21.62 5.77 23.69
N GLU B 392 -20.90 6.01 24.78
CA GLU B 392 -19.91 5.06 25.32
C GLU B 392 -20.48 4.46 26.60
N ALA B 393 -20.61 3.15 26.64
CA ALA B 393 -21.22 2.46 27.78
C ALA B 393 -20.16 1.95 28.74
N TRP B 394 -20.60 1.74 29.99
CA TRP B 394 -19.75 1.22 31.06
C TRP B 394 -19.55 -0.28 30.92
N PHE B 395 -18.29 -0.72 30.93
CA PHE B 395 -17.92 -2.14 30.90
C PHE B 395 -17.15 -2.46 32.19
N PRO B 396 -17.83 -2.90 33.26
CA PRO B 396 -17.12 -3.06 34.55
C PRO B 396 -16.07 -4.16 34.57
N GLY B 397 -16.06 -5.05 33.58
CA GLY B 397 -15.03 -6.04 33.48
C GLY B 397 -13.82 -5.64 32.65
N ALA B 398 -13.81 -4.42 32.10
CA ALA B 398 -12.71 -3.99 31.22
C ALA B 398 -11.40 -3.83 31.99
N ASP B 399 -10.29 -3.87 31.24
CA ASP B 399 -9.01 -3.53 31.85
C ASP B 399 -9.02 -2.08 32.33
N GLU B 400 -8.23 -1.80 33.36
CA GLU B 400 -8.19 -0.47 33.96
C GLU B 400 -7.99 0.61 32.91
N GLY B 401 -8.79 1.67 33.00
CA GLY B 401 -8.74 2.77 32.06
C GLY B 401 -9.55 2.58 30.79
N ASN B 402 -10.07 1.37 30.52
CA ASN B 402 -10.80 1.10 29.29
C ASN B 402 -12.29 0.84 29.52
N GLU B 403 -12.85 1.42 30.59
CA GLU B 403 -14.18 1.03 31.02
C GLU B 403 -15.31 1.61 30.16
N TYR B 404 -15.13 2.80 29.59
CA TYR B 404 -16.15 3.39 28.71
C TYR B 404 -15.80 3.08 27.26
N ARG B 405 -16.66 2.33 26.55
CA ARG B 405 -16.39 1.98 25.15
C ARG B 405 -17.59 2.27 24.30
N GLU B 406 -17.33 2.71 23.06
CA GLU B 406 -18.38 3.06 22.11
C GLU B 406 -19.35 1.90 21.86
N LEU B 407 -20.64 2.21 21.97
CA LEU B 407 -21.74 1.35 21.53
C LEU B 407 -22.55 1.96 20.40
N VAL B 408 -22.55 3.28 20.26
CA VAL B 408 -23.42 4.02 19.36
C VAL B 408 -22.62 5.16 18.75
N SER B 409 -22.80 5.40 17.45
CA SER B 409 -22.38 6.65 16.83
C SER B 409 -23.59 7.29 16.17
N CYS B 410 -23.66 8.61 16.24
CA CYS B 410 -24.79 9.38 15.71
C CYS B 410 -24.22 10.55 14.91
N SER B 411 -24.53 10.62 13.61
CA SER B 411 -23.88 11.60 12.74
C SER B 411 -24.91 12.39 11.93
N ASN B 412 -24.70 13.70 11.83
CA ASN B 412 -25.40 14.52 10.84
C ASN B 412 -24.46 14.75 9.66
N CYS B 413 -24.84 14.23 8.49
CA CYS B 413 -24.01 14.38 7.29
C CYS B 413 -24.50 15.50 6.38
N THR B 414 -25.48 16.29 6.84
CA THR B 414 -26.22 17.27 6.05
C THR B 414 -26.38 16.76 4.62
N ASP B 415 -25.91 17.51 3.61
CA ASP B 415 -26.17 17.10 2.23
C ASP B 415 -24.95 16.50 1.53
N TYR B 416 -23.95 16.04 2.29
CA TYR B 416 -22.72 15.53 1.68
C TYR B 416 -23.01 14.32 0.78
N GLN B 417 -23.77 13.36 1.30
CA GLN B 417 -24.12 12.16 0.53
C GLN B 417 -25.31 12.41 -0.39
N THR B 418 -26.28 13.23 0.02
CA THR B 418 -27.43 13.46 -0.84
C THR B 418 -27.02 14.14 -2.14
N ARG B 419 -25.96 14.96 -2.11
CA ARG B 419 -25.42 15.52 -3.36
C ARG B 419 -24.95 14.42 -4.28
N ARG B 420 -24.20 13.46 -3.72
CA ARG B 420 -23.62 12.38 -4.52
C ARG B 420 -24.71 11.43 -5.01
N LEU B 421 -25.79 11.29 -4.26
CA LEU B 421 -26.90 10.40 -4.62
C LEU B 421 -28.01 11.15 -5.34
N GLU B 422 -27.88 12.47 -5.49
CA GLU B 422 -28.88 13.32 -6.13
C GLU B 422 -30.25 13.17 -5.48
N VAL B 423 -30.27 13.25 -4.15
CA VAL B 423 -31.52 13.25 -3.38
C VAL B 423 -31.94 14.70 -3.24
N LYS B 424 -32.81 15.15 -4.14
CA LYS B 424 -33.10 16.57 -4.24
C LYS B 424 -34.25 16.98 -3.33
N TYR B 425 -34.23 18.25 -2.92
CA TYR B 425 -35.28 18.82 -2.09
C TYR B 425 -36.20 19.62 -3.01
N GLY B 426 -37.49 19.27 -2.99
CA GLY B 426 -38.44 19.91 -3.88
C GLY B 426 -38.56 19.19 -5.21
N LYS B 427 -39.77 18.79 -5.58
CA LYS B 427 -39.94 18.25 -6.93
C LYS B 427 -39.88 19.32 -8.00
N SER B 428 -40.14 20.58 -7.65
CA SER B 428 -40.09 21.65 -8.63
C SER B 428 -38.66 21.92 -9.09
N LYS B 429 -38.51 22.26 -10.37
CA LYS B 429 -37.22 22.58 -10.96
C LYS B 429 -37.02 24.09 -11.13
N LYS B 430 -37.71 24.89 -10.30
CA LYS B 430 -37.69 26.35 -10.47
C LYS B 430 -36.30 26.96 -10.31
N GLN B 431 -35.39 26.29 -9.58
CA GLN B 431 -34.03 26.76 -9.40
C GLN B 431 -33.04 26.07 -10.34
N GLY B 432 -33.54 25.27 -11.29
CA GLY B 432 -32.67 24.60 -12.24
C GLY B 432 -31.57 23.85 -11.53
N SER B 433 -30.35 23.95 -12.08
CA SER B 433 -29.21 23.29 -11.45
C SER B 433 -28.79 23.92 -10.13
N GLU B 434 -29.43 25.01 -9.68
CA GLU B 434 -29.21 25.50 -8.33
C GLU B 434 -30.16 24.88 -7.32
N VAL B 435 -30.62 23.65 -7.58
CA VAL B 435 -31.51 22.99 -6.63
C VAL B 435 -30.74 22.64 -5.35
N GLU B 436 -31.48 22.52 -4.25
CA GLU B 436 -30.93 22.06 -2.98
C GLU B 436 -31.18 20.59 -2.80
N PHE B 437 -30.44 20.01 -1.87
CA PHE B 437 -30.50 18.59 -1.57
C PHE B 437 -31.03 18.42 -0.15
N CYS B 438 -31.63 17.25 0.10
CA CYS B 438 -32.05 16.89 1.45
C CYS B 438 -30.84 16.67 2.33
N HIS B 439 -31.10 16.51 3.62
CA HIS B 439 -30.07 16.13 4.57
C HIS B 439 -30.26 14.69 4.99
N MET B 440 -29.18 14.01 5.36
CA MET B 440 -29.24 12.63 5.83
C MET B 440 -28.49 12.48 7.15
N LEU B 441 -29.06 11.69 8.06
CA LEU B 441 -28.45 11.37 9.35
C LEU B 441 -28.51 9.87 9.58
N ASN B 442 -27.60 9.36 10.41
CA ASN B 442 -27.72 7.99 10.88
C ASN B 442 -27.24 7.90 12.32
N SER B 443 -27.82 6.96 13.07
CA SER B 443 -27.42 6.71 14.45
C SER B 443 -27.68 5.24 14.77
N THR B 444 -26.67 4.56 15.30
CA THR B 444 -26.87 3.23 15.86
C THR B 444 -28.01 3.26 16.87
N LEU B 445 -28.89 2.25 16.81
CA LEU B 445 -29.68 1.96 18.01
C LEU B 445 -28.95 0.88 18.81
N THR B 446 -28.75 -0.32 18.22
CA THR B 446 -27.94 -1.32 18.89
C THR B 446 -27.22 -2.22 17.89
N ALA B 447 -25.92 -2.38 18.08
CA ALA B 447 -25.16 -3.45 17.47
C ALA B 447 -25.07 -4.57 18.49
N THR B 448 -25.67 -5.73 18.17
CA THR B 448 -26.09 -6.58 19.28
C THR B 448 -24.94 -7.38 19.90
N SER B 449 -23.93 -7.82 19.13
CA SER B 449 -22.86 -8.61 19.77
C SER B 449 -22.09 -7.77 20.80
N ARG B 450 -21.80 -6.50 20.49
CA ARG B 450 -21.13 -5.65 21.46
C ARG B 450 -22.06 -5.24 22.59
N THR B 451 -23.33 -5.01 22.30
CA THR B 451 -24.29 -4.70 23.35
C THR B 451 -24.45 -5.88 24.28
N LEU B 452 -24.46 -7.10 23.72
CA LEU B 452 -24.52 -8.29 24.55
CA LEU B 452 -24.50 -8.31 24.54
C LEU B 452 -23.33 -8.35 25.51
N CYS B 453 -22.12 -8.04 25.00
CA CYS B 453 -20.95 -7.97 25.87
C CYS B 453 -21.19 -7.03 27.05
N CYS B 454 -21.79 -5.86 26.78
CA CYS B 454 -22.03 -4.87 27.82
C CYS B 454 -23.07 -5.36 28.82
N ILE B 455 -24.14 -5.99 28.33
CA ILE B 455 -25.18 -6.51 29.20
C ILE B 455 -24.60 -7.55 30.15
N VAL B 456 -23.84 -8.53 29.62
CA VAL B 456 -23.45 -9.63 30.51
C VAL B 456 -22.48 -9.15 31.57
N GLU B 457 -21.63 -8.15 31.26
CA GLU B 457 -20.73 -7.62 32.29
C GLU B 457 -21.52 -6.84 33.35
N ASN B 458 -22.52 -6.08 32.92
CA ASN B 458 -23.25 -5.25 33.87
C ASN B 458 -24.29 -6.03 34.67
N TYR B 459 -24.77 -7.14 34.16
CA TYR B 459 -25.83 -7.92 34.82
C TYR B 459 -25.31 -9.22 35.41
N GLN B 460 -24.00 -9.42 35.46
CA GLN B 460 -23.43 -10.63 36.01
C GLN B 460 -23.61 -10.69 37.53
N THR B 461 -23.66 -11.91 38.05
CA THR B 461 -23.53 -12.27 39.45
C THR B 461 -22.51 -13.40 39.52
N PRO B 462 -22.12 -13.84 40.72
CA PRO B 462 -21.22 -15.01 40.78
C PRO B 462 -21.83 -16.29 40.23
N GLU B 463 -23.14 -16.34 40.03
CA GLU B 463 -23.80 -17.57 39.60
C GLU B 463 -24.20 -17.56 38.12
N GLY B 464 -24.19 -16.41 37.47
CA GLY B 464 -24.64 -16.32 36.08
C GLY B 464 -24.94 -14.89 35.67
N VAL B 465 -25.96 -14.67 34.82
CA VAL B 465 -26.29 -13.35 34.30
C VAL B 465 -27.80 -13.12 34.44
N ASN B 466 -28.17 -12.03 35.11
CA ASN B 466 -29.56 -11.56 35.13
C ASN B 466 -29.96 -11.05 33.76
N VAL B 467 -31.18 -11.37 33.33
CA VAL B 467 -31.71 -10.80 32.09
C VAL B 467 -32.29 -9.43 32.39
N PRO B 468 -31.88 -8.38 31.66
CA PRO B 468 -32.49 -7.05 31.87
C PRO B 468 -34.01 -7.14 31.79
N GLU B 469 -34.68 -6.45 32.71
CA GLU B 469 -36.13 -6.54 32.84
C GLU B 469 -36.85 -6.35 31.51
N VAL B 470 -36.49 -5.32 30.74
CA VAL B 470 -37.22 -5.02 29.52
C VAL B 470 -37.08 -6.12 28.47
N LEU B 471 -36.03 -6.94 28.58
CA LEU B 471 -35.86 -8.02 27.62
C LEU B 471 -36.55 -9.31 28.03
N GLN B 472 -36.96 -9.43 29.28
CA GLN B 472 -37.53 -10.69 29.75
C GLN B 472 -38.74 -11.13 28.92
N PRO B 473 -39.72 -10.27 28.58
CA PRO B 473 -40.83 -10.76 27.73
C PRO B 473 -40.34 -11.22 26.36
N TYR B 474 -39.25 -10.65 25.87
CA TYR B 474 -38.70 -11.09 24.60
C TYR B 474 -37.93 -12.41 24.74
N MET B 475 -37.83 -12.95 25.95
CA MET B 475 -37.14 -14.22 26.18
C MET B 475 -38.05 -15.23 26.86
N GLY B 476 -39.35 -15.15 26.58
CA GLY B 476 -40.30 -16.07 27.16
C GLY B 476 -40.32 -16.04 28.66
N GLY B 477 -39.94 -14.91 29.26
CA GLY B 477 -39.98 -14.76 30.70
C GLY B 477 -38.72 -15.18 31.40
N THR B 478 -37.69 -15.63 30.67
CA THR B 478 -36.44 -16.02 31.32
C THR B 478 -35.87 -14.81 32.07
N LYS B 479 -35.60 -15.01 33.36
CA LYS B 479 -35.09 -13.95 34.20
C LYS B 479 -33.59 -14.04 34.42
N PHE B 480 -33.00 -15.23 34.22
CA PHE B 480 -31.64 -15.49 34.67
C PHE B 480 -31.06 -16.60 33.82
N ILE B 481 -29.78 -16.46 33.46
CA ILE B 481 -29.01 -17.50 32.75
C ILE B 481 -27.89 -17.94 33.68
N LYS B 482 -27.88 -19.21 34.05
CA LYS B 482 -26.93 -19.75 35.01
C LYS B 482 -25.63 -20.19 34.35
N PHE B 483 -24.51 -19.95 35.05
CA PHE B 483 -23.24 -20.50 34.61
C PHE B 483 -23.31 -22.02 34.54
N LYS B 484 -22.71 -22.59 33.49
CA LYS B 484 -22.59 -24.03 33.35
C LYS B 484 -21.23 -24.55 33.78
N ASN B 485 -20.23 -23.68 33.85
CA ASN B 485 -18.91 -24.10 34.31
C ASN B 485 -18.18 -22.93 34.94
N HIS C 6 14.54 18.97 -42.81
CA HIS C 6 13.24 18.97 -42.16
C HIS C 6 12.72 17.58 -41.86
N HIS C 7 12.36 17.34 -40.59
CA HIS C 7 11.82 16.08 -40.14
C HIS C 7 10.34 16.27 -39.82
N HIS C 8 9.48 15.46 -40.44
CA HIS C 8 8.04 15.64 -40.35
C HIS C 8 7.46 15.05 -39.07
N MET C 9 6.46 15.73 -38.51
CA MET C 9 5.64 15.16 -37.45
C MET C 9 4.48 14.37 -38.06
N LEU C 10 4.09 13.29 -37.38
CA LEU C 10 2.95 12.49 -37.80
C LEU C 10 1.67 13.11 -37.27
N ASP C 11 0.87 13.71 -38.16
CA ASP C 11 -0.45 14.19 -37.80
C ASP C 11 -1.38 14.00 -39.00
N ILE C 12 -2.66 14.29 -38.79
CA ILE C 12 -3.67 14.00 -39.81
C ILE C 12 -3.43 14.81 -41.06
N ASN C 13 -2.87 16.02 -40.93
CA ASN C 13 -2.62 16.87 -42.08
C ASN C 13 -1.63 16.24 -43.05
N LEU C 14 -0.64 15.54 -42.53
CA LEU C 14 0.38 14.91 -43.39
C LEU C 14 -0.22 13.86 -44.31
N PHE C 15 -1.38 13.31 -43.97
CA PHE C 15 -2.06 12.33 -44.81
C PHE C 15 -2.79 12.96 -45.99
N ARG C 16 -3.01 14.27 -45.98
CA ARG C 16 -3.92 14.95 -46.91
C ARG C 16 -3.10 15.63 -48.00
N GLU C 17 -2.94 14.96 -49.16
CA GLU C 17 -2.13 15.50 -50.23
C GLU C 17 -2.67 16.82 -50.77
N TYR C 18 -3.99 16.98 -50.77
CA TYR C 18 -4.57 18.19 -51.33
C TYR C 18 -4.44 19.38 -50.39
N LYS C 19 -4.06 19.15 -49.14
CA LYS C 19 -3.94 20.21 -48.15
C LYS C 19 -2.48 20.48 -47.76
N GLY C 20 -1.56 20.19 -48.66
CA GLY C 20 -0.15 20.39 -48.39
C GLY C 20 0.56 19.23 -47.75
N GLY C 21 -0.13 18.13 -47.49
CA GLY C 21 0.48 16.97 -46.86
C GLY C 21 1.32 16.16 -47.84
N ASN C 22 1.73 14.98 -47.36
CA ASN C 22 2.63 14.12 -48.13
C ASN C 22 2.51 12.69 -47.61
N PRO C 23 1.43 11.98 -47.93
CA PRO C 23 1.23 10.63 -47.35
C PRO C 23 2.32 9.63 -47.73
N GLU C 24 3.03 9.83 -48.84
CA GLU C 24 4.09 8.91 -49.21
C GLU C 24 5.22 8.92 -48.17
N ILE C 25 5.41 10.03 -47.47
CA ILE C 25 6.36 10.06 -46.37
C ILE C 25 5.97 9.06 -45.30
N ILE C 26 4.68 8.97 -45.00
CA ILE C 26 4.21 8.04 -43.98
C ILE C 26 4.32 6.60 -44.47
N ARG C 27 4.01 6.36 -45.75
CA ARG C 27 4.19 5.01 -46.30
C ARG C 27 5.66 4.60 -46.26
N GLU C 28 6.56 5.50 -46.64
CA GLU C 28 7.98 5.16 -46.61
CA GLU C 28 8.00 5.21 -46.60
C GLU C 28 8.45 4.90 -45.19
N SER C 29 7.96 5.69 -44.21
CA SER C 29 8.32 5.42 -42.82
C SER C 29 7.82 4.04 -42.38
N GLN C 30 6.60 3.66 -42.79
CA GLN C 30 6.09 2.34 -42.45
C GLN C 30 6.91 1.23 -43.08
N ARG C 31 7.37 1.44 -44.32
CA ARG C 31 8.23 0.44 -44.95
C ARG C 31 9.55 0.31 -44.21
N ARG C 32 10.15 1.43 -43.80
CA ARG C 32 11.38 1.36 -43.03
C ARG C 32 11.16 0.63 -41.72
N ARG C 33 9.99 0.79 -41.11
CA ARG C 33 9.66 0.07 -39.88
C ARG C 33 9.28 -1.38 -40.15
N PHE C 34 9.17 -1.79 -41.42
CA PHE C 34 8.65 -3.11 -41.79
C PHE C 34 7.32 -3.36 -41.09
N ALA C 35 6.42 -2.37 -41.18
CA ALA C 35 5.13 -2.36 -40.53
C ALA C 35 4.01 -2.39 -41.58
N ASP C 36 2.78 -2.20 -41.11
CA ASP C 36 1.59 -2.33 -41.97
C ASP C 36 1.43 -1.04 -42.78
N VAL C 37 1.84 -1.09 -44.05
CA VAL C 37 1.79 0.10 -44.90
C VAL C 37 0.35 0.48 -45.25
N THR C 38 -0.55 -0.50 -45.31
CA THR C 38 -1.92 -0.20 -45.72
C THR C 38 -2.64 0.71 -44.72
N LEU C 39 -2.11 0.86 -43.50
CA LEU C 39 -2.72 1.76 -42.52
C LEU C 39 -2.80 3.19 -43.04
N VAL C 40 -1.88 3.59 -43.91
CA VAL C 40 -1.90 4.95 -44.43
C VAL C 40 -3.14 5.15 -45.31
N ASP C 41 -3.40 4.20 -46.21
CA ASP C 41 -4.59 4.31 -47.05
C ASP C 41 -5.86 4.18 -46.23
N LYS C 42 -5.84 3.39 -45.16
CA LYS C 42 -7.02 3.31 -44.31
C LYS C 42 -7.33 4.66 -43.67
N VAL C 43 -6.28 5.38 -43.22
CA VAL C 43 -6.50 6.71 -42.65
C VAL C 43 -7.04 7.66 -43.70
N ILE C 44 -6.46 7.64 -44.90
CA ILE C 44 -6.92 8.51 -45.98
C ILE C 44 -8.39 8.24 -46.31
N GLU C 45 -8.74 6.96 -46.47
CA GLU C 45 -10.11 6.60 -46.78
C GLU C 45 -11.06 7.05 -45.67
N LEU C 46 -10.68 6.77 -44.41
CA LEU C 46 -11.54 7.16 -43.30
C LEU C 46 -11.64 8.68 -43.18
N ASP C 47 -10.56 9.40 -43.47
CA ASP C 47 -10.60 10.86 -43.42
C ASP C 47 -11.52 11.44 -44.49
N GLU C 48 -11.49 10.87 -45.70
CA GLU C 48 -12.36 11.35 -46.77
C GLU C 48 -13.83 11.11 -46.44
N VAL C 49 -14.13 9.92 -45.91
CA VAL C 49 -15.50 9.61 -45.49
C VAL C 49 -15.94 10.57 -44.40
N TRP C 50 -15.03 10.88 -43.47
CA TRP C 50 -15.31 11.84 -42.42
C TRP C 50 -15.65 13.22 -42.99
N ARG C 51 -14.82 13.72 -43.92
CA ARG C 51 -15.05 15.04 -44.48
C ARG C 51 -16.37 15.09 -45.26
N ALA C 52 -16.69 14.00 -45.98
CA ALA C 52 -17.95 13.95 -46.70
C ALA C 52 -19.13 13.90 -45.74
N THR C 53 -18.98 13.21 -44.62
CA THR C 53 -20.07 13.13 -43.63
C THR C 53 -20.38 14.51 -43.06
N ILE C 54 -19.34 15.30 -42.79
CA ILE C 54 -19.54 16.67 -42.34
C ILE C 54 -20.24 17.49 -43.41
N GLY C 55 -19.85 17.29 -44.68
CA GLY C 55 -20.49 17.98 -45.77
C GLY C 55 -21.97 17.65 -45.89
N LYS C 56 -22.32 16.38 -45.70
CA LYS C 56 -23.73 15.99 -45.73
C LYS C 56 -24.49 16.66 -44.60
N LEU C 57 -23.87 16.76 -43.41
CA LEU C 57 -24.54 17.38 -42.29
C LEU C 57 -24.84 18.86 -42.57
N ASN C 58 -23.86 19.59 -43.11
CA ASN C 58 -24.07 21.00 -43.44
C ASN C 58 -25.14 21.14 -44.51
N HIS C 59 -25.19 20.19 -45.45
CA HIS C 59 -26.24 20.18 -46.46
C HIS C 59 -27.60 19.93 -45.79
N ILE C 60 -27.65 19.05 -44.80
CA ILE C 60 -28.88 18.83 -44.05
C ILE C 60 -29.23 20.05 -43.20
N LYS C 61 -28.23 20.65 -42.56
CA LYS C 61 -28.48 21.81 -41.70
C LYS C 61 -29.01 23.00 -42.49
N SER C 62 -28.64 23.11 -43.77
CA SER C 62 -29.17 24.19 -44.59
C SER C 62 -30.67 24.06 -44.82
N PHE C 63 -31.19 22.82 -44.80
CA PHE C 63 -32.63 22.62 -44.93
C PHE C 63 -33.37 23.35 -43.82
N THR C 64 -32.77 23.43 -42.63
CA THR C 64 -33.36 24.19 -41.53
C THR C 64 -33.55 25.65 -41.91
N GLY C 65 -32.51 26.27 -42.47
CA GLY C 65 -32.59 27.68 -42.83
C GLY C 65 -33.58 27.95 -43.95
N ILE C 66 -33.62 27.08 -44.96
CA ILE C 66 -34.57 27.25 -46.06
C ILE C 66 -35.99 27.23 -45.54
N ILE C 67 -36.26 26.40 -44.52
CA ILE C 67 -37.60 26.28 -43.96
C ILE C 67 -37.95 27.50 -43.12
N SER C 68 -36.98 28.02 -42.37
CA SER C 68 -37.26 29.06 -41.37
C SER C 68 -37.87 30.32 -41.97
N LYS C 69 -37.53 30.67 -43.22
CA LYS C 69 -38.12 31.85 -43.85
C LYS C 69 -39.62 31.69 -44.05
N GLU C 70 -40.05 30.51 -44.50
CA GLU C 70 -41.47 30.24 -44.69
C GLU C 70 -42.20 30.19 -43.35
N GLN C 116 -48.41 25.28 -38.74
CA GLN C 116 -48.13 23.86 -38.58
C GLN C 116 -46.88 23.46 -39.34
N LEU C 117 -46.21 24.45 -39.95
CA LEU C 117 -45.00 24.22 -40.72
C LEU C 117 -43.75 23.98 -39.87
N LYS C 118 -43.86 24.09 -38.54
CA LYS C 118 -42.71 23.88 -37.67
C LYS C 118 -42.43 22.42 -37.35
N LYS C 119 -43.45 21.55 -37.44
CA LYS C 119 -43.26 20.15 -37.10
C LYS C 119 -42.21 19.48 -37.99
N LEU C 120 -42.19 19.84 -39.28
CA LEU C 120 -41.16 19.32 -40.18
C LEU C 120 -39.76 19.71 -39.72
N SER C 121 -39.60 20.98 -39.31
CA SER C 121 -38.30 21.46 -38.89
C SER C 121 -37.79 20.70 -37.67
N THR C 122 -38.66 20.48 -36.68
CA THR C 122 -38.26 19.71 -35.50
C THR C 122 -37.86 18.28 -35.89
N TYR C 123 -38.60 17.68 -36.82
CA TYR C 123 -38.27 16.33 -37.28
C TYR C 123 -36.85 16.27 -37.85
N ILE C 124 -36.48 17.26 -38.67
CA ILE C 124 -35.14 17.32 -39.23
C ILE C 124 -34.09 17.37 -38.12
N THR C 125 -34.33 18.20 -37.09
CA THR C 125 -33.39 18.29 -35.98
C THR C 125 -33.32 16.98 -35.20
N GLU C 126 -34.48 16.40 -34.89
CA GLU C 126 -34.50 15.23 -34.01
C GLU C 126 -34.00 13.98 -34.71
N VAL C 127 -34.29 13.82 -36.01
CA VAL C 127 -34.02 12.57 -36.71
C VAL C 127 -32.79 12.66 -37.59
N HIS C 128 -32.56 13.78 -38.28
CA HIS C 128 -31.48 13.81 -39.26
C HIS C 128 -30.24 14.54 -38.78
N ILE C 129 -30.39 15.73 -38.20
CA ILE C 129 -29.23 16.50 -37.77
C ILE C 129 -28.52 15.78 -36.64
N LYS C 130 -29.28 15.30 -35.65
CA LYS C 130 -28.68 14.53 -34.55
C LYS C 130 -28.01 13.26 -35.06
N ASN C 131 -28.64 12.57 -36.01
CA ASN C 131 -28.06 11.35 -36.57
C ASN C 131 -26.71 11.62 -37.23
N SER C 132 -26.63 12.68 -38.03
CA SER C 132 -25.37 12.99 -38.71
C SER C 132 -24.33 13.51 -37.73
N GLU C 133 -24.75 14.35 -36.77
CA GLU C 133 -23.79 14.90 -35.81
C GLU C 133 -23.14 13.79 -35.00
N GLU C 134 -23.91 12.77 -34.61
CA GLU C 134 -23.32 11.63 -33.91
C GLU C 134 -22.48 10.79 -34.84
N GLU C 135 -22.92 10.62 -36.10
CA GLU C 135 -22.14 9.84 -37.06
C GLU C 135 -20.80 10.46 -37.38
N VAL C 136 -20.71 11.80 -37.38
CA VAL C 136 -19.42 12.44 -37.59
C VAL C 136 -18.45 12.03 -36.49
N LYS C 137 -18.94 11.99 -35.24
CA LYS C 137 -18.08 11.58 -34.13
C LYS C 137 -17.61 10.13 -34.31
N GLN C 138 -18.50 9.25 -34.79
CA GLN C 138 -18.11 7.86 -34.99
C GLN C 138 -17.00 7.75 -36.02
N LYS C 139 -17.10 8.50 -37.13
CA LYS C 139 -16.07 8.44 -38.15
C LYS C 139 -14.78 9.10 -37.67
N GLU C 140 -14.90 10.18 -36.89
CA GLU C 140 -13.71 10.85 -36.36
C GLU C 140 -12.94 9.95 -35.40
N LYS C 141 -13.64 9.32 -34.44
CA LYS C 141 -12.96 8.41 -33.52
C LYS C 141 -12.39 7.22 -34.28
N GLU C 142 -13.13 6.73 -35.28
CA GLU C 142 -12.67 5.62 -36.09
C GLU C 142 -11.41 5.96 -36.88
N ARG C 143 -11.36 7.16 -37.47
CA ARG C 143 -10.17 7.58 -38.18
C ARG C 143 -8.97 7.69 -37.24
N ASP C 144 -9.16 8.35 -36.10
CA ASP C 144 -8.07 8.57 -35.15
C ASP C 144 -7.55 7.26 -34.58
N ASP C 145 -8.41 6.24 -34.49
CA ASP C 145 -7.99 4.96 -33.95
C ASP C 145 -6.99 4.26 -34.86
N VAL C 146 -7.15 4.41 -36.18
CA VAL C 146 -6.14 3.85 -37.07
C VAL C 146 -4.87 4.68 -37.02
N LEU C 147 -5.00 6.01 -36.97
CA LEU C 147 -3.82 6.87 -36.95
C LEU C 147 -2.92 6.56 -35.76
N LEU C 148 -3.52 6.25 -34.61
CA LEU C 148 -2.74 5.97 -33.41
C LEU C 148 -1.87 4.72 -33.57
N GLN C 149 -2.16 3.89 -34.56
CA GLN C 149 -1.42 2.64 -34.76
C GLN C 149 -0.16 2.82 -35.60
N ILE C 150 0.01 3.96 -36.23
CA ILE C 150 1.13 4.21 -37.12
C ILE C 150 2.31 4.71 -36.29
N GLY C 151 3.50 4.20 -36.59
CA GLY C 151 4.67 4.62 -35.84
C GLY C 151 5.12 6.02 -36.22
N ASN C 152 5.91 6.61 -35.33
CA ASN C 152 6.49 7.93 -35.59
C ASN C 152 7.32 7.90 -36.86
N ILE C 153 7.41 9.06 -37.52
CA ILE C 153 8.19 9.17 -38.75
C ILE C 153 9.66 8.86 -38.45
N VAL C 154 10.22 7.89 -39.17
CA VAL C 154 11.61 7.49 -38.94
C VAL C 154 12.54 8.54 -39.52
N HIS C 155 13.55 8.94 -38.74
CA HIS C 155 14.49 9.95 -39.19
C HIS C 155 15.34 9.43 -40.35
N GLU C 156 15.76 10.35 -41.22
CA GLU C 156 16.47 9.98 -42.45
C GLU C 156 17.82 9.31 -42.18
N THR C 157 18.44 9.61 -41.05
CA THR C 157 19.77 9.07 -40.75
C THR C 157 19.70 7.67 -40.13
N VAL C 158 18.52 7.10 -39.96
CA VAL C 158 18.40 5.77 -39.36
C VAL C 158 18.72 4.73 -40.43
N VAL C 159 19.56 3.76 -40.07
CA VAL C 159 19.87 2.66 -40.98
C VAL C 159 18.59 1.88 -41.28
N VAL C 160 18.27 1.72 -42.56
CA VAL C 160 17.03 1.06 -42.96
C VAL C 160 17.32 -0.44 -43.08
N SER C 161 16.76 -1.23 -42.16
CA SER C 161 16.97 -2.66 -42.15
C SER C 161 16.04 -3.30 -41.13
N ASP C 162 15.75 -4.59 -41.32
CA ASP C 162 14.97 -5.35 -40.36
C ASP C 162 15.84 -6.20 -39.43
N ASN C 163 17.16 -6.17 -39.58
CA ASN C 163 18.05 -7.04 -38.82
C ASN C 163 19.02 -6.18 -38.04
N GLU C 164 19.03 -6.34 -36.72
CA GLU C 164 19.91 -5.59 -35.86
C GLU C 164 21.38 -5.95 -36.05
N ASP C 165 21.68 -7.04 -36.77
CA ASP C 165 23.05 -7.27 -37.21
C ASP C 165 23.58 -6.10 -38.03
N ASN C 166 22.70 -5.30 -38.62
CA ASN C 166 23.07 -4.17 -39.46
C ASN C 166 23.02 -2.83 -38.73
N ASN C 167 22.89 -2.83 -37.41
CA ASN C 167 23.04 -1.60 -36.63
C ASN C 167 24.34 -0.91 -37.02
N GLY C 168 24.27 0.40 -37.29
CA GLY C 168 25.44 1.14 -37.72
C GLY C 168 26.38 1.42 -36.55
N ILE C 169 27.67 1.11 -36.74
CA ILE C 169 28.70 1.43 -35.76
C ILE C 169 29.10 2.88 -36.01
N VAL C 170 28.66 3.81 -35.16
CA VAL C 170 28.88 5.21 -35.44
C VAL C 170 30.31 5.61 -35.11
N ARG C 171 30.81 5.18 -33.95
CA ARG C 171 32.16 5.48 -33.54
C ARG C 171 32.52 4.58 -32.38
N MET C 172 33.82 4.43 -32.14
CA MET C 172 34.35 3.63 -31.05
C MET C 172 35.29 4.51 -30.25
N VAL C 173 35.17 4.49 -28.93
CA VAL C 173 35.93 5.37 -28.07
C VAL C 173 36.54 4.58 -26.93
N GLY C 174 37.86 4.69 -26.78
CA GLY C 174 38.58 4.14 -25.65
C GLY C 174 39.57 3.07 -26.06
N ASN C 175 40.31 2.58 -25.06
CA ASN C 175 41.33 1.56 -25.25
C ASN C 175 40.92 0.27 -24.55
N PRO C 176 40.12 -0.58 -25.19
CA PRO C 176 39.63 -1.80 -24.52
C PRO C 176 40.77 -2.76 -24.19
N ARG C 177 40.83 -3.18 -22.93
CA ARG C 177 41.86 -4.13 -22.54
C ARG C 177 41.65 -5.46 -23.28
N PRO C 178 42.73 -6.15 -23.63
CA PRO C 178 42.58 -7.46 -24.27
C PRO C 178 41.88 -8.43 -23.34
N LYS C 179 41.18 -9.40 -23.91
CA LYS C 179 40.52 -10.39 -23.08
C LYS C 179 41.52 -11.18 -22.26
N VAL C 180 42.72 -11.43 -22.80
CA VAL C 180 43.81 -12.12 -22.11
C VAL C 180 45.03 -11.21 -22.08
N ASP C 181 45.61 -11.00 -20.91
CA ASP C 181 46.83 -10.21 -20.78
C ASP C 181 47.96 -10.94 -21.53
N PRO C 182 48.57 -10.32 -22.56
CA PRO C 182 49.59 -11.04 -23.35
C PRO C 182 50.85 -11.37 -22.57
N GLU C 183 51.15 -10.62 -21.51
CA GLU C 183 52.43 -10.73 -20.82
C GLU C 183 52.40 -11.76 -19.69
N THR C 184 51.21 -12.04 -19.15
CA THR C 184 51.00 -13.01 -18.08
C THR C 184 50.12 -14.18 -18.47
N GLY C 185 49.36 -14.09 -19.55
CA GLY C 185 48.36 -15.09 -19.87
C GLY C 185 47.09 -15.04 -19.05
N TYR C 186 46.92 -14.03 -18.17
CA TYR C 186 45.72 -13.99 -17.33
C TYR C 186 44.47 -13.62 -18.14
N LYS C 187 43.48 -14.50 -18.12
CA LYS C 187 42.25 -14.32 -18.88
C LYS C 187 41.20 -13.59 -18.04
N CYS C 188 40.60 -12.54 -18.60
CA CYS C 188 39.58 -11.79 -17.88
C CYS C 188 38.41 -12.70 -17.51
N LEU C 189 38.01 -12.63 -16.24
CA LEU C 189 36.86 -13.35 -15.73
C LEU C 189 35.57 -12.60 -16.05
N LYS C 190 34.47 -13.34 -16.03
CA LYS C 190 33.13 -12.79 -16.22
C LYS C 190 32.65 -12.10 -14.94
N HIS C 191 31.75 -11.12 -15.10
CA HIS C 191 31.32 -10.32 -13.94
C HIS C 191 30.79 -11.18 -12.79
N ILE C 192 30.02 -12.24 -13.10
CA ILE C 192 29.43 -13.02 -12.00
C ILE C 192 30.52 -13.67 -11.16
N ASP C 193 31.56 -14.21 -11.80
CA ASP C 193 32.64 -14.85 -11.06
C ASP C 193 33.41 -13.84 -10.24
N ILE C 194 33.66 -12.66 -10.80
CA ILE C 194 34.37 -11.60 -10.07
C ILE C 194 33.60 -11.21 -8.81
N MET C 195 32.29 -10.94 -8.94
CA MET C 195 31.51 -10.48 -7.79
C MET C 195 31.41 -11.54 -6.71
N ARG C 196 31.32 -12.82 -7.09
CA ARG C 196 31.30 -13.89 -6.10
C ARG C 196 32.65 -14.03 -5.40
N LYS C 197 33.75 -13.92 -6.15
CA LYS C 197 35.08 -13.99 -5.54
C LYS C 197 35.32 -12.81 -4.61
N LEU C 198 34.66 -11.66 -4.86
CA LEU C 198 34.69 -10.56 -3.91
C LEU C 198 33.84 -10.83 -2.68
N GLY C 199 33.01 -11.87 -2.70
CA GLY C 199 32.03 -12.01 -1.63
C GLY C 199 30.94 -10.96 -1.68
N GLY C 200 30.65 -10.41 -2.85
CA GLY C 200 29.70 -9.32 -2.93
C GLY C 200 28.36 -9.67 -3.56
N LEU C 201 28.13 -10.93 -3.92
CA LEU C 201 26.94 -11.29 -4.67
C LEU C 201 26.39 -12.63 -4.19
N ALA C 202 25.12 -12.65 -3.82
CA ALA C 202 24.46 -13.87 -3.36
C ALA C 202 23.22 -14.08 -4.21
N THR C 203 23.39 -14.77 -5.34
CA THR C 203 22.27 -15.14 -6.20
C THR C 203 21.48 -16.30 -5.62
N GLU C 204 22.11 -17.15 -4.80
CA GLU C 204 21.41 -18.30 -4.24
C GLU C 204 20.32 -17.87 -3.26
N GLU C 205 20.70 -17.14 -2.21
CA GLU C 205 19.70 -16.55 -1.32
C GLU C 205 18.80 -15.58 -2.07
N GLY C 206 19.35 -14.86 -3.05
CA GLY C 206 18.56 -13.92 -3.80
C GLY C 206 17.37 -14.58 -4.48
N THR C 207 17.59 -15.75 -5.10
CA THR C 207 16.52 -16.40 -5.83
C THR C 207 15.57 -17.13 -4.90
N GLN C 208 16.11 -17.73 -3.83
CA GLN C 208 15.26 -18.28 -2.78
C GLN C 208 14.30 -17.23 -2.23
N VAL C 209 14.81 -16.03 -1.98
CA VAL C 209 14.00 -15.00 -1.34
C VAL C 209 13.11 -14.30 -2.35
N GLY C 210 13.65 -13.94 -3.51
CA GLY C 210 12.96 -13.04 -4.41
C GLY C 210 12.49 -13.61 -5.73
N GLY C 211 12.70 -14.90 -5.97
CA GLY C 211 12.32 -15.50 -7.24
C GLY C 211 13.42 -15.41 -8.28
N GLY C 212 13.07 -15.77 -9.51
CA GLY C 212 14.07 -15.82 -10.56
C GLY C 212 14.79 -14.49 -10.73
N ARG C 213 16.09 -14.57 -11.03
CA ARG C 213 17.00 -13.42 -11.15
C ARG C 213 17.16 -12.60 -9.86
N GLY C 214 16.60 -13.03 -8.74
CA GLY C 214 16.76 -12.26 -7.49
C GLY C 214 18.20 -12.30 -6.98
N TYR C 215 18.63 -11.21 -6.34
CA TYR C 215 20.01 -11.14 -5.85
C TYR C 215 20.09 -10.28 -4.60
N PHE C 216 21.05 -10.58 -3.73
CA PHE C 216 21.54 -9.64 -2.72
C PHE C 216 22.92 -9.16 -3.17
N LEU C 217 23.18 -7.87 -2.98
CA LEU C 217 24.54 -7.32 -3.13
C LEU C 217 25.09 -7.01 -1.76
N LEU C 218 26.39 -7.21 -1.57
CA LEU C 218 27.01 -7.10 -0.25
C LEU C 218 28.33 -6.33 -0.32
N GLY C 219 28.65 -5.63 0.76
CA GLY C 219 29.99 -5.08 0.95
C GLY C 219 30.30 -3.91 0.02
N ASP C 220 31.54 -3.88 -0.47
CA ASP C 220 32.02 -2.73 -1.23
C ASP C 220 31.23 -2.52 -2.51
N LEU C 221 30.69 -3.60 -3.09
CA LEU C 221 29.89 -3.47 -4.30
C LEU C 221 28.64 -2.65 -4.04
N VAL C 222 28.05 -2.78 -2.84
CA VAL C 222 26.92 -1.93 -2.47
C VAL C 222 27.37 -0.47 -2.45
N ARG C 223 28.50 -0.21 -1.79
CA ARG C 223 28.99 1.16 -1.72
C ARG C 223 29.33 1.71 -3.11
N MET C 224 29.83 0.85 -4.00
CA MET C 224 30.09 1.31 -5.36
C MET C 224 28.79 1.57 -6.11
N ASN C 225 27.76 0.76 -5.84
CA ASN C 225 26.45 1.00 -6.43
C ASN C 225 25.96 2.41 -6.09
N LEU C 226 26.03 2.76 -4.80
CA LEU C 226 25.65 4.10 -4.37
C LEU C 226 26.55 5.16 -4.98
N ALA C 227 27.86 4.89 -5.02
CA ALA C 227 28.78 5.87 -5.59
C ALA C 227 28.41 6.21 -7.02
N LEU C 228 28.03 5.20 -7.82
CA LEU C 228 27.61 5.47 -9.20
C LEU C 228 26.39 6.37 -9.25
N GLN C 229 25.40 6.10 -8.40
CA GLN C 229 24.19 6.92 -8.36
C GLN C 229 24.53 8.34 -7.93
N ASN C 230 25.31 8.46 -6.85
CA ASN C 230 25.66 9.76 -6.31
C ASN C 230 26.47 10.56 -7.33
N TYR C 231 27.44 9.92 -7.98
CA TYR C 231 28.24 10.60 -8.99
C TYR C 231 27.41 10.98 -10.21
N ALA C 232 26.56 10.06 -10.68
CA ALA C 232 25.74 10.35 -11.88
C ALA C 232 24.86 11.57 -11.67
N ILE C 233 24.23 11.68 -10.51
CA ILE C 233 23.37 12.81 -10.22
C ILE C 233 24.16 14.11 -10.15
N ASP C 234 25.33 14.10 -9.50
CA ASP C 234 26.19 15.27 -9.50
C ASP C 234 26.60 15.63 -10.93
N PHE C 235 26.98 14.62 -11.70
CA PHE C 235 27.41 14.82 -13.08
C PHE C 235 26.33 15.55 -13.88
N LEU C 236 25.09 15.10 -13.80
CA LEU C 236 24.04 15.74 -14.58
C LEU C 236 23.58 17.05 -13.96
N ALA C 237 23.53 17.14 -12.62
CA ALA C 237 23.10 18.38 -11.98
C ALA C 237 23.99 19.54 -12.41
N LYS C 238 25.29 19.30 -12.52
CA LYS C 238 26.22 20.33 -12.98
C LYS C 238 25.99 20.74 -14.43
N LYS C 239 25.35 19.90 -15.25
CA LYS C 239 25.02 20.23 -16.62
C LYS C 239 23.62 20.83 -16.76
N GLY C 240 22.99 21.21 -15.65
CA GLY C 240 21.68 21.81 -15.69
C GLY C 240 20.53 20.84 -15.72
N TYR C 241 20.76 19.57 -15.38
CA TYR C 241 19.68 18.58 -15.29
C TYR C 241 19.17 18.55 -13.86
N MET C 242 17.90 18.85 -13.68
CA MET C 242 17.27 18.88 -12.37
CA MET C 242 17.29 18.89 -12.35
C MET C 242 17.08 17.48 -11.81
N PRO C 243 17.72 17.11 -10.68
CA PRO C 243 17.45 15.80 -10.09
C PRO C 243 15.98 15.64 -9.72
N ILE C 244 15.43 14.45 -9.99
CA ILE C 244 14.04 14.18 -9.65
C ILE C 244 13.87 12.71 -9.29
N TYR C 245 13.32 12.46 -8.11
CA TYR C 245 13.05 11.13 -7.60
C TYR C 245 11.55 10.89 -7.76
N THR C 246 11.16 9.73 -8.31
CA THR C 246 9.79 9.55 -8.76
C THR C 246 9.02 8.50 -7.94
N PRO C 247 7.69 8.48 -8.02
CA PRO C 247 6.95 7.29 -7.60
C PRO C 247 7.49 6.09 -8.38
N PHE C 248 7.56 4.94 -7.70
CA PHE C 248 7.88 3.71 -8.42
C PHE C 248 6.61 2.97 -8.86
N PHE C 249 5.42 3.45 -8.46
CA PHE C 249 4.08 3.00 -8.85
C PHE C 249 3.49 3.99 -9.83
N MET C 250 2.68 3.50 -10.77
CA MET C 250 1.83 4.38 -11.56
C MET C 250 0.44 3.77 -11.68
N THR C 251 -0.59 4.61 -11.64
CA THR C 251 -1.91 4.05 -11.91
C THR C 251 -1.97 3.59 -13.35
N LYS C 252 -2.89 2.65 -13.61
CA LYS C 252 -2.98 2.08 -14.95
C LYS C 252 -3.37 3.13 -15.98
N GLU C 253 -4.29 4.04 -15.64
CA GLU C 253 -4.67 5.09 -16.58
CA GLU C 253 -4.64 5.05 -16.63
C GLU C 253 -3.47 5.97 -16.94
N GLN C 254 -2.61 6.24 -15.95
CA GLN C 254 -1.41 7.04 -16.21
C GLN C 254 -0.41 6.26 -17.05
N MET C 255 -0.16 4.99 -16.69
CA MET C 255 0.81 4.20 -17.45
C MET C 255 0.38 4.03 -18.90
N LYS C 256 -0.93 3.93 -19.15
CA LYS C 256 -1.40 3.76 -20.53
C LYS C 256 -1.06 4.97 -21.40
N LYS C 257 -0.78 6.12 -20.80
CA LYS C 257 -0.43 7.30 -21.58
C LYS C 257 1.03 7.33 -22.01
N VAL C 258 1.90 6.56 -21.36
CA VAL C 258 3.34 6.64 -21.61
C VAL C 258 3.95 5.33 -22.06
N ALA C 259 3.15 4.28 -22.26
CA ALA C 259 3.67 2.96 -22.59
C ALA C 259 2.83 2.30 -23.67
N GLN C 260 3.50 1.54 -24.55
CA GLN C 260 2.81 0.70 -25.53
C GLN C 260 2.06 -0.43 -24.83
N LEU C 261 1.00 -0.93 -25.48
CA LEU C 261 0.14 -1.93 -24.85
C LEU C 261 0.87 -3.26 -24.64
N SER C 262 1.84 -3.61 -25.49
CA SER C 262 2.56 -4.87 -25.29
C SER C 262 3.44 -4.84 -24.04
N GLN C 263 3.87 -3.66 -23.59
CA GLN C 263 4.70 -3.59 -22.39
C GLN C 263 3.96 -4.14 -21.17
N PHE C 264 2.64 -4.05 -21.16
CA PHE C 264 1.92 -4.52 -19.99
C PHE C 264 2.09 -6.02 -19.81
N ASP C 265 2.19 -6.77 -20.91
CA ASP C 265 2.36 -8.22 -20.80
C ASP C 265 3.82 -8.63 -20.65
N GLU C 266 4.73 -8.00 -21.37
CA GLU C 266 6.12 -8.47 -21.36
C GLU C 266 6.92 -7.86 -20.22
N GLU C 267 6.57 -6.66 -19.81
CA GLU C 267 7.49 -5.84 -19.03
C GLU C 267 6.99 -5.43 -17.65
N LEU C 268 5.71 -5.07 -17.50
CA LEU C 268 5.25 -4.33 -16.32
C LEU C 268 4.62 -5.28 -15.29
N TYR C 269 5.14 -5.24 -14.06
CA TYR C 269 4.48 -5.91 -12.94
C TYR C 269 3.23 -5.15 -12.51
N THR C 270 2.24 -5.89 -12.03
CA THR C 270 1.05 -5.32 -11.41
C THR C 270 1.18 -5.31 -9.90
N VAL C 271 0.73 -4.21 -9.27
CA VAL C 271 0.79 -4.04 -7.82
CA VAL C 271 0.78 -4.08 -7.82
C VAL C 271 -0.61 -3.76 -7.31
N THR C 272 -1.07 -4.56 -6.34
CA THR C 272 -2.43 -4.44 -5.80
C THR C 272 -2.43 -4.33 -4.27
N GLY C 273 -3.53 -3.80 -3.73
CA GLY C 273 -3.79 -3.83 -2.30
C GLY C 273 -4.18 -2.50 -1.69
N GLU C 274 -3.85 -1.38 -2.35
CA GLU C 274 -4.23 -0.07 -1.85
C GLU C 274 -4.72 0.80 -3.01
N GLY C 275 -5.95 1.31 -2.89
CA GLY C 275 -6.50 2.14 -3.97
C GLY C 275 -6.60 1.35 -5.26
N GLU C 276 -6.45 2.04 -6.39
CA GLU C 276 -6.51 1.41 -7.70
C GLU C 276 -5.30 0.51 -7.91
N ASP C 277 -5.51 -0.56 -8.69
CA ASP C 277 -4.38 -1.37 -9.14
C ASP C 277 -3.37 -0.50 -9.86
N LYS C 278 -2.10 -0.78 -9.66
CA LYS C 278 -1.04 0.03 -10.24
C LYS C 278 -0.03 -0.87 -10.93
N TYR C 279 0.90 -0.24 -11.64
CA TYR C 279 2.04 -0.92 -12.24
C TYR C 279 3.33 -0.40 -11.62
N LEU C 280 4.29 -1.29 -11.41
CA LEU C 280 5.66 -0.85 -11.11
C LEU C 280 6.29 -0.27 -12.36
N ILE C 281 7.03 0.84 -12.20
CA ILE C 281 7.64 1.47 -13.37
C ILE C 281 8.80 0.64 -13.88
N ALA C 282 8.98 0.65 -15.20
CA ALA C 282 10.14 0.04 -15.85
C ALA C 282 11.31 1.00 -15.98
N THR C 283 11.09 2.30 -15.79
CA THR C 283 12.07 3.36 -15.99
C THR C 283 11.45 4.65 -15.49
N SER C 284 12.30 5.53 -14.93
CA SER C 284 11.79 6.81 -14.43
C SER C 284 11.26 7.69 -15.55
N GLU C 285 11.58 7.36 -16.80
CA GLU C 285 11.02 8.08 -17.94
CA GLU C 285 11.02 8.10 -17.92
C GLU C 285 9.50 8.01 -17.94
N GLN C 286 8.92 6.90 -17.46
CA GLN C 286 7.47 6.77 -17.46
C GLN C 286 6.79 7.76 -16.51
N PRO C 287 7.13 7.82 -15.21
CA PRO C 287 6.49 8.84 -14.36
C PRO C 287 6.92 10.27 -14.67
N ILE C 288 8.14 10.48 -15.16
CA ILE C 288 8.56 11.84 -15.48
C ILE C 288 7.80 12.37 -16.69
N ALA C 289 7.54 11.50 -17.68
CA ALA C 289 6.67 11.89 -18.78
C ALA C 289 5.29 12.26 -18.26
N ALA C 290 4.70 11.39 -17.42
CA ALA C 290 3.36 11.63 -16.89
C ALA C 290 3.31 12.90 -16.06
N PHE C 291 4.44 13.28 -15.45
CA PHE C 291 4.55 14.52 -14.69
C PHE C 291 4.12 15.73 -15.51
N HIS C 292 4.26 15.65 -16.83
CA HIS C 292 3.96 16.76 -17.73
C HIS C 292 2.56 16.71 -18.33
N LEU C 293 1.73 15.77 -17.89
CA LEU C 293 0.37 15.64 -18.40
C LEU C 293 -0.34 16.99 -18.46
N GLU C 294 -0.84 17.33 -19.65
CA GLU C 294 -1.71 18.49 -19.87
C GLU C 294 -1.08 19.80 -19.43
N LYS C 295 0.24 19.90 -19.51
CA LYS C 295 0.93 21.16 -19.26
C LYS C 295 1.28 21.81 -20.60
N ARG C 296 1.52 23.12 -20.55
CA ARG C 296 1.88 23.91 -21.73
C ARG C 296 3.11 24.75 -21.42
N PHE C 297 4.04 24.83 -22.38
CA PHE C 297 5.28 25.56 -22.17
C PHE C 297 5.58 26.51 -23.31
N ASP C 298 6.05 27.72 -22.95
CA ASP C 298 6.54 28.70 -23.92
C ASP C 298 7.98 28.42 -24.30
N GLU C 299 8.40 29.04 -25.41
CA GLU C 299 9.79 28.95 -25.83
C GLU C 299 10.74 29.34 -24.71
N SER C 300 10.39 30.39 -23.95
CA SER C 300 11.23 30.87 -22.87
C SER C 300 11.35 29.86 -21.72
N GLU C 301 10.43 28.91 -21.63
CA GLU C 301 10.43 27.91 -20.56
C GLU C 301 11.07 26.60 -20.99
N LEU C 302 11.68 26.56 -22.16
CA LEU C 302 12.27 25.34 -22.72
C LEU C 302 13.72 25.60 -23.06
N PRO C 303 14.57 24.57 -22.98
CA PRO C 303 14.23 23.18 -22.67
C PRO C 303 14.10 22.89 -21.17
N ILE C 304 13.45 21.77 -20.85
CA ILE C 304 13.31 21.28 -19.48
C ILE C 304 14.15 20.03 -19.38
N LYS C 305 15.14 20.04 -18.48
CA LYS C 305 16.10 18.95 -18.36
C LYS C 305 16.01 18.34 -16.98
N TYR C 306 15.79 17.04 -16.92
CA TYR C 306 15.65 16.30 -15.67
C TYR C 306 16.69 15.18 -15.58
N CYS C 307 17.21 15.00 -14.38
CA CYS C 307 18.07 13.88 -14.02
C CYS C 307 17.21 12.93 -13.18
N GLY C 308 16.58 11.96 -13.84
CA GLY C 308 15.64 11.08 -13.15
C GLY C 308 16.36 9.98 -12.38
N MET C 309 15.80 9.65 -11.22
CA MET C 309 16.38 8.64 -10.34
C MET C 309 15.27 7.71 -9.85
N SER C 310 15.47 6.40 -10.00
CA SER C 310 14.50 5.46 -9.45
C SER C 310 15.09 4.05 -9.48
N THR C 311 14.48 3.17 -8.71
CA THR C 311 14.58 1.74 -9.00
C THR C 311 13.63 1.41 -10.15
N CYS C 312 13.99 0.41 -10.95
CA CYS C 312 13.24 0.00 -12.12
C CYS C 312 12.93 -1.48 -12.02
N PHE C 313 11.74 -1.87 -12.48
CA PHE C 313 11.23 -3.23 -12.36
C PHE C 313 10.77 -3.74 -13.71
N ARG C 314 11.27 -4.92 -14.12
CA ARG C 314 10.98 -5.45 -15.45
C ARG C 314 10.78 -6.95 -15.37
N LYS C 315 9.66 -7.42 -15.92
CA LYS C 315 9.34 -8.84 -15.87
C LYS C 315 10.25 -9.66 -16.76
N GLU C 316 10.78 -9.08 -17.84
CA GLU C 316 11.69 -9.77 -18.75
C GLU C 316 11.09 -11.09 -19.24
N VAL C 317 9.78 -11.09 -19.46
CA VAL C 317 9.10 -12.32 -19.89
C VAL C 317 9.64 -12.77 -21.24
N GLY C 318 9.88 -11.83 -22.15
CA GLY C 318 10.42 -12.23 -23.43
C GLY C 318 11.84 -12.76 -23.38
N ALA C 319 12.53 -12.65 -22.25
CA ALA C 319 13.97 -12.93 -22.21
C ALA C 319 14.32 -14.12 -21.31
N HIS C 320 13.39 -15.04 -21.07
CA HIS C 320 13.75 -16.23 -20.30
CA HIS C 320 13.74 -16.24 -20.31
C HIS C 320 14.92 -16.96 -20.97
N GLY C 321 15.86 -17.42 -20.16
CA GLY C 321 17.02 -18.08 -20.70
C GLY C 321 18.07 -17.18 -21.30
N LYS C 322 17.85 -15.87 -21.33
CA LYS C 322 18.84 -14.92 -21.85
C LYS C 322 19.50 -14.19 -20.68
N ASP C 323 20.83 -14.08 -20.73
CA ASP C 323 21.61 -13.33 -19.74
C ASP C 323 21.26 -13.77 -18.32
N THR C 324 21.34 -15.07 -18.08
CA THR C 324 20.87 -15.65 -16.83
C THR C 324 21.90 -15.63 -15.70
N LEU C 325 23.13 -15.18 -15.97
CA LEU C 325 24.20 -15.23 -14.98
C LEU C 325 24.45 -13.83 -14.42
N GLY C 326 24.28 -13.67 -13.11
CA GLY C 326 24.67 -12.42 -12.47
C GLY C 326 23.58 -11.35 -12.51
N ILE C 327 24.01 -10.09 -12.49
CA ILE C 327 23.10 -8.97 -12.36
C ILE C 327 23.11 -8.08 -13.61
N PHE C 328 23.55 -8.66 -14.74
CA PHE C 328 23.52 -7.97 -16.03
C PHE C 328 22.09 -7.74 -16.49
N ARG C 329 21.23 -8.76 -16.38
CA ARG C 329 19.82 -8.65 -16.71
C ARG C 329 19.02 -9.15 -15.52
N VAL C 330 18.34 -8.24 -14.83
CA VAL C 330 17.61 -8.56 -13.63
C VAL C 330 16.20 -7.95 -13.72
N HIS C 331 15.37 -8.26 -12.73
CA HIS C 331 14.03 -7.66 -12.61
C HIS C 331 14.02 -6.35 -11.83
N GLN C 332 15.11 -6.02 -11.16
CA GLN C 332 15.15 -4.88 -10.25
C GLN C 332 16.52 -4.24 -10.32
N PHE C 333 16.59 -2.96 -10.66
CA PHE C 333 17.86 -2.24 -10.74
C PHE C 333 17.61 -0.74 -10.63
N GLU C 334 18.63 -0.01 -10.18
CA GLU C 334 18.54 1.46 -10.14
C GLU C 334 19.09 2.04 -11.43
N LYS C 335 18.51 3.16 -11.87
CA LYS C 335 18.89 3.79 -13.13
C LYS C 335 18.81 5.30 -12.98
N ILE C 336 19.86 5.99 -13.43
CA ILE C 336 19.87 7.44 -13.53
C ILE C 336 19.61 7.77 -15.00
N GLU C 337 18.58 8.58 -15.24
CA GLU C 337 18.02 8.78 -16.58
C GLU C 337 18.06 10.26 -16.97
N GLN C 338 18.47 10.55 -18.20
CA GLN C 338 18.28 11.89 -18.76
C GLN C 338 16.90 11.99 -19.40
N PHE C 339 16.16 13.05 -19.08
CA PHE C 339 14.82 13.25 -19.63
C PHE C 339 14.69 14.73 -19.97
N VAL C 340 14.36 15.04 -21.22
CA VAL C 340 14.35 16.42 -21.71
C VAL C 340 13.09 16.70 -22.51
N VAL C 341 12.46 17.84 -22.24
CA VAL C 341 11.38 18.41 -23.05
C VAL C 341 11.96 19.60 -23.80
N THR C 342 11.75 19.65 -25.12
CA THR C 342 12.25 20.76 -25.94
C THR C 342 11.14 21.41 -26.76
N SER C 343 11.47 22.58 -27.28
CA SER C 343 10.66 23.22 -28.30
C SER C 343 10.57 22.32 -29.53
N PRO C 344 9.47 22.40 -30.28
CA PRO C 344 9.39 21.69 -31.57
C PRO C 344 10.02 22.44 -32.74
N LYS C 345 10.62 23.60 -32.52
CA LYS C 345 11.13 24.44 -33.59
C LYS C 345 12.60 24.15 -33.90
N ASP C 346 12.99 24.44 -35.13
CA ASP C 346 14.39 24.65 -35.53
C ASP C 346 15.33 23.51 -35.11
N ASN C 347 14.88 22.28 -35.29
CA ASN C 347 15.70 21.09 -35.04
C ASN C 347 16.30 21.09 -33.62
N LYS C 348 15.66 21.78 -32.68
CA LYS C 348 16.19 21.84 -31.32
C LYS C 348 16.22 20.45 -30.69
N SER C 349 15.22 19.62 -30.96
CA SER C 349 15.21 18.31 -30.34
C SER C 349 16.32 17.43 -30.91
N TRP C 350 16.66 17.59 -32.20
CA TRP C 350 17.76 16.81 -32.76
C TRP C 350 19.11 17.24 -32.20
N GLU C 351 19.29 18.54 -31.98
CA GLU C 351 20.48 19.02 -31.27
C GLU C 351 20.54 18.49 -29.84
N MET C 352 19.38 18.42 -29.17
CA MET C 352 19.36 17.89 -27.81
C MET C 352 19.69 16.40 -27.80
N PHE C 353 19.26 15.67 -28.84
CA PHE C 353 19.63 14.28 -28.99
C PHE C 353 21.14 14.13 -29.01
N ASP C 354 21.84 14.95 -29.81
CA ASP C 354 23.30 14.90 -29.83
C ASP C 354 23.89 15.25 -28.46
N GLU C 355 23.31 16.24 -27.77
CA GLU C 355 23.82 16.59 -26.45
C GLU C 355 23.69 15.43 -25.47
N MET C 356 22.56 14.72 -25.52
CA MET C 356 22.29 13.69 -24.52
C MET C 356 23.19 12.48 -24.71
N ILE C 357 23.37 12.01 -25.95
CA ILE C 357 24.30 10.91 -26.16
C ILE C 357 25.73 11.37 -25.83
N GLY C 358 26.04 12.65 -26.08
CA GLY C 358 27.34 13.18 -25.67
C GLY C 358 27.52 13.17 -24.16
N ASN C 359 26.46 13.47 -23.41
CA ASN C 359 26.55 13.39 -21.95
C ASN C 359 26.90 11.97 -21.50
N SER C 360 26.22 10.97 -22.05
CA SER C 360 26.49 9.60 -21.65
C SER C 360 27.91 9.18 -22.04
N GLU C 361 28.35 9.58 -23.25
CA GLU C 361 29.72 9.32 -23.68
C GLU C 361 30.74 9.91 -22.73
N ALA C 362 30.58 11.18 -22.37
CA ALA C 362 31.51 11.79 -21.42
C ALA C 362 31.46 11.05 -20.07
N PHE C 363 30.28 10.56 -19.68
CA PHE C 363 30.17 9.83 -18.42
C PHE C 363 31.05 8.58 -18.44
N TYR C 364 30.91 7.74 -19.47
CA TYR C 364 31.69 6.51 -19.53
C TYR C 364 33.16 6.76 -19.83
N GLN C 365 33.48 7.81 -20.59
CA GLN C 365 34.89 8.19 -20.69
C GLN C 365 35.48 8.49 -19.31
N SER C 366 34.73 9.22 -18.47
CA SER C 366 35.22 9.56 -17.14
C SER C 366 35.42 8.31 -16.28
N LEU C 367 34.65 7.25 -16.53
CA LEU C 367 34.82 5.98 -15.83
C LEU C 367 35.89 5.10 -16.47
N GLY C 368 36.50 5.55 -17.57
CA GLY C 368 37.46 4.69 -18.26
C GLY C 368 36.83 3.44 -18.83
N ILE C 369 35.60 3.51 -19.30
CA ILE C 369 34.89 2.37 -19.88
C ILE C 369 34.90 2.52 -21.40
N PRO C 370 35.53 1.62 -22.15
CA PRO C 370 35.48 1.69 -23.61
C PRO C 370 34.12 1.29 -24.14
N TYR C 371 33.73 1.88 -25.27
CA TYR C 371 32.39 1.65 -25.78
C TYR C 371 32.37 1.92 -27.27
N ARG C 372 31.22 1.64 -27.89
CA ARG C 372 30.94 2.09 -29.24
C ARG C 372 29.52 2.62 -29.28
N VAL C 373 29.28 3.58 -30.18
CA VAL C 373 27.96 4.16 -30.40
C VAL C 373 27.32 3.47 -31.59
N VAL C 374 26.05 3.10 -31.46
CA VAL C 374 25.40 2.24 -32.42
C VAL C 374 24.09 2.87 -32.88
N ASN C 375 23.87 2.89 -34.19
CA ASN C 375 22.66 3.44 -34.81
C ASN C 375 21.65 2.31 -35.03
N ILE C 376 20.55 2.30 -34.25
CA ILE C 376 19.64 1.16 -34.23
C ILE C 376 18.81 1.15 -35.52
N VAL C 377 18.73 -0.02 -36.17
CA VAL C 377 18.06 -0.13 -37.47
C VAL C 377 16.57 0.20 -37.37
N SER C 378 16.01 0.70 -38.48
CA SER C 378 14.64 1.21 -38.47
C SER C 378 13.63 0.15 -38.02
N GLY C 379 13.84 -1.11 -38.41
CA GLY C 379 12.90 -2.15 -38.04
C GLY C 379 12.84 -2.44 -36.55
N ALA C 380 13.85 -2.00 -35.78
CA ALA C 380 13.87 -2.29 -34.36
C ALA C 380 13.37 -1.15 -33.50
N LEU C 381 13.13 0.03 -34.07
CA LEU C 381 12.62 1.15 -33.28
C LEU C 381 11.21 0.88 -32.79
N ASN C 382 10.93 1.23 -31.54
CA ASN C 382 9.52 1.16 -31.14
C ASN C 382 8.75 2.30 -31.81
N ASN C 383 7.43 2.32 -31.58
CA ASN C 383 6.58 3.23 -32.33
C ASN C 383 6.85 4.69 -32.00
N ALA C 384 7.30 4.98 -30.78
CA ALA C 384 7.49 6.38 -30.39
C ALA C 384 8.79 6.96 -30.95
N ALA C 385 9.82 6.15 -31.15
CA ALA C 385 11.14 6.68 -31.44
C ALA C 385 11.29 6.98 -32.92
N ALA C 386 11.76 8.19 -33.23
CA ALA C 386 12.17 8.53 -34.59
C ALA C 386 13.62 8.15 -34.86
N LYS C 387 14.40 7.95 -33.81
CA LYS C 387 15.82 7.62 -33.92
C LYS C 387 16.28 7.17 -32.54
N LYS C 388 17.21 6.21 -32.53
CA LYS C 388 17.74 5.66 -31.29
C LYS C 388 19.22 5.36 -31.47
N PHE C 389 20.05 5.88 -30.56
CA PHE C 389 21.46 5.50 -30.45
C PHE C 389 21.63 4.69 -29.18
N ASP C 390 22.37 3.58 -29.26
CA ASP C 390 22.79 2.86 -28.07
C ASP C 390 24.29 3.05 -27.86
N LEU C 391 24.71 3.10 -26.59
CA LEU C 391 26.11 2.97 -26.25
CA LEU C 391 26.11 2.97 -26.23
C LEU C 391 26.33 1.53 -25.78
N GLU C 392 27.20 0.81 -26.49
CA GLU C 392 27.54 -0.57 -26.16
C GLU C 392 28.94 -0.59 -25.58
N ALA C 393 29.08 -1.12 -24.36
CA ALA C 393 30.37 -1.11 -23.68
C ALA C 393 31.11 -2.43 -23.87
N TRP C 394 32.43 -2.34 -23.70
CA TRP C 394 33.32 -3.50 -23.81
C TRP C 394 33.25 -4.35 -22.55
N PHE C 395 33.01 -5.66 -22.72
CA PHE C 395 32.98 -6.63 -21.62
C PHE C 395 34.06 -7.66 -21.89
N PRO C 396 35.29 -7.45 -21.40
CA PRO C 396 36.40 -8.34 -21.78
C PRO C 396 36.25 -9.76 -21.25
N GLY C 397 35.36 -10.00 -20.29
CA GLY C 397 35.10 -11.35 -19.84
C GLY C 397 33.99 -12.07 -20.57
N ALA C 398 33.34 -11.41 -21.55
CA ALA C 398 32.22 -12.03 -22.25
C ALA C 398 32.68 -13.20 -23.12
N ASP C 399 31.73 -14.06 -23.46
CA ASP C 399 32.00 -15.12 -24.44
C ASP C 399 32.34 -14.51 -25.79
N GLU C 400 33.13 -15.25 -26.56
CA GLU C 400 33.62 -14.80 -27.87
C GLU C 400 32.47 -14.25 -28.72
N GLY C 401 32.71 -13.08 -29.33
CA GLY C 401 31.70 -12.43 -30.13
C GLY C 401 30.67 -11.62 -29.37
N ASN C 402 30.58 -11.75 -28.04
CA ASN C 402 29.56 -11.06 -27.26
C ASN C 402 30.14 -9.93 -26.39
N GLU C 403 31.27 -9.35 -26.82
CA GLU C 403 32.01 -8.47 -25.93
C GLU C 403 31.39 -7.08 -25.81
N TYR C 404 30.70 -6.59 -26.83
CA TYR C 404 30.05 -5.29 -26.79
C TYR C 404 28.57 -5.47 -26.44
N ARG C 405 28.14 -4.90 -25.31
CA ARG C 405 26.75 -5.00 -24.87
C ARG C 405 26.20 -3.64 -24.48
N GLU C 406 24.93 -3.43 -24.81
CA GLU C 406 24.20 -2.20 -24.52
C GLU C 406 24.24 -1.85 -23.03
N LEU C 407 24.69 -0.62 -22.74
CA LEU C 407 24.56 0.00 -21.42
C LEU C 407 23.63 1.20 -21.41
N VAL C 408 23.43 1.84 -22.56
CA VAL C 408 22.70 3.09 -22.68
C VAL C 408 21.85 3.02 -23.94
N SER C 409 20.60 3.50 -23.87
CA SER C 409 19.82 3.81 -25.06
C SER C 409 19.36 5.26 -25.01
N CYS C 410 19.38 5.93 -26.17
CA CYS C 410 19.09 7.36 -26.27
C CYS C 410 18.14 7.56 -27.44
N SER C 411 16.98 8.17 -27.19
CA SER C 411 15.91 8.27 -28.18
C SER C 411 15.32 9.66 -28.28
N ASN C 412 15.08 10.10 -29.52
CA ASN C 412 14.22 11.26 -29.78
C ASN C 412 12.85 10.75 -30.22
N CYS C 413 11.83 11.05 -29.43
CA CYS C 413 10.47 10.63 -29.75
C CYS C 413 9.65 11.76 -30.38
N THR C 414 10.29 12.87 -30.74
CA THR C 414 9.65 14.12 -31.16
C THR C 414 8.35 14.34 -30.40
N ASP C 415 7.21 14.49 -31.09
CA ASP C 415 5.97 14.80 -30.36
C ASP C 415 5.02 13.61 -30.25
N TYR C 416 5.52 12.39 -30.48
CA TYR C 416 4.65 11.21 -30.44
C TYR C 416 3.99 11.05 -29.08
N GLN C 417 4.79 11.13 -28.01
CA GLN C 417 4.22 10.98 -26.68
C GLN C 417 3.60 12.26 -26.15
N THR C 418 4.17 13.42 -26.48
CA THR C 418 3.58 14.68 -25.99
C THR C 418 2.18 14.90 -26.56
N ARG C 419 1.92 14.39 -27.77
CA ARG C 419 0.54 14.40 -28.28
C ARG C 419 -0.38 13.63 -27.36
N ARG C 420 0.04 12.43 -26.96
CA ARG C 420 -0.80 11.58 -26.11
C ARG C 420 -0.93 12.13 -24.70
N LEU C 421 0.05 12.89 -24.24
CA LEU C 421 0.03 13.51 -22.92
C LEU C 421 -0.43 14.95 -22.95
N GLU C 422 -0.68 15.51 -24.14
CA GLU C 422 -1.10 16.90 -24.29
C GLU C 422 -0.11 17.87 -23.66
N VAL C 423 1.18 17.69 -23.99
CA VAL C 423 2.22 18.63 -23.58
C VAL C 423 2.35 19.65 -24.71
N LYS C 424 1.63 20.76 -24.58
CA LYS C 424 1.46 21.71 -25.66
C LYS C 424 2.59 22.75 -25.67
N TYR C 425 2.88 23.24 -26.86
CA TYR C 425 3.90 24.27 -27.06
C TYR C 425 3.23 25.62 -27.25
N GLY C 426 3.66 26.61 -26.47
CA GLY C 426 3.09 27.95 -26.52
C GLY C 426 1.98 28.27 -25.54
N GLN C 431 -4.33 29.32 -31.46
CA GLN C 431 -4.28 28.33 -32.54
C GLN C 431 -5.46 27.36 -32.45
N GLY C 432 -6.28 27.52 -31.40
CA GLY C 432 -7.45 26.67 -31.24
C GLY C 432 -7.04 25.21 -31.12
N SER C 433 -7.72 24.35 -31.89
CA SER C 433 -7.36 22.93 -31.95
C SER C 433 -6.12 22.68 -32.80
N GLU C 434 -5.66 23.67 -33.57
CA GLU C 434 -4.42 23.55 -34.34
C GLU C 434 -3.18 23.88 -33.51
N VAL C 435 -3.19 23.54 -32.23
CA VAL C 435 -2.02 23.78 -31.38
C VAL C 435 -0.90 22.81 -31.74
N GLU C 436 0.31 23.20 -31.39
CA GLU C 436 1.50 22.37 -31.52
C GLU C 436 1.93 21.81 -30.16
N PHE C 437 2.74 20.75 -30.23
CA PHE C 437 3.19 20.03 -29.05
C PHE C 437 4.71 20.12 -28.95
N CYS C 438 5.20 20.02 -27.72
CA CYS C 438 6.62 19.95 -27.45
C CYS C 438 7.19 18.63 -27.95
N HIS C 439 8.52 18.52 -27.91
CA HIS C 439 9.23 17.27 -28.16
C HIS C 439 9.78 16.73 -26.84
N MET C 440 9.90 15.40 -26.77
CA MET C 440 10.45 14.70 -25.61
C MET C 440 11.50 13.69 -26.07
N LEU C 441 12.57 13.62 -25.28
CA LEU C 441 13.68 12.71 -25.49
C LEU C 441 14.03 12.06 -24.15
N ASN C 442 14.64 10.88 -24.21
CA ASN C 442 15.17 10.27 -23.00
C ASN C 442 16.45 9.53 -23.34
N SER C 443 17.34 9.43 -22.35
CA SER C 443 18.59 8.69 -22.50
C SER C 443 19.09 8.19 -21.15
N THR C 444 19.43 6.90 -21.08
CA THR C 444 20.16 6.37 -19.93
C THR C 444 21.39 7.21 -19.66
N LEU C 445 21.65 7.52 -18.39
CA LEU C 445 23.02 7.84 -17.99
C LEU C 445 23.71 6.58 -17.48
N THR C 446 23.18 5.96 -16.42
CA THR C 446 23.72 4.68 -15.98
C THR C 446 22.64 3.85 -15.30
N ALA C 447 22.51 2.60 -15.73
CA ALA C 447 21.78 1.56 -15.00
C ALA C 447 22.82 0.80 -14.19
N THR C 448 22.72 0.88 -12.85
CA THR C 448 23.94 0.64 -12.08
C THR C 448 24.32 -0.83 -11.97
N SER C 449 23.36 -1.76 -11.92
CA SER C 449 23.77 -3.16 -11.80
C SER C 449 24.53 -3.61 -13.04
N ARG C 450 24.07 -3.24 -14.24
CA ARG C 450 24.82 -3.59 -15.45
C ARG C 450 26.11 -2.79 -15.57
N THR C 451 26.12 -1.52 -15.15
CA THR C 451 27.37 -0.75 -15.16
C THR C 451 28.40 -1.36 -14.21
N LEU C 452 27.93 -1.88 -13.07
CA LEU C 452 28.87 -2.53 -12.15
C LEU C 452 29.49 -3.77 -12.77
N CYS C 453 28.69 -4.57 -13.49
CA CYS C 453 29.24 -5.71 -14.22
C CYS C 453 30.37 -5.25 -15.15
N CYS C 454 30.13 -4.16 -15.88
CA CYS C 454 31.12 -3.68 -16.84
C CYS C 454 32.36 -3.17 -16.13
N ILE C 455 32.18 -2.48 -14.99
CA ILE C 455 33.30 -1.96 -14.23
C ILE C 455 34.19 -3.11 -13.72
N VAL C 456 33.59 -4.13 -13.11
CA VAL C 456 34.45 -5.13 -12.49
C VAL C 456 35.20 -5.92 -13.55
N GLU C 457 34.61 -6.13 -14.74
CA GLU C 457 35.37 -6.83 -15.78
C GLU C 457 36.52 -5.98 -16.29
N ASN C 458 36.31 -4.68 -16.45
CA ASN C 458 37.36 -3.83 -17.01
C ASN C 458 38.41 -3.43 -15.99
N TYR C 459 38.10 -3.47 -14.69
CA TYR C 459 39.04 -3.05 -13.67
C TYR C 459 39.58 -4.22 -12.84
N GLN C 460 39.32 -5.45 -13.26
CA GLN C 460 39.81 -6.62 -12.52
C GLN C 460 41.32 -6.78 -12.63
N THR C 461 41.91 -7.40 -11.60
CA THR C 461 43.29 -7.90 -11.58
C THR C 461 43.22 -9.34 -11.09
N PRO C 462 44.35 -10.07 -11.05
CA PRO C 462 44.31 -11.41 -10.43
C PRO C 462 44.00 -11.38 -8.93
N GLU C 463 44.11 -10.21 -8.28
CA GLU C 463 43.89 -10.10 -6.83
C GLU C 463 42.58 -9.46 -6.44
N GLY C 464 41.87 -8.83 -7.37
CA GLY C 464 40.65 -8.11 -7.02
C GLY C 464 40.21 -7.15 -8.10
N VAL C 465 39.64 -6.00 -7.71
CA VAL C 465 39.08 -5.02 -8.64
C VAL C 465 39.55 -3.64 -8.21
N ASN C 466 40.21 -2.92 -9.13
CA ASN C 466 40.51 -1.52 -8.90
C ASN C 466 39.25 -0.69 -8.95
N VAL C 467 39.14 0.29 -8.07
CA VAL C 467 38.01 1.22 -8.12
C VAL C 467 38.32 2.30 -9.14
N PRO C 468 37.45 2.55 -10.12
CA PRO C 468 37.67 3.65 -11.06
C PRO C 468 37.97 4.95 -10.31
N GLU C 469 38.96 5.67 -10.82
CA GLU C 469 39.48 6.84 -10.12
C GLU C 469 38.37 7.81 -9.73
N VAL C 470 37.46 8.11 -10.67
CA VAL C 470 36.44 9.11 -10.43
C VAL C 470 35.46 8.69 -9.33
N LEU C 471 35.34 7.39 -9.05
CA LEU C 471 34.42 6.95 -8.01
C LEU C 471 35.08 6.88 -6.64
N GLN C 472 36.40 6.95 -6.54
CA GLN C 472 37.05 6.78 -5.24
C GLN C 472 36.57 7.77 -4.19
N PRO C 473 36.46 9.09 -4.46
CA PRO C 473 35.93 9.98 -3.41
C PRO C 473 34.51 9.65 -3.01
N TYR C 474 33.72 9.09 -3.92
CA TYR C 474 32.36 8.72 -3.59
C TYR C 474 32.27 7.43 -2.77
N MET C 475 33.40 6.78 -2.52
CA MET C 475 33.44 5.55 -1.72
C MET C 475 34.37 5.68 -0.52
N GLY C 476 34.47 6.88 0.04
CA GLY C 476 35.33 7.09 1.19
C GLY C 476 36.79 6.83 0.92
N GLY C 477 37.22 6.97 -0.34
CA GLY C 477 38.60 6.84 -0.71
C GLY C 477 39.08 5.44 -1.07
N THR C 478 38.21 4.44 -1.02
CA THR C 478 38.61 3.08 -1.35
C THR C 478 39.19 2.99 -2.77
N LYS C 479 40.40 2.43 -2.87
CA LYS C 479 41.08 2.31 -4.15
C LYS C 479 40.99 0.91 -4.76
N PHE C 480 40.74 -0.12 -3.95
CA PHE C 480 40.88 -1.49 -4.42
C PHE C 480 39.99 -2.39 -3.57
N ILE C 481 39.35 -3.36 -4.22
CA ILE C 481 38.53 -4.36 -3.54
C ILE C 481 39.21 -5.70 -3.75
N LYS C 482 39.67 -6.32 -2.66
CA LYS C 482 40.43 -7.55 -2.75
C LYS C 482 39.50 -8.75 -2.81
N PHE C 483 39.87 -9.73 -3.63
CA PHE C 483 39.17 -11.02 -3.63
C PHE C 483 39.23 -11.65 -2.24
N LYS C 484 38.10 -12.23 -1.83
CA LYS C 484 38.03 -12.98 -0.57
C LYS C 484 38.16 -14.47 -0.79
N ASN C 485 37.92 -14.96 -1.99
CA ASN C 485 38.04 -16.38 -2.26
C ASN C 485 38.42 -16.62 -3.70
#